data_2FH0
#
_entry.id   2FH0
#
_entity_poly.entity_id   1
_entity_poly.type   'polypeptide(L)'
_entity_poly.pdbx_seq_one_letter_code
;GENSAPVGAAIANFLEPQALERLSRVALVRRDRAQAVETYLKKLIATNNVTHKITEAEIVSILNGIAKQQNSQNNSKIIF
E
;
_entity_poly.pdbx_strand_id   A
#
# COMPACT_ATOMS: atom_id res chain seq x y z
N GLY A 1 -1.28 18.48 12.27
CA GLY A 1 -0.37 19.57 11.82
C GLY A 1 1.09 19.27 12.13
N GLU A 2 1.99 20.12 11.61
CA GLU A 2 3.43 19.97 11.82
C GLU A 2 3.94 18.64 11.27
N ASN A 3 5.21 18.33 11.55
CA ASN A 3 5.82 17.08 11.09
C ASN A 3 5.91 16.06 12.24
N SER A 4 4.82 15.94 13.00
CA SER A 4 4.76 15.01 14.13
C SER A 4 4.75 13.57 13.65
N ALA A 5 3.81 13.24 12.75
CA ALA A 5 3.67 11.89 12.21
C ALA A 5 3.48 10.86 13.33
N PRO A 6 2.29 10.84 13.97
CA PRO A 6 1.98 9.91 15.06
C PRO A 6 2.25 8.45 14.67
N VAL A 7 1.58 7.99 13.61
CA VAL A 7 1.76 6.62 13.11
C VAL A 7 1.28 6.49 11.67
N GLY A 8 0.07 6.98 11.40
CA GLY A 8 -0.50 6.91 10.06
C GLY A 8 -0.44 8.24 9.31
N ALA A 9 -0.16 9.34 10.02
CA ALA A 9 -0.10 10.65 9.38
C ALA A 9 1.08 10.75 8.41
N ALA A 10 2.20 10.11 8.76
CA ALA A 10 3.39 10.14 7.91
C ALA A 10 3.13 9.50 6.54
N ILE A 11 2.37 8.40 6.52
CA ILE A 11 2.04 7.71 5.28
C ILE A 11 0.79 8.31 4.61
N ALA A 12 -0.08 8.92 5.40
CA ALA A 12 -1.30 9.54 4.88
C ALA A 12 -0.98 10.70 3.93
N ASN A 13 0.14 11.38 4.18
CA ASN A 13 0.56 12.51 3.35
C ASN A 13 1.30 12.01 2.09
N PHE A 14 1.62 10.72 2.05
CA PHE A 14 2.32 10.13 0.92
C PHE A 14 1.34 9.47 -0.06
N LEU A 15 0.12 10.02 -0.15
CA LEU A 15 -0.90 9.49 -1.04
C LEU A 15 -1.58 10.62 -1.82
N GLU A 16 -2.51 10.25 -2.71
CA GLU A 16 -3.23 11.24 -3.51
C GLU A 16 -4.68 11.34 -3.06
N PRO A 17 -5.31 12.52 -3.24
CA PRO A 17 -6.72 12.74 -2.85
C PRO A 17 -7.68 11.81 -3.59
N GLN A 18 -7.48 11.69 -4.90
CA GLN A 18 -8.33 10.83 -5.73
C GLN A 18 -8.08 9.34 -5.40
N ALA A 19 -6.81 8.99 -5.24
CA ALA A 19 -6.43 7.62 -4.92
C ALA A 19 -6.95 7.20 -3.54
N LEU A 20 -6.91 8.13 -2.58
CA LEU A 20 -7.38 7.86 -1.23
C LEU A 20 -8.86 7.44 -1.23
N GLU A 21 -9.67 8.19 -1.97
CA GLU A 21 -11.10 7.89 -2.07
C GLU A 21 -11.33 6.49 -2.63
N ARG A 22 -10.51 6.11 -3.63
CA ARG A 22 -10.62 4.79 -4.25
C ARG A 22 -10.35 3.69 -3.23
N LEU A 23 -9.29 3.86 -2.43
CA LEU A 23 -8.92 2.87 -1.41
C LEU A 23 -10.08 2.66 -0.42
N SER A 24 -10.79 3.73 -0.10
CA SER A 24 -11.91 3.65 0.83
C SER A 24 -13.04 2.79 0.24
N ARG A 25 -13.29 2.93 -1.06
CA ARG A 25 -14.33 2.18 -1.73
C ARG A 25 -13.99 0.68 -1.77
N VAL A 26 -12.74 0.36 -2.12
CA VAL A 26 -12.30 -1.04 -2.19
C VAL A 26 -12.30 -1.68 -0.80
N ALA A 27 -11.86 -0.93 0.22
CA ALA A 27 -11.82 -1.43 1.59
C ALA A 27 -13.20 -1.85 2.08
N LEU A 28 -14.25 -1.18 1.59
CA LEU A 28 -15.61 -1.50 1.98
C LEU A 28 -16.00 -2.91 1.56
N VAL A 29 -15.53 -3.31 0.39
CA VAL A 29 -15.82 -4.65 -0.13
C VAL A 29 -14.76 -5.65 0.33
N ARG A 30 -13.49 -5.31 0.14
CA ARG A 30 -12.39 -6.18 0.54
C ARG A 30 -11.35 -5.40 1.34
N ARG A 31 -11.51 -5.39 2.67
CA ARG A 31 -10.58 -4.67 3.55
C ARG A 31 -9.16 -5.22 3.41
N ASP A 32 -9.05 -6.52 3.14
CA ASP A 32 -7.74 -7.16 2.97
C ASP A 32 -6.90 -6.46 1.91
N ARG A 33 -7.52 -6.16 0.77
CA ARG A 33 -6.85 -5.49 -0.33
C ARG A 33 -6.41 -4.08 0.07
N ALA A 34 -7.34 -3.32 0.65
CA ALA A 34 -7.05 -1.95 1.10
C ALA A 34 -5.98 -1.93 2.19
N GLN A 35 -5.99 -2.95 3.05
CA GLN A 35 -5.03 -3.05 4.14
C GLN A 35 -3.60 -3.17 3.59
N ALA A 36 -3.46 -3.95 2.53
CA ALA A 36 -2.16 -4.15 1.89
C ALA A 36 -1.66 -2.86 1.24
N VAL A 37 -2.58 -2.06 0.69
CA VAL A 37 -2.19 -0.80 0.05
C VAL A 37 -1.60 0.17 1.07
N GLU A 38 -2.29 0.34 2.21
CA GLU A 38 -1.83 1.24 3.26
C GLU A 38 -0.56 0.71 3.92
N THR A 39 -0.49 -0.60 4.08
CA THR A 39 0.67 -1.24 4.71
C THR A 39 1.87 -1.25 3.74
N TYR A 40 1.59 -1.35 2.44
CA TYR A 40 2.63 -1.36 1.43
C TYR A 40 3.37 -0.01 1.41
N LEU A 41 2.60 1.08 1.44
CA LEU A 41 3.18 2.43 1.43
C LEU A 41 4.10 2.65 2.63
N LYS A 42 3.63 2.26 3.82
CA LYS A 42 4.42 2.41 5.03
C LYS A 42 5.67 1.53 4.99
N LYS A 43 5.54 0.36 4.36
CA LYS A 43 6.67 -0.57 4.25
C LYS A 43 7.79 0.03 3.42
N LEU A 44 7.45 0.63 2.28
CA LEU A 44 8.44 1.26 1.40
C LEU A 44 9.12 2.44 2.09
N ILE A 45 8.31 3.32 2.71
CA ILE A 45 8.85 4.49 3.39
C ILE A 45 9.63 4.09 4.64
N ALA A 46 9.11 3.13 5.40
CA ALA A 46 9.78 2.65 6.61
C ALA A 46 11.10 1.95 6.29
N THR A 47 11.13 1.25 5.16
CA THR A 47 12.34 0.54 4.73
C THR A 47 13.35 1.51 4.13
N ASN A 48 13.00 2.13 3.00
CA ASN A 48 13.88 3.09 2.32
C ASN A 48 13.27 3.64 1.02
N ASN A 49 12.43 2.83 0.37
CA ASN A 49 11.80 3.22 -0.89
C ASN A 49 10.95 4.47 -0.71
N VAL A 50 11.53 5.61 -1.06
CA VAL A 50 10.85 6.90 -0.94
C VAL A 50 11.17 7.79 -2.15
N THR A 51 10.98 7.24 -3.35
CA THR A 51 11.24 7.98 -4.59
C THR A 51 9.94 8.36 -5.30
N HIS A 52 8.79 7.87 -4.81
CA HIS A 52 7.49 8.18 -5.41
C HIS A 52 6.35 7.90 -4.44
N LYS A 53 5.15 8.39 -4.78
CA LYS A 53 3.97 8.18 -3.95
C LYS A 53 2.98 7.23 -4.65
N ILE A 54 1.82 6.99 -4.03
CA ILE A 54 0.82 6.10 -4.62
C ILE A 54 -0.35 6.89 -5.22
N THR A 55 -0.39 6.92 -6.55
CA THR A 55 -1.45 7.63 -7.26
C THR A 55 -2.56 6.66 -7.67
N GLU A 56 -3.59 7.17 -8.35
CA GLU A 56 -4.70 6.33 -8.80
C GLU A 56 -4.22 5.19 -9.69
N ALA A 57 -3.20 5.48 -10.52
CA ALA A 57 -2.64 4.48 -11.41
C ALA A 57 -1.86 3.41 -10.64
N GLU A 58 -1.08 3.85 -9.65
CA GLU A 58 -0.27 2.93 -8.84
C GLU A 58 -1.14 2.11 -7.88
N ILE A 59 -2.13 2.75 -7.25
CA ILE A 59 -3.01 2.07 -6.31
C ILE A 59 -3.81 0.97 -6.99
N VAL A 60 -4.28 1.22 -8.21
CA VAL A 60 -5.05 0.22 -8.95
C VAL A 60 -4.17 -0.96 -9.33
N SER A 61 -2.94 -0.67 -9.76
CA SER A 61 -1.99 -1.71 -10.15
C SER A 61 -1.58 -2.56 -8.95
N ILE A 62 -1.27 -1.90 -7.82
CA ILE A 62 -0.86 -2.61 -6.61
C ILE A 62 -2.03 -3.42 -6.05
N LEU A 63 -3.23 -2.85 -6.09
CA LEU A 63 -4.42 -3.53 -5.59
C LEU A 63 -4.64 -4.86 -6.31
N ASN A 64 -4.46 -4.84 -7.64
CA ASN A 64 -4.63 -6.05 -8.46
C ASN A 64 -3.60 -7.11 -8.08
N GLY A 65 -2.39 -6.65 -7.72
CA GLY A 65 -1.34 -7.57 -7.33
C GLY A 65 -1.58 -8.14 -5.96
N ILE A 66 -2.13 -7.31 -5.07
CA ILE A 66 -2.44 -7.72 -3.71
C ILE A 66 -3.36 -8.95 -3.69
N ALA A 67 -4.47 -8.86 -4.42
CA ALA A 67 -5.42 -9.97 -4.49
C ALA A 67 -4.78 -11.21 -5.12
N LYS A 68 -3.91 -10.99 -6.12
CA LYS A 68 -3.24 -12.09 -6.80
C LYS A 68 -2.13 -12.69 -5.92
N GLN A 69 -1.53 -11.86 -5.07
CA GLN A 69 -0.46 -12.30 -4.17
C GLN A 69 -0.94 -13.45 -3.28
N GLN A 70 -2.17 -13.34 -2.79
CA GLN A 70 -2.75 -14.37 -1.91
C GLN A 70 -3.34 -15.51 -2.74
N ASN A 71 -2.47 -16.29 -3.37
CA ASN A 71 -2.88 -17.42 -4.20
C ASN A 71 -1.99 -18.64 -3.93
N SER A 72 -1.88 -19.02 -2.64
CA SER A 72 -1.07 -20.17 -2.24
C SER A 72 0.38 -20.02 -2.72
N GLN A 73 1.14 -19.13 -2.09
CA GLN A 73 2.53 -18.91 -2.46
C GLN A 73 3.31 -18.25 -1.33
N ASN A 74 4.57 -18.66 -1.16
CA ASN A 74 5.43 -18.10 -0.12
C ASN A 74 6.91 -18.21 -0.51
N ASN A 75 7.20 -18.06 -1.80
CA ASN A 75 8.57 -18.15 -2.30
C ASN A 75 9.01 -16.86 -2.97
N SER A 76 10.03 -16.22 -2.41
CA SER A 76 10.56 -14.96 -2.95
C SER A 76 12.08 -14.98 -2.98
N LYS A 77 12.70 -15.19 -1.82
CA LYS A 77 14.15 -15.23 -1.72
C LYS A 77 14.64 -16.60 -1.20
N ILE A 78 13.70 -17.50 -0.89
CA ILE A 78 14.06 -18.83 -0.40
C ILE A 78 13.97 -19.88 -1.52
N ILE A 79 14.36 -19.49 -2.73
CA ILE A 79 14.34 -20.40 -3.88
C ILE A 79 15.75 -20.68 -4.40
N PHE A 80 16.75 -20.50 -3.53
CA PHE A 80 18.14 -20.74 -3.90
C PHE A 80 18.75 -21.92 -3.12
N GLU A 81 17.89 -22.71 -2.47
CA GLU A 81 18.32 -23.87 -1.70
C GLU A 81 17.12 -24.67 -1.17
N GLY A 1 -7.72 16.57 17.39
CA GLY A 1 -7.94 16.62 15.92
C GLY A 1 -8.45 15.31 15.37
N GLU A 2 -9.36 15.38 14.40
CA GLU A 2 -9.93 14.19 13.77
C GLU A 2 -9.54 14.11 12.30
N ASN A 3 -8.26 14.39 12.02
CA ASN A 3 -7.75 14.36 10.64
C ASN A 3 -6.23 14.42 10.61
N SER A 4 -5.64 15.34 11.39
CA SER A 4 -4.19 15.49 11.45
C SER A 4 -3.60 14.61 12.56
N ALA A 5 -3.02 13.47 12.17
CA ALA A 5 -2.43 12.55 13.12
C ALA A 5 -1.10 11.99 12.59
N PRO A 6 -0.10 11.80 13.48
CA PRO A 6 1.21 11.27 13.08
C PRO A 6 1.11 9.86 12.49
N VAL A 7 2.20 9.39 11.87
CA VAL A 7 2.25 8.07 11.25
C VAL A 7 0.97 7.79 10.46
N GLY A 8 0.46 8.83 9.79
CA GLY A 8 -0.75 8.70 9.01
C GLY A 8 -1.03 9.93 8.16
N ALA A 9 -0.95 11.11 8.78
CA ALA A 9 -1.19 12.36 8.07
C ALA A 9 -0.16 12.60 6.97
N ALA A 10 1.12 12.38 7.30
CA ALA A 10 2.21 12.57 6.35
C ALA A 10 2.02 11.70 5.11
N ILE A 11 1.44 10.51 5.29
CA ILE A 11 1.20 9.59 4.19
C ILE A 11 -0.20 9.76 3.60
N ALA A 12 -1.14 10.27 4.41
CA ALA A 12 -2.52 10.48 3.96
C ALA A 12 -2.58 11.55 2.87
N ASN A 13 -1.76 12.58 3.00
CA ASN A 13 -1.71 13.66 2.02
C ASN A 13 -0.91 13.26 0.78
N PHE A 14 -0.14 12.18 0.90
CA PHE A 14 0.68 11.69 -0.21
C PHE A 14 -0.06 10.64 -1.05
N LEU A 15 -1.40 10.65 -0.99
CA LEU A 15 -2.21 9.71 -1.76
C LEU A 15 -3.48 10.39 -2.27
N GLU A 16 -3.80 10.18 -3.54
CA GLU A 16 -4.99 10.77 -4.15
C GLU A 16 -6.27 10.07 -3.66
N PRO A 17 -7.44 10.72 -3.80
CA PRO A 17 -8.72 10.15 -3.38
C PRO A 17 -8.98 8.77 -3.98
N GLN A 18 -8.71 8.63 -5.28
CA GLN A 18 -8.91 7.36 -5.97
C GLN A 18 -8.00 6.28 -5.38
N ALA A 19 -6.73 6.63 -5.14
CA ALA A 19 -5.77 5.70 -4.56
C ALA A 19 -6.19 5.28 -3.15
N LEU A 20 -6.74 6.24 -2.40
CA LEU A 20 -7.19 5.97 -1.02
C LEU A 20 -8.30 4.92 -1.01
N GLU A 21 -9.16 4.95 -2.03
CA GLU A 21 -10.26 3.99 -2.12
C GLU A 21 -9.75 2.57 -2.32
N ARG A 22 -8.82 2.40 -3.26
CA ARG A 22 -8.24 1.10 -3.55
C ARG A 22 -7.55 0.53 -2.32
N LEU A 23 -6.73 1.36 -1.66
CA LEU A 23 -6.01 0.94 -0.46
C LEU A 23 -6.97 0.55 0.66
N SER A 24 -8.06 1.30 0.80
CA SER A 24 -9.07 1.01 1.83
C SER A 24 -9.74 -0.34 1.56
N ARG A 25 -10.11 -0.57 0.31
CA ARG A 25 -10.77 -1.82 -0.09
C ARG A 25 -9.83 -3.01 0.07
N VAL A 26 -8.59 -2.86 -0.39
CA VAL A 26 -7.60 -3.94 -0.29
C VAL A 26 -7.21 -4.21 1.17
N ALA A 27 -7.05 -3.15 1.95
CA ALA A 27 -6.70 -3.28 3.37
C ALA A 27 -7.70 -4.17 4.11
N LEU A 28 -8.97 -4.10 3.71
CA LEU A 28 -10.04 -4.88 4.33
C LEU A 28 -9.87 -6.37 4.03
N VAL A 29 -9.37 -6.69 2.85
CA VAL A 29 -9.17 -8.08 2.44
C VAL A 29 -7.76 -8.56 2.80
N ARG A 30 -6.75 -7.87 2.28
CA ARG A 30 -5.36 -8.22 2.56
C ARG A 30 -4.60 -7.01 3.12
N ARG A 31 -4.68 -6.83 4.43
CA ARG A 31 -4.01 -5.71 5.09
C ARG A 31 -2.49 -5.74 4.83
N ASP A 32 -1.94 -6.94 4.68
CA ASP A 32 -0.51 -7.10 4.42
C ASP A 32 -0.08 -6.32 3.17
N ARG A 33 -0.85 -6.46 2.10
CA ARG A 33 -0.56 -5.78 0.84
C ARG A 33 -0.71 -4.27 1.00
N ALA A 34 -1.83 -3.83 1.57
CA ALA A 34 -2.10 -2.42 1.76
C ALA A 34 -1.13 -1.77 2.75
N GLN A 35 -0.80 -2.47 3.84
CA GLN A 35 0.11 -1.95 4.85
C GLN A 35 1.51 -1.72 4.27
N ALA A 36 1.95 -2.62 3.40
CA ALA A 36 3.26 -2.51 2.78
C ALA A 36 3.31 -1.30 1.84
N VAL A 37 2.18 -1.01 1.19
CA VAL A 37 2.11 0.14 0.28
C VAL A 37 2.36 1.44 1.03
N GLU A 38 1.67 1.60 2.16
CA GLU A 38 1.82 2.80 2.99
C GLU A 38 3.20 2.84 3.65
N THR A 39 3.67 1.69 4.11
CA THR A 39 4.99 1.60 4.75
C THR A 39 6.09 1.98 3.77
N TYR A 40 5.94 1.55 2.52
CA TYR A 40 6.91 1.86 1.47
C TYR A 40 6.93 3.36 1.17
N LEU A 41 5.75 3.95 1.01
CA LEU A 41 5.63 5.38 0.71
C LEU A 41 6.18 6.24 1.85
N LYS A 42 5.80 5.90 3.09
CA LYS A 42 6.27 6.64 4.26
C LYS A 42 7.80 6.60 4.36
N LYS A 43 8.39 5.47 3.96
CA LYS A 43 9.84 5.32 4.00
C LYS A 43 10.52 6.33 3.07
N LEU A 44 9.97 6.47 1.86
CA LEU A 44 10.51 7.41 0.89
C LEU A 44 10.41 8.85 1.39
N ILE A 45 9.24 9.22 1.91
CA ILE A 45 9.02 10.56 2.43
C ILE A 45 9.93 10.83 3.63
N ALA A 46 10.14 9.80 4.46
CA ALA A 46 10.98 9.93 5.65
C ALA A 46 12.46 10.06 5.28
N THR A 47 12.88 9.33 4.24
CA THR A 47 14.29 9.39 3.80
C THR A 47 14.58 10.72 3.11
N ASN A 48 13.84 10.98 2.02
CA ASN A 48 14.01 12.22 1.25
C ASN A 48 13.06 12.29 0.05
N ASN A 49 12.68 11.13 -0.50
CA ASN A 49 11.78 11.08 -1.65
C ASN A 49 10.42 11.67 -1.31
N VAL A 50 10.24 12.93 -1.69
CA VAL A 50 8.99 13.63 -1.44
C VAL A 50 8.55 14.42 -2.68
N THR A 51 8.74 13.81 -3.86
CA THR A 51 8.37 14.43 -5.12
C THR A 51 7.55 13.47 -5.99
N HIS A 52 6.69 12.68 -5.34
CA HIS A 52 5.84 11.70 -6.04
C HIS A 52 4.57 11.42 -5.24
N LYS A 53 3.55 10.87 -5.91
CA LYS A 53 2.28 10.53 -5.27
C LYS A 53 1.77 9.18 -5.74
N ILE A 54 1.13 8.44 -4.83
CA ILE A 54 0.59 7.12 -5.16
C ILE A 54 -0.81 7.24 -5.77
N THR A 55 -0.97 6.65 -6.96
CA THR A 55 -2.26 6.66 -7.66
C THR A 55 -2.86 5.25 -7.71
N GLU A 56 -4.07 5.14 -8.27
CA GLU A 56 -4.74 3.85 -8.38
C GLU A 56 -3.86 2.84 -9.12
N ALA A 57 -3.17 3.29 -10.16
CA ALA A 57 -2.28 2.44 -10.94
C ALA A 57 -1.08 2.00 -10.10
N GLU A 58 -0.54 2.94 -9.32
CA GLU A 58 0.60 2.67 -8.45
C GLU A 58 0.23 1.66 -7.37
N ILE A 59 -0.99 1.76 -6.85
CA ILE A 59 -1.46 0.84 -5.80
C ILE A 59 -1.47 -0.60 -6.31
N VAL A 60 -1.89 -0.78 -7.56
CA VAL A 60 -1.95 -2.12 -8.16
C VAL A 60 -0.54 -2.68 -8.35
N SER A 61 0.37 -1.85 -8.87
CA SER A 61 1.76 -2.28 -9.09
C SER A 61 2.42 -2.64 -7.76
N ILE A 62 2.24 -1.80 -6.75
CA ILE A 62 2.82 -2.06 -5.43
C ILE A 62 2.22 -3.33 -4.84
N LEU A 63 0.90 -3.50 -5.02
CA LEU A 63 0.21 -4.69 -4.52
C LEU A 63 0.76 -5.94 -5.20
N ASN A 64 0.98 -5.85 -6.51
CA ASN A 64 1.52 -6.98 -7.29
C ASN A 64 2.91 -7.36 -6.82
N GLY A 65 3.75 -6.35 -6.55
CA GLY A 65 5.10 -6.60 -6.09
C GLY A 65 5.12 -7.06 -4.66
N ILE A 66 4.31 -6.41 -3.83
CA ILE A 66 4.21 -6.75 -2.41
C ILE A 66 3.76 -8.20 -2.23
N ALA A 67 2.79 -8.62 -3.04
CA ALA A 67 2.28 -9.99 -2.98
C ALA A 67 3.34 -10.99 -3.43
N LYS A 68 4.19 -10.58 -4.37
CA LYS A 68 5.25 -11.44 -4.89
C LYS A 68 6.33 -11.69 -3.83
N GLN A 69 6.75 -10.62 -3.15
CA GLN A 69 7.77 -10.74 -2.10
C GLN A 69 7.28 -11.59 -0.93
N GLN A 70 5.97 -11.54 -0.66
CA GLN A 70 5.37 -12.31 0.43
C GLN A 70 5.06 -13.73 -0.01
N ASN A 71 5.56 -14.71 0.75
CA ASN A 71 5.32 -16.12 0.43
C ASN A 71 3.95 -16.58 0.92
N SER A 72 3.79 -16.64 2.24
CA SER A 72 2.53 -17.06 2.85
C SER A 72 2.19 -18.51 2.48
N GLN A 73 1.61 -18.70 1.29
CA GLN A 73 1.25 -20.03 0.81
C GLN A 73 1.96 -20.33 -0.51
N ASN A 74 3.09 -21.04 -0.43
CA ASN A 74 3.86 -21.39 -1.63
C ASN A 74 3.02 -22.22 -2.60
N ASN A 75 2.84 -23.50 -2.29
CA ASN A 75 2.06 -24.41 -3.13
C ASN A 75 1.63 -25.64 -2.36
N SER A 76 0.43 -26.13 -2.65
CA SER A 76 -0.10 -27.32 -1.98
C SER A 76 -1.38 -27.80 -2.66
N LYS A 77 -2.40 -26.93 -2.68
CA LYS A 77 -3.68 -27.25 -3.31
C LYS A 77 -4.11 -26.16 -4.29
N ILE A 78 -3.12 -25.43 -4.83
CA ILE A 78 -3.40 -24.36 -5.78
C ILE A 78 -2.60 -24.56 -7.08
N ILE A 79 -2.37 -25.82 -7.44
CA ILE A 79 -1.64 -26.14 -8.66
C ILE A 79 -2.57 -26.72 -9.73
N PHE A 80 -3.87 -26.39 -9.63
CA PHE A 80 -4.86 -26.86 -10.60
C PHE A 80 -5.21 -25.77 -11.62
N GLU A 81 -4.22 -24.92 -11.93
CA GLU A 81 -4.42 -23.84 -12.88
C GLU A 81 -3.08 -23.23 -13.30
N GLY A 1 3.27 30.06 11.82
CA GLY A 1 3.51 29.33 13.10
C GLY A 1 2.55 28.17 13.30
N GLU A 2 2.52 27.26 12.33
CA GLU A 2 1.65 26.09 12.40
C GLU A 2 2.32 24.97 13.20
N ASN A 3 1.99 24.90 14.49
CA ASN A 3 2.56 23.89 15.37
C ASN A 3 1.59 22.72 15.55
N SER A 4 1.62 21.79 14.60
CA SER A 4 0.74 20.62 14.65
C SER A 4 1.47 19.38 14.11
N ALA A 5 1.29 18.25 14.79
CA ALA A 5 1.93 17.00 14.38
C ALA A 5 0.87 15.95 13.99
N PRO A 6 0.48 15.93 12.70
CA PRO A 6 -0.53 14.99 12.19
C PRO A 6 -0.19 13.53 12.50
N VAL A 7 -1.23 12.73 12.73
CA VAL A 7 -1.05 11.31 13.05
C VAL A 7 -2.08 10.45 12.31
N GLY A 8 -1.75 10.07 11.09
CA GLY A 8 -2.66 9.26 10.30
C GLY A 8 -3.38 10.05 9.21
N ALA A 9 -3.77 11.28 9.55
CA ALA A 9 -4.47 12.15 8.59
C ALA A 9 -3.53 12.58 7.45
N ALA A 10 -2.26 12.79 7.79
CA ALA A 10 -1.27 13.21 6.80
C ALA A 10 -1.11 12.17 5.68
N ILE A 11 -1.14 10.89 6.06
CA ILE A 11 -1.01 9.81 5.09
C ILE A 11 -2.34 9.53 4.38
N ALA A 12 -3.45 9.86 5.04
CA ALA A 12 -4.78 9.66 4.47
C ALA A 12 -4.98 10.53 3.23
N ASN A 13 -4.39 11.73 3.24
CA ASN A 13 -4.51 12.65 2.12
C ASN A 13 -3.51 12.30 1.02
N PHE A 14 -2.38 11.69 1.41
CA PHE A 14 -1.35 11.29 0.46
C PHE A 14 -1.88 10.27 -0.54
N LEU A 15 -2.87 9.47 -0.13
CA LEU A 15 -3.48 8.46 -0.99
C LEU A 15 -4.36 9.12 -2.06
N GLU A 16 -4.96 8.31 -2.93
CA GLU A 16 -5.81 8.83 -4.00
C GLU A 16 -7.14 8.08 -4.04
N PRO A 17 -8.21 8.73 -4.56
CA PRO A 17 -9.54 8.12 -4.67
C PRO A 17 -9.51 6.78 -5.39
N GLN A 18 -8.78 6.72 -6.51
CA GLN A 18 -8.67 5.49 -7.29
C GLN A 18 -7.85 4.45 -6.54
N ALA A 19 -6.70 4.88 -6.01
CA ALA A 19 -5.82 3.98 -5.26
C ALA A 19 -6.53 3.41 -4.03
N LEU A 20 -7.39 4.22 -3.42
CA LEU A 20 -8.15 3.81 -2.23
C LEU A 20 -9.06 2.62 -2.56
N GLU A 21 -9.66 2.65 -3.75
CA GLU A 21 -10.56 1.57 -4.18
C GLU A 21 -9.81 0.24 -4.28
N ARG A 22 -8.63 0.27 -4.92
CA ARG A 22 -7.83 -0.94 -5.08
C ARG A 22 -7.44 -1.52 -3.72
N LEU A 23 -7.00 -0.65 -2.81
CA LEU A 23 -6.60 -1.08 -1.47
C LEU A 23 -7.80 -1.62 -0.69
N SER A 24 -8.96 -0.98 -0.87
CA SER A 24 -10.19 -1.41 -0.19
C SER A 24 -10.62 -2.79 -0.66
N ARG A 25 -10.59 -3.01 -1.99
CA ARG A 25 -10.98 -4.29 -2.57
C ARG A 25 -10.00 -5.40 -2.17
N VAL A 26 -8.71 -5.11 -2.25
CA VAL A 26 -7.69 -6.10 -1.90
C VAL A 26 -7.69 -6.38 -0.39
N ALA A 27 -7.86 -5.32 0.42
CA ALA A 27 -7.89 -5.47 1.88
C ALA A 27 -8.99 -6.43 2.33
N LEU A 28 -10.08 -6.50 1.55
CA LEU A 28 -11.19 -7.38 1.87
C LEU A 28 -10.78 -8.84 1.83
N VAL A 29 -9.86 -9.17 0.92
CA VAL A 29 -9.36 -10.53 0.77
C VAL A 29 -8.10 -10.75 1.60
N ARG A 30 -7.07 -9.95 1.34
CA ARG A 30 -5.81 -10.06 2.07
C ARG A 30 -5.42 -8.71 2.69
N ARG A 31 -5.88 -8.46 3.91
CA ARG A 31 -5.59 -7.22 4.61
C ARG A 31 -4.08 -7.02 4.78
N ASP A 32 -3.34 -8.12 4.93
CA ASP A 32 -1.89 -8.06 5.10
C ASP A 32 -1.23 -7.30 3.95
N ARG A 33 -1.68 -7.57 2.73
CA ARG A 33 -1.13 -6.90 1.55
C ARG A 33 -1.46 -5.41 1.57
N ALA A 34 -2.72 -5.09 1.83
CA ALA A 34 -3.17 -3.71 1.88
C ALA A 34 -2.54 -2.94 3.04
N GLN A 35 -2.41 -3.60 4.19
CA GLN A 35 -1.81 -2.98 5.37
C GLN A 35 -0.34 -2.63 5.13
N ALA A 36 0.33 -3.47 4.34
CA ALA A 36 1.74 -3.24 4.02
C ALA A 36 1.89 -2.08 3.05
N VAL A 37 0.89 -1.87 2.20
CA VAL A 37 0.93 -0.77 1.23
C VAL A 37 0.83 0.58 1.94
N GLU A 38 -0.14 0.71 2.84
CA GLU A 38 -0.33 1.95 3.59
C GLU A 38 0.82 2.17 4.58
N THR A 39 1.28 1.09 5.21
CA THR A 39 2.39 1.17 6.16
C THR A 39 3.70 1.48 5.43
N TYR A 40 3.83 1.00 4.20
CA TYR A 40 5.02 1.22 3.38
C TYR A 40 5.15 2.71 3.02
N LEU A 41 4.05 3.32 2.58
CA LEU A 41 4.05 4.73 2.19
C LEU A 41 4.44 5.63 3.37
N LYS A 42 3.85 5.37 4.54
CA LYS A 42 4.15 6.16 5.73
C LYS A 42 5.63 6.02 6.13
N LYS A 43 6.19 4.83 5.90
CA LYS A 43 7.60 4.58 6.22
C LYS A 43 8.49 5.47 5.35
N LEU A 44 8.18 5.54 4.06
CA LEU A 44 8.94 6.36 3.12
C LEU A 44 8.90 7.84 3.53
N ILE A 45 7.72 8.32 3.94
CA ILE A 45 7.56 9.71 4.35
C ILE A 45 8.36 10.00 5.62
N ALA A 46 8.32 9.08 6.58
CA ALA A 46 9.05 9.23 7.84
C ALA A 46 10.56 9.22 7.61
N THR A 47 11.00 8.51 6.58
CA THR A 47 12.42 8.43 6.26
C THR A 47 12.86 9.63 5.41
N ASN A 48 12.29 9.74 4.20
CA ASN A 48 12.62 10.84 3.30
C ASN A 48 11.87 10.73 1.96
N ASN A 49 11.59 9.49 1.52
CA ASN A 49 10.91 9.26 0.25
C ASN A 49 9.56 9.97 0.21
N VAL A 50 9.56 11.15 -0.42
CA VAL A 50 8.35 11.95 -0.56
C VAL A 50 8.37 12.75 -1.86
N THR A 51 8.11 12.08 -2.98
CA THR A 51 8.10 12.73 -4.28
C THR A 51 6.96 12.19 -5.16
N HIS A 52 5.92 11.62 -4.53
CA HIS A 52 4.78 11.07 -5.25
C HIS A 52 3.72 10.54 -4.28
N LYS A 53 2.67 9.93 -4.83
CA LYS A 53 1.58 9.37 -4.02
C LYS A 53 1.44 7.87 -4.29
N ILE A 54 0.45 7.24 -3.65
CA ILE A 54 0.21 5.81 -3.83
C ILE A 54 -0.09 5.48 -5.30
N THR A 55 -1.21 6.02 -5.79
CA THR A 55 -1.65 5.80 -7.18
C THR A 55 -1.91 4.31 -7.45
N GLU A 56 -2.80 4.03 -8.41
CA GLU A 56 -3.13 2.66 -8.77
C GLU A 56 -1.93 1.92 -9.37
N ALA A 57 -1.07 2.66 -10.08
CA ALA A 57 0.11 2.07 -10.71
C ALA A 57 1.17 1.65 -9.69
N GLU A 58 1.45 2.53 -8.71
CA GLU A 58 2.45 2.24 -7.69
C GLU A 58 1.94 1.23 -6.66
N ILE A 59 0.65 1.30 -6.32
CA ILE A 59 0.07 0.39 -5.34
C ILE A 59 0.14 -1.06 -5.84
N VAL A 60 -0.10 -1.26 -7.14
CA VAL A 60 -0.03 -2.60 -7.72
C VAL A 60 1.39 -3.17 -7.61
N SER A 61 2.39 -2.32 -7.87
CA SER A 61 3.78 -2.73 -7.79
C SER A 61 4.16 -3.08 -6.35
N ILE A 62 3.76 -2.21 -5.40
CA ILE A 62 4.04 -2.45 -3.99
C ILE A 62 3.37 -3.72 -3.51
N LEU A 63 2.11 -3.91 -3.92
CA LEU A 63 1.35 -5.11 -3.55
C LEU A 63 2.04 -6.36 -4.07
N ASN A 64 2.56 -6.29 -5.31
CA ASN A 64 3.26 -7.40 -5.93
C ASN A 64 4.53 -7.75 -5.16
N GLY A 65 5.22 -6.72 -4.65
CA GLY A 65 6.42 -6.93 -3.88
C GLY A 65 6.13 -7.48 -2.50
N ILE A 66 5.04 -6.99 -1.92
CA ILE A 66 4.61 -7.42 -0.59
C ILE A 66 4.42 -8.95 -0.54
N ALA A 67 3.85 -9.49 -1.61
CA ALA A 67 3.62 -10.94 -1.70
C ALA A 67 4.92 -11.71 -1.60
N LYS A 68 5.97 -11.19 -2.26
CA LYS A 68 7.28 -11.82 -2.25
C LYS A 68 7.93 -11.71 -0.86
N GLN A 69 7.63 -10.62 -0.15
CA GLN A 69 8.19 -10.39 1.19
C GLN A 69 7.67 -11.43 2.18
N GLN A 70 6.35 -11.69 2.14
CA GLN A 70 5.73 -12.66 3.03
C GLN A 70 5.98 -14.09 2.55
N ASN A 71 5.61 -15.07 3.37
CA ASN A 71 5.78 -16.48 3.02
C ASN A 71 4.51 -17.06 2.40
N SER A 72 3.70 -16.20 1.77
CA SER A 72 2.45 -16.64 1.14
C SER A 72 2.53 -16.52 -0.38
N GLN A 73 1.93 -17.49 -1.08
CA GLN A 73 1.92 -17.49 -2.55
C GLN A 73 0.82 -18.40 -3.09
N ASN A 74 -0.18 -17.80 -3.71
CA ASN A 74 -1.30 -18.55 -4.28
C ASN A 74 -0.97 -19.06 -5.68
N ASN A 75 -1.60 -20.19 -6.05
CA ASN A 75 -1.37 -20.79 -7.36
C ASN A 75 -2.44 -20.36 -8.37
N SER A 76 -2.10 -20.45 -9.66
CA SER A 76 -3.03 -20.08 -10.72
C SER A 76 -2.75 -20.88 -11.99
N LYS A 77 -1.59 -20.63 -12.60
CA LYS A 77 -1.21 -21.34 -13.82
C LYS A 77 -0.25 -22.49 -13.53
N ILE A 78 -0.33 -23.03 -12.30
CA ILE A 78 0.53 -24.13 -11.89
C ILE A 78 -0.29 -25.37 -11.55
N ILE A 79 -1.41 -25.16 -10.85
CA ILE A 79 -2.30 -26.26 -10.45
C ILE A 79 -2.73 -27.10 -11.64
N PHE A 80 -2.75 -26.51 -12.84
CA PHE A 80 -3.14 -27.21 -14.05
C PHE A 80 -2.32 -28.49 -14.25
N GLU A 81 -1.02 -28.41 -13.94
CA GLU A 81 -0.13 -29.56 -14.07
C GLU A 81 0.09 -30.25 -12.73
N GLY A 1 -2.69 2.93 19.17
CA GLY A 1 -1.76 3.07 20.33
C GLY A 1 -1.96 4.38 21.08
N GLU A 2 -1.39 5.46 20.54
CA GLU A 2 -1.49 6.78 21.15
C GLU A 2 -2.55 7.65 20.45
N ASN A 3 -2.65 7.49 19.14
CA ASN A 3 -3.61 8.26 18.34
C ASN A 3 -3.27 9.75 18.37
N SER A 4 -1.96 10.06 18.41
CA SER A 4 -1.50 11.44 18.44
C SER A 4 -0.16 11.58 17.71
N ALA A 5 -0.20 11.51 16.37
CA ALA A 5 1.00 11.63 15.56
C ALA A 5 0.65 11.86 14.09
N PRO A 6 1.33 12.82 13.43
CA PRO A 6 1.09 13.14 12.00
C PRO A 6 1.24 11.92 11.10
N VAL A 7 0.23 11.71 10.24
CA VAL A 7 0.24 10.59 9.30
C VAL A 7 -0.89 10.73 8.29
N GLY A 8 -0.52 10.84 7.01
CA GLY A 8 -1.51 10.99 5.96
C GLY A 8 -1.43 12.33 5.26
N ALA A 9 -1.31 13.41 6.05
CA ALA A 9 -1.21 14.76 5.49
C ALA A 9 0.07 14.95 4.69
N ALA A 10 1.17 14.37 5.18
CA ALA A 10 2.45 14.48 4.50
C ALA A 10 2.47 13.69 3.19
N ILE A 11 1.82 12.53 3.18
CA ILE A 11 1.75 11.69 1.99
C ILE A 11 0.54 12.01 1.11
N ALA A 12 -0.40 12.82 1.63
CA ALA A 12 -1.60 13.20 0.89
C ALA A 12 -1.24 13.86 -0.45
N ASN A 13 -0.09 14.53 -0.50
CA ASN A 13 0.35 15.20 -1.71
C ASN A 13 0.93 14.19 -2.71
N PHE A 14 1.43 13.07 -2.20
CA PHE A 14 2.00 12.03 -3.05
C PHE A 14 0.98 10.92 -3.34
N LEU A 15 -0.31 11.27 -3.35
CA LEU A 15 -1.36 10.30 -3.62
C LEU A 15 -2.27 10.79 -4.75
N GLU A 16 -2.45 9.95 -5.77
CA GLU A 16 -3.28 10.32 -6.92
C GLU A 16 -4.76 10.38 -6.54
N PRO A 17 -5.55 11.23 -7.22
CA PRO A 17 -6.99 11.39 -6.96
C PRO A 17 -7.74 10.08 -7.15
N GLN A 18 -7.43 9.38 -8.26
CA GLN A 18 -8.08 8.10 -8.56
C GLN A 18 -7.63 7.02 -7.57
N ALA A 19 -6.34 6.99 -7.27
CA ALA A 19 -5.78 6.01 -6.34
C ALA A 19 -6.37 6.19 -4.94
N LEU A 20 -6.64 7.44 -4.57
CA LEU A 20 -7.21 7.74 -3.26
C LEU A 20 -8.65 7.24 -3.17
N GLU A 21 -9.39 7.37 -4.27
CA GLU A 21 -10.78 6.93 -4.32
C GLU A 21 -10.90 5.42 -4.13
N ARG A 22 -10.08 4.66 -4.86
CA ARG A 22 -10.11 3.20 -4.78
C ARG A 22 -9.55 2.71 -3.43
N LEU A 23 -8.57 3.44 -2.89
CA LEU A 23 -7.97 3.08 -1.61
C LEU A 23 -9.02 3.12 -0.49
N SER A 24 -9.92 4.11 -0.55
CA SER A 24 -10.98 4.24 0.44
C SER A 24 -11.95 3.05 0.35
N ARG A 25 -12.21 2.60 -0.87
CA ARG A 25 -13.12 1.47 -1.10
C ARG A 25 -12.53 0.17 -0.55
N VAL A 26 -11.24 -0.07 -0.83
CA VAL A 26 -10.57 -1.28 -0.35
C VAL A 26 -10.42 -1.26 1.18
N ALA A 27 -10.09 -0.09 1.74
CA ALA A 27 -9.93 0.06 3.19
C ALA A 27 -11.21 -0.32 3.94
N LEU A 28 -12.35 -0.08 3.31
CA LEU A 28 -13.65 -0.39 3.92
C LEU A 28 -13.83 -1.90 4.09
N VAL A 29 -13.27 -2.67 3.15
CA VAL A 29 -13.37 -4.12 3.20
C VAL A 29 -12.17 -4.74 3.91
N ARG A 30 -10.96 -4.41 3.46
CA ARG A 30 -9.74 -4.93 4.06
C ARG A 30 -8.77 -3.80 4.38
N ARG A 31 -8.86 -3.28 5.61
CA ARG A 31 -7.99 -2.18 6.04
C ARG A 31 -6.51 -2.58 5.98
N ASP A 32 -6.22 -3.87 6.20
CA ASP A 32 -4.85 -4.36 6.18
C ASP A 32 -4.15 -4.03 4.86
N ARG A 33 -4.86 -4.24 3.75
CA ARG A 33 -4.30 -3.95 2.43
C ARG A 33 -4.04 -2.46 2.26
N ALA A 34 -5.05 -1.64 2.58
CA ALA A 34 -4.92 -0.18 2.46
C ALA A 34 -3.88 0.38 3.45
N GLN A 35 -3.80 -0.22 4.63
CA GLN A 35 -2.85 0.21 5.65
C GLN A 35 -1.42 0.10 5.16
N ALA A 36 -1.12 -0.99 4.45
CA ALA A 36 0.21 -1.22 3.91
C ALA A 36 0.49 -0.29 2.74
N VAL A 37 -0.55 0.09 1.99
CA VAL A 37 -0.39 0.99 0.84
C VAL A 37 0.00 2.39 1.30
N GLU A 38 -0.74 2.92 2.29
CA GLU A 38 -0.47 4.25 2.81
C GLU A 38 0.86 4.29 3.58
N THR A 39 1.16 3.19 4.28
CA THR A 39 2.40 3.08 5.04
C THR A 39 3.60 2.89 4.10
N TYR A 40 3.38 2.23 2.97
CA TYR A 40 4.43 1.99 2.00
C TYR A 40 4.88 3.31 1.37
N LEU A 41 3.92 4.17 1.05
CA LEU A 41 4.20 5.47 0.45
C LEU A 41 5.08 6.32 1.36
N LYS A 42 4.75 6.36 2.66
CA LYS A 42 5.54 7.13 3.62
C LYS A 42 6.93 6.52 3.81
N LYS A 43 7.01 5.20 3.73
CA LYS A 43 8.29 4.50 3.89
C LYS A 43 9.26 4.89 2.77
N LEU A 44 8.76 4.95 1.53
CA LEU A 44 9.58 5.31 0.38
C LEU A 44 10.04 6.77 0.48
N ILE A 45 9.10 7.67 0.78
CA ILE A 45 9.42 9.09 0.91
C ILE A 45 10.35 9.34 2.09
N ALA A 46 10.16 8.57 3.16
CA ALA A 46 10.98 8.71 4.37
C ALA A 46 12.40 8.19 4.13
N THR A 47 12.56 7.23 3.21
CA THR A 47 13.88 6.68 2.91
C THR A 47 14.59 7.51 1.84
N ASN A 48 14.21 7.31 0.58
CA ASN A 48 14.82 8.03 -0.53
C ASN A 48 14.05 7.81 -1.84
N ASN A 49 12.72 7.71 -1.74
CA ASN A 49 11.87 7.50 -2.92
C ASN A 49 10.83 8.60 -3.03
N VAL A 50 11.14 9.59 -3.84
CA VAL A 50 10.24 10.72 -4.06
C VAL A 50 10.38 11.25 -5.50
N THR A 51 10.14 10.37 -6.46
CA THR A 51 10.22 10.74 -7.87
C THR A 51 8.99 10.26 -8.65
N HIS A 52 7.91 9.96 -7.92
CA HIS A 52 6.66 9.49 -8.54
C HIS A 52 5.57 9.31 -7.49
N LYS A 53 4.31 9.27 -7.93
CA LYS A 53 3.18 9.10 -7.02
C LYS A 53 2.50 7.75 -7.26
N ILE A 54 1.71 7.31 -6.28
CA ILE A 54 1.01 6.03 -6.39
C ILE A 54 -0.31 6.19 -7.14
N THR A 55 -0.28 5.92 -8.44
CA THR A 55 -1.48 6.01 -9.28
C THR A 55 -2.37 4.78 -9.07
N GLU A 56 -3.52 4.76 -9.76
CA GLU A 56 -4.44 3.62 -9.64
C GLU A 56 -3.72 2.31 -10.00
N ALA A 57 -2.87 2.36 -11.02
CA ALA A 57 -2.12 1.18 -11.45
C ALA A 57 -1.06 0.81 -10.42
N GLU A 58 -0.36 1.81 -9.88
CA GLU A 58 0.69 1.58 -8.89
C GLU A 58 0.12 1.09 -7.56
N ILE A 59 -1.00 1.67 -7.13
CA ILE A 59 -1.63 1.30 -5.87
C ILE A 59 -2.09 -0.17 -5.90
N VAL A 60 -2.62 -0.61 -7.04
CA VAL A 60 -3.09 -1.99 -7.18
C VAL A 60 -1.91 -2.97 -7.12
N SER A 61 -0.81 -2.62 -7.78
CA SER A 61 0.39 -3.47 -7.80
C SER A 61 0.92 -3.68 -6.38
N ILE A 62 0.99 -2.58 -5.61
CA ILE A 62 1.46 -2.66 -4.23
C ILE A 62 0.44 -3.40 -3.38
N LEU A 63 -0.84 -3.13 -3.61
CA LEU A 63 -1.93 -3.80 -2.88
C LEU A 63 -1.87 -5.31 -3.12
N ASN A 64 -1.75 -5.69 -4.39
CA ASN A 64 -1.69 -7.10 -4.78
C ASN A 64 -0.53 -7.80 -4.09
N GLY A 65 0.59 -7.08 -3.93
CA GLY A 65 1.75 -7.66 -3.27
C GLY A 65 1.54 -7.76 -1.77
N ILE A 66 0.87 -6.76 -1.21
CA ILE A 66 0.55 -6.72 0.21
C ILE A 66 -0.21 -7.98 0.64
N ALA A 67 -1.25 -8.33 -0.13
CA ALA A 67 -2.06 -9.50 0.16
C ALA A 67 -1.33 -10.80 -0.22
N LYS A 68 -0.49 -10.72 -1.27
CA LYS A 68 0.26 -11.88 -1.72
C LYS A 68 1.36 -12.27 -0.72
N GLN A 69 2.10 -11.26 -0.24
CA GLN A 69 3.17 -11.50 0.72
C GLN A 69 2.64 -12.16 2.00
N GLN A 70 1.39 -11.85 2.35
CA GLN A 70 0.78 -12.41 3.55
C GLN A 70 -0.04 -13.65 3.20
N ASN A 71 0.61 -14.82 3.28
CA ASN A 71 -0.04 -16.10 2.97
C ASN A 71 0.81 -17.28 3.43
N SER A 72 2.11 -17.23 3.12
CA SER A 72 3.05 -18.29 3.48
C SER A 72 2.66 -19.61 2.82
N GLN A 73 2.51 -19.59 1.50
CA GLN A 73 2.14 -20.78 0.75
C GLN A 73 3.23 -21.85 0.83
N ASN A 74 2.84 -23.06 1.24
CA ASN A 74 3.78 -24.18 1.36
C ASN A 74 4.16 -24.74 0.00
N ASN A 75 5.44 -25.03 -0.19
CA ASN A 75 5.94 -25.56 -1.45
C ASN A 75 5.52 -27.02 -1.63
N SER A 76 4.74 -27.29 -2.69
CA SER A 76 4.27 -28.65 -2.97
C SER A 76 4.40 -28.97 -4.46
N LYS A 77 3.63 -28.26 -5.29
CA LYS A 77 3.68 -28.47 -6.74
C LYS A 77 3.99 -27.16 -7.47
N ILE A 78 4.68 -26.24 -6.79
CA ILE A 78 5.05 -24.96 -7.38
C ILE A 78 6.54 -24.69 -7.23
N ILE A 79 7.35 -25.77 -7.26
CA ILE A 79 8.80 -25.67 -7.14
C ILE A 79 9.49 -26.04 -8.46
N PHE A 80 8.78 -25.87 -9.57
CA PHE A 80 9.33 -26.19 -10.89
C PHE A 80 9.30 -24.97 -11.81
N GLU A 81 10.07 -23.95 -11.46
CA GLU A 81 10.14 -22.70 -12.24
C GLU A 81 8.84 -21.92 -12.15
N GLY A 1 7.49 -3.86 21.63
CA GLY A 1 6.36 -2.95 21.93
C GLY A 1 6.81 -1.52 22.17
N GLU A 2 6.51 -0.64 21.22
CA GLU A 2 6.89 0.77 21.32
C GLU A 2 5.81 1.58 22.05
N ASN A 3 4.55 1.25 21.79
CA ASN A 3 3.42 1.94 22.41
C ASN A 3 3.33 3.40 21.99
N SER A 4 3.86 3.71 20.80
CA SER A 4 3.83 5.08 20.30
C SER A 4 4.24 5.13 18.82
N ALA A 5 3.46 4.47 17.96
CA ALA A 5 3.75 4.43 16.54
C ALA A 5 2.48 4.35 15.70
N PRO A 6 2.07 5.48 15.08
CA PRO A 6 0.85 5.54 14.24
C PRO A 6 0.85 4.48 13.14
N VAL A 7 -0.35 4.11 12.69
CA VAL A 7 -0.50 3.12 11.63
C VAL A 7 -1.52 3.58 10.59
N GLY A 8 -1.02 3.91 9.40
CA GLY A 8 -1.90 4.36 8.33
C GLY A 8 -2.02 5.88 8.27
N ALA A 9 -2.02 6.53 9.43
CA ALA A 9 -2.13 7.98 9.51
C ALA A 9 -0.93 8.68 8.85
N ALA A 10 0.27 8.11 9.06
CA ALA A 10 1.49 8.68 8.49
C ALA A 10 1.50 8.60 6.97
N ILE A 11 0.94 7.51 6.42
CA ILE A 11 0.90 7.33 4.97
C ILE A 11 -0.39 7.90 4.36
N ALA A 12 -1.45 7.98 5.16
CA ALA A 12 -2.73 8.51 4.68
C ALA A 12 -2.59 9.91 4.10
N ASN A 13 -1.61 10.67 4.60
CA ASN A 13 -1.37 12.04 4.12
C ASN A 13 -0.75 12.03 2.72
N PHE A 14 -0.11 10.91 2.36
CA PHE A 14 0.52 10.78 1.05
C PHE A 14 -0.40 10.08 0.04
N LEU A 15 -1.71 10.33 0.15
CA LEU A 15 -2.69 9.74 -0.75
C LEU A 15 -3.67 10.80 -1.25
N GLU A 16 -4.17 10.64 -2.46
CA GLU A 16 -5.13 11.57 -3.03
C GLU A 16 -6.53 10.96 -3.08
N PRO A 17 -7.58 11.81 -3.10
CA PRO A 17 -8.98 11.35 -3.14
C PRO A 17 -9.29 10.52 -4.38
N GLN A 18 -8.65 10.84 -5.51
CA GLN A 18 -8.86 10.12 -6.75
C GLN A 18 -8.32 8.70 -6.66
N ALA A 19 -7.09 8.56 -6.16
CA ALA A 19 -6.46 7.26 -6.01
C ALA A 19 -7.16 6.42 -4.94
N LEU A 20 -7.51 7.05 -3.82
CA LEU A 20 -8.20 6.36 -2.72
C LEU A 20 -9.52 5.78 -3.19
N GLU A 21 -10.26 6.55 -4.00
CA GLU A 21 -11.55 6.11 -4.53
C GLU A 21 -11.38 4.83 -5.34
N ARG A 22 -10.31 4.78 -6.15
CA ARG A 22 -10.03 3.61 -6.98
C ARG A 22 -9.61 2.41 -6.11
N LEU A 23 -8.76 2.67 -5.11
CA LEU A 23 -8.30 1.62 -4.22
C LEU A 23 -9.46 0.95 -3.49
N SER A 24 -10.49 1.72 -3.18
CA SER A 24 -11.68 1.19 -2.50
C SER A 24 -12.39 0.17 -3.38
N ARG A 25 -12.52 0.47 -4.67
CA ARG A 25 -13.18 -0.44 -5.61
C ARG A 25 -12.39 -1.74 -5.78
N VAL A 26 -11.07 -1.63 -5.95
CA VAL A 26 -10.22 -2.80 -6.10
C VAL A 26 -10.14 -3.62 -4.81
N ALA A 27 -10.04 -2.94 -3.67
CA ALA A 27 -9.96 -3.61 -2.37
C ALA A 27 -11.20 -4.49 -2.13
N LEU A 28 -12.34 -4.07 -2.66
CA LEU A 28 -13.59 -4.83 -2.50
C LEU A 28 -13.53 -6.16 -3.26
N VAL A 29 -12.83 -6.16 -4.39
CA VAL A 29 -12.72 -7.36 -5.22
C VAL A 29 -11.44 -8.13 -4.89
N ARG A 30 -10.29 -7.47 -5.06
CA ARG A 30 -9.01 -8.09 -4.77
C ARG A 30 -8.26 -7.31 -3.71
N ARG A 31 -8.44 -7.69 -2.44
CA ARG A 31 -7.78 -7.03 -1.32
C ARG A 31 -6.26 -7.12 -1.46
N ASP A 32 -5.79 -8.23 -2.02
CA ASP A 32 -4.35 -8.46 -2.21
C ASP A 32 -3.72 -7.32 -3.00
N ARG A 33 -4.39 -6.93 -4.09
CA ARG A 33 -3.91 -5.84 -4.94
C ARG A 33 -3.77 -4.55 -4.15
N ALA A 34 -4.82 -4.19 -3.41
CA ALA A 34 -4.81 -2.97 -2.60
C ALA A 34 -3.79 -3.06 -1.47
N GLN A 35 -3.61 -4.27 -0.94
CA GLN A 35 -2.67 -4.51 0.16
C GLN A 35 -1.24 -4.18 -0.28
N ALA A 36 -0.91 -4.50 -1.52
CA ALA A 36 0.42 -4.23 -2.05
C ALA A 36 0.62 -2.75 -2.34
N VAL A 37 -0.47 -2.06 -2.73
CA VAL A 37 -0.40 -0.63 -3.01
C VAL A 37 -0.04 0.16 -1.76
N GLU A 38 -0.75 -0.14 -0.66
CA GLU A 38 -0.50 0.54 0.61
C GLU A 38 0.91 0.26 1.11
N THR A 39 1.36 -0.98 0.94
CA THR A 39 2.71 -1.37 1.36
C THR A 39 3.77 -0.75 0.45
N TYR A 40 3.46 -0.59 -0.82
CA TYR A 40 4.38 -0.01 -1.78
C TYR A 40 4.65 1.46 -1.46
N LEU A 41 3.57 2.21 -1.19
CA LEU A 41 3.68 3.63 -0.87
C LEU A 41 4.44 3.86 0.43
N LYS A 42 4.10 3.09 1.47
CA LYS A 42 4.77 3.23 2.76
C LYS A 42 6.23 2.77 2.67
N LYS A 43 6.50 1.76 1.85
CA LYS A 43 7.85 1.25 1.66
C LYS A 43 8.73 2.30 0.97
N LEU A 44 8.20 2.91 -0.09
CA LEU A 44 8.92 3.93 -0.83
C LEU A 44 9.26 5.13 0.03
N ILE A 45 8.27 5.63 0.79
CA ILE A 45 8.47 6.78 1.67
C ILE A 45 9.47 6.45 2.78
N ALA A 46 9.44 5.20 3.25
CA ALA A 46 10.34 4.75 4.31
C ALA A 46 11.77 4.63 3.83
N THR A 47 11.96 4.31 2.54
CA THR A 47 13.29 4.15 1.98
C THR A 47 13.87 5.49 1.54
N ASN A 48 13.24 6.12 0.54
CA ASN A 48 13.71 7.41 0.03
C ASN A 48 12.71 8.06 -0.93
N ASN A 49 12.00 7.24 -1.71
CA ASN A 49 11.01 7.74 -2.66
C ASN A 49 9.95 8.58 -1.98
N VAL A 50 10.15 9.89 -1.99
CA VAL A 50 9.24 10.83 -1.37
C VAL A 50 9.08 12.09 -2.25
N THR A 51 8.88 11.87 -3.55
CA THR A 51 8.72 12.98 -4.50
C THR A 51 7.36 12.90 -5.22
N HIS A 52 6.46 12.06 -4.71
CA HIS A 52 5.13 11.90 -5.30
C HIS A 52 4.26 11.02 -4.42
N LYS A 53 2.96 10.99 -4.70
CA LYS A 53 2.01 10.18 -3.93
C LYS A 53 1.47 9.02 -4.77
N ILE A 54 0.39 8.40 -4.30
CA ILE A 54 -0.21 7.27 -5.01
C ILE A 54 -0.57 7.67 -6.45
N THR A 55 -1.50 8.62 -6.58
CA THR A 55 -1.95 9.12 -7.88
C THR A 55 -2.65 8.01 -8.68
N GLU A 56 -3.77 8.37 -9.32
CA GLU A 56 -4.53 7.41 -10.12
C GLU A 56 -3.67 6.78 -11.22
N ALA A 57 -2.75 7.56 -11.78
CA ALA A 57 -1.87 7.07 -12.83
C ALA A 57 -0.86 6.05 -12.30
N GLU A 58 -0.24 6.37 -11.17
CA GLU A 58 0.77 5.50 -10.56
C GLU A 58 0.12 4.24 -9.96
N ILE A 59 -1.05 4.40 -9.35
CA ILE A 59 -1.74 3.25 -8.74
C ILE A 59 -2.12 2.21 -9.78
N VAL A 60 -2.52 2.65 -10.97
CA VAL A 60 -2.89 1.73 -12.04
C VAL A 60 -1.69 0.88 -12.44
N SER A 61 -0.53 1.51 -12.58
CA SER A 61 0.71 0.82 -12.94
C SER A 61 1.11 -0.16 -11.84
N ILE A 62 1.07 0.30 -10.59
CA ILE A 62 1.43 -0.55 -9.45
C ILE A 62 0.48 -1.73 -9.35
N LEU A 63 -0.83 -1.46 -9.47
CA LEU A 63 -1.85 -2.50 -9.42
C LEU A 63 -1.62 -3.55 -10.50
N ASN A 64 -1.26 -3.08 -11.70
CA ASN A 64 -0.99 -3.97 -12.84
C ASN A 64 0.21 -4.85 -12.57
N GLY A 65 1.24 -4.28 -11.95
CA GLY A 65 2.44 -5.03 -11.63
C GLY A 65 2.21 -5.97 -10.45
N ILE A 66 1.45 -5.49 -9.48
CA ILE A 66 1.12 -6.27 -8.29
C ILE A 66 0.49 -7.61 -8.68
N ALA A 67 -0.50 -7.55 -9.56
CA ALA A 67 -1.20 -8.75 -10.03
C ALA A 67 -0.22 -9.69 -10.75
N LYS A 68 0.72 -9.11 -11.48
CA LYS A 68 1.73 -9.89 -12.22
C LYS A 68 2.57 -10.73 -11.26
N GLN A 69 2.87 -10.19 -10.08
CA GLN A 69 3.67 -10.90 -9.09
C GLN A 69 2.97 -12.16 -8.59
N GLN A 70 1.74 -11.98 -8.09
CA GLN A 70 0.95 -13.10 -7.57
C GLN A 70 1.68 -13.82 -6.44
N ASN A 71 2.44 -13.08 -5.63
CA ASN A 71 3.19 -13.66 -4.52
C ASN A 71 3.27 -12.68 -3.34
N SER A 72 2.81 -13.13 -2.18
CA SER A 72 2.82 -12.30 -0.97
C SER A 72 2.94 -13.15 0.30
N GLN A 73 3.74 -12.67 1.26
CA GLN A 73 3.94 -13.39 2.52
C GLN A 73 4.17 -12.41 3.67
N ASN A 74 3.15 -12.25 4.52
CA ASN A 74 3.24 -11.34 5.67
C ASN A 74 3.65 -12.09 6.93
N ASN A 75 4.96 -12.17 7.17
CA ASN A 75 5.51 -12.85 8.35
C ASN A 75 5.29 -14.36 8.29
N SER A 76 4.02 -14.79 8.40
CA SER A 76 3.66 -16.21 8.37
C SER A 76 4.07 -16.92 9.66
N LYS A 77 5.38 -16.96 9.93
CA LYS A 77 5.88 -17.62 11.13
C LYS A 77 5.97 -16.64 12.31
N ILE A 78 6.30 -15.38 12.01
CA ILE A 78 6.41 -14.36 13.06
C ILE A 78 5.02 -13.89 13.54
N ILE A 79 3.96 -14.34 12.87
CA ILE A 79 2.60 -13.96 13.25
C ILE A 79 2.31 -14.33 14.72
N PHE A 80 2.96 -15.38 15.21
CA PHE A 80 2.78 -15.81 16.60
C PHE A 80 3.13 -14.70 17.58
N GLU A 81 4.38 -14.23 17.52
CA GLU A 81 4.84 -13.16 18.41
C GLU A 81 5.74 -12.18 17.66
N GLY A 1 -6.45 12.43 17.53
CA GLY A 1 -6.61 11.62 18.77
C GLY A 1 -5.99 12.26 19.98
N GLU A 2 -4.80 11.80 20.36
CA GLU A 2 -4.09 12.35 21.52
C GLU A 2 -2.93 13.26 21.08
N ASN A 3 -2.26 12.89 19.98
CA ASN A 3 -1.14 13.67 19.47
C ASN A 3 -1.56 14.53 18.27
N SER A 4 -0.80 15.60 18.02
CA SER A 4 -1.11 16.50 16.90
C SER A 4 0.05 16.53 15.89
N ALA A 5 -0.08 15.77 14.81
CA ALA A 5 0.95 15.72 13.77
C ALA A 5 0.44 14.98 12.52
N PRO A 6 0.85 15.44 11.33
CA PRO A 6 0.43 14.83 10.06
C PRO A 6 1.10 13.48 9.81
N VAL A 7 0.28 12.44 9.68
CA VAL A 7 0.80 11.10 9.44
C VAL A 7 0.04 10.40 8.31
N GLY A 8 -1.28 10.44 8.38
CA GLY A 8 -2.11 9.81 7.37
C GLY A 8 -2.52 10.78 6.27
N ALA A 9 -2.96 11.97 6.66
CA ALA A 9 -3.38 13.01 5.72
C ALA A 9 -2.24 13.43 4.80
N ALA A 10 -1.02 13.46 5.35
CA ALA A 10 0.17 13.84 4.57
C ALA A 10 0.42 12.88 3.41
N ILE A 11 0.22 11.59 3.66
CA ILE A 11 0.42 10.57 2.63
C ILE A 11 -0.87 10.31 1.82
N ALA A 12 -2.02 10.59 2.44
CA ALA A 12 -3.31 10.40 1.77
C ALA A 12 -3.42 11.26 0.52
N ASN A 13 -2.77 12.43 0.53
CA ASN A 13 -2.79 13.33 -0.62
C ASN A 13 -1.86 12.83 -1.73
N PHE A 14 -0.80 12.12 -1.32
CA PHE A 14 0.17 11.58 -2.26
C PHE A 14 -0.46 10.47 -3.12
N LEU A 15 -1.38 9.71 -2.53
CA LEU A 15 -2.05 8.62 -3.25
C LEU A 15 -3.02 9.18 -4.29
N GLU A 16 -3.18 8.46 -5.40
CA GLU A 16 -4.09 8.88 -6.47
C GLU A 16 -5.53 8.44 -6.18
N PRO A 17 -6.53 9.15 -6.74
CA PRO A 17 -7.95 8.83 -6.53
C PRO A 17 -8.27 7.38 -6.89
N GLN A 18 -7.76 6.93 -8.04
CA GLN A 18 -7.98 5.54 -8.49
C GLN A 18 -7.26 4.55 -7.57
N ALA A 19 -6.08 4.92 -7.11
CA ALA A 19 -5.29 4.06 -6.21
C ALA A 19 -6.01 3.87 -4.88
N LEU A 20 -6.53 4.96 -4.32
CA LEU A 20 -7.25 4.91 -3.05
C LEU A 20 -8.47 3.99 -3.14
N GLU A 21 -9.21 4.11 -4.25
CA GLU A 21 -10.40 3.29 -4.47
C GLU A 21 -10.06 1.80 -4.43
N ARG A 22 -8.99 1.42 -5.13
CA ARG A 22 -8.55 0.02 -5.16
C ARG A 22 -8.15 -0.44 -3.76
N LEU A 23 -7.37 0.38 -3.06
CA LEU A 23 -6.91 0.06 -1.70
C LEU A 23 -8.10 -0.13 -0.76
N SER A 24 -9.17 0.63 -0.97
CA SER A 24 -10.37 0.52 -0.12
C SER A 24 -11.03 -0.84 -0.29
N ARG A 25 -11.14 -1.30 -1.54
CA ARG A 25 -11.75 -2.60 -1.84
C ARG A 25 -10.94 -3.74 -1.23
N VAL A 26 -9.62 -3.69 -1.38
CA VAL A 26 -8.74 -4.72 -0.85
C VAL A 26 -8.72 -4.69 0.69
N ALA A 27 -8.69 -3.48 1.26
CA ALA A 27 -8.68 -3.31 2.72
C ALA A 27 -9.83 -4.07 3.39
N LEU A 28 -10.96 -4.19 2.68
CA LEU A 28 -12.14 -4.90 3.20
C LEU A 28 -11.83 -6.39 3.40
N VAL A 29 -10.96 -6.93 2.54
CA VAL A 29 -10.60 -8.34 2.62
C VAL A 29 -9.33 -8.52 3.47
N ARG A 30 -8.24 -7.88 3.07
CA ARG A 30 -6.97 -7.98 3.79
C ARG A 30 -6.43 -6.59 4.13
N ARG A 31 -6.86 -6.06 5.27
CA ARG A 31 -6.42 -4.74 5.73
C ARG A 31 -4.90 -4.71 5.92
N ASP A 32 -4.32 -5.86 6.30
CA ASP A 32 -2.88 -5.96 6.53
C ASP A 32 -2.09 -5.54 5.29
N ARG A 33 -2.52 -6.01 4.12
CA ARG A 33 -1.85 -5.65 2.87
C ARG A 33 -2.02 -4.17 2.56
N ALA A 34 -3.25 -3.68 2.69
CA ALA A 34 -3.55 -2.27 2.41
C ALA A 34 -2.77 -1.33 3.34
N GLN A 35 -2.69 -1.67 4.62
CA GLN A 35 -1.97 -0.85 5.60
C GLN A 35 -0.48 -0.80 5.27
N ALA A 36 0.05 -1.90 4.74
CA ALA A 36 1.46 -1.96 4.38
C ALA A 36 1.76 -1.03 3.20
N VAL A 37 0.79 -0.84 2.31
CA VAL A 37 0.97 0.05 1.17
C VAL A 37 1.10 1.50 1.61
N GLU A 38 0.19 1.93 2.49
CA GLU A 38 0.22 3.31 3.01
C GLU A 38 1.44 3.53 3.91
N THR A 39 1.79 2.50 4.69
CA THR A 39 2.93 2.57 5.59
C THR A 39 4.25 2.55 4.81
N TYR A 40 4.25 1.85 3.67
CA TYR A 40 5.44 1.76 2.83
C TYR A 40 5.78 3.13 2.23
N LEU A 41 4.76 3.82 1.73
CA LEU A 41 4.95 5.15 1.12
C LEU A 41 5.53 6.15 2.12
N LYS A 42 4.96 6.18 3.33
CA LYS A 42 5.44 7.10 4.36
C LYS A 42 6.92 6.86 4.68
N LYS A 43 7.34 5.60 4.61
CA LYS A 43 8.74 5.25 4.87
C LYS A 43 9.68 5.88 3.85
N LEU A 44 9.32 5.77 2.57
CA LEU A 44 10.11 6.35 1.48
C LEU A 44 10.17 7.87 1.60
N ILE A 45 9.02 8.49 1.88
CA ILE A 45 8.94 9.95 2.01
C ILE A 45 9.75 10.43 3.21
N ALA A 46 9.68 9.68 4.32
CA ALA A 46 10.40 10.02 5.54
C ALA A 46 11.92 9.97 5.34
N THR A 47 12.38 9.14 4.40
CA THR A 47 13.81 9.01 4.13
C THR A 47 14.26 10.04 3.10
N ASN A 48 13.76 9.92 1.86
CA ASN A 48 14.14 10.84 0.79
C ASN A 48 13.39 10.56 -0.51
N ASN A 49 13.14 9.28 -0.80
CA ASN A 49 12.45 8.86 -2.02
C ASN A 49 11.11 9.57 -2.18
N VAL A 50 11.11 10.68 -2.93
CA VAL A 50 9.91 11.46 -3.16
C VAL A 50 9.93 12.10 -4.55
N THR A 51 9.69 11.29 -5.58
CA THR A 51 9.68 11.78 -6.96
C THR A 51 8.56 11.14 -7.78
N HIS A 52 7.49 10.71 -7.09
CA HIS A 52 6.34 10.09 -7.74
C HIS A 52 5.22 9.81 -6.74
N LYS A 53 4.05 9.43 -7.26
CA LYS A 53 2.90 9.12 -6.41
C LYS A 53 2.51 7.65 -6.57
N ILE A 54 1.53 7.20 -5.78
CA ILE A 54 1.09 5.82 -5.85
C ILE A 54 -0.16 5.70 -6.73
N THR A 55 0.05 5.50 -8.03
CA THR A 55 -1.05 5.34 -8.98
C THR A 55 -1.70 3.97 -8.80
N GLU A 56 -2.73 3.69 -9.60
CA GLU A 56 -3.41 2.41 -9.52
C GLU A 56 -2.41 1.25 -9.69
N ALA A 57 -1.47 1.43 -10.61
CA ALA A 57 -0.44 0.42 -10.88
C ALA A 57 0.56 0.34 -9.72
N GLU A 58 0.83 1.47 -9.08
CA GLU A 58 1.78 1.51 -7.96
C GLU A 58 1.20 0.83 -6.72
N ILE A 59 -0.05 1.17 -6.38
CA ILE A 59 -0.70 0.58 -5.22
C ILE A 59 -0.88 -0.94 -5.38
N VAL A 60 -1.28 -1.38 -6.57
CA VAL A 60 -1.47 -2.80 -6.83
C VAL A 60 -0.13 -3.54 -6.76
N SER A 61 0.91 -2.93 -7.33
CA SER A 61 2.25 -3.53 -7.32
C SER A 61 2.74 -3.71 -5.88
N ILE A 62 2.56 -2.67 -5.06
CA ILE A 62 2.98 -2.74 -3.65
C ILE A 62 2.20 -3.84 -2.94
N LEU A 63 0.90 -3.93 -3.23
CA LEU A 63 0.05 -4.95 -2.63
C LEU A 63 0.55 -6.35 -2.99
N ASN A 64 0.91 -6.53 -4.27
CA ASN A 64 1.41 -7.82 -4.76
C ASN A 64 2.71 -8.21 -4.06
N GLY A 65 3.55 -7.21 -3.79
CA GLY A 65 4.82 -7.46 -3.12
C GLY A 65 4.61 -7.75 -1.65
N ILE A 66 3.70 -7.00 -1.04
CA ILE A 66 3.37 -7.17 0.38
C ILE A 66 2.94 -8.60 0.67
N ALA A 67 1.99 -9.11 -0.11
CA ALA A 67 1.49 -10.47 0.05
C ALA A 67 2.60 -11.49 -0.23
N LYS A 68 3.46 -11.18 -1.21
CA LYS A 68 4.56 -12.06 -1.58
C LYS A 68 5.48 -12.30 -0.39
N GLN A 69 5.70 -11.26 0.42
CA GLN A 69 6.56 -11.37 1.60
C GLN A 69 6.06 -12.46 2.55
N GLN A 70 4.74 -12.62 2.62
CA GLN A 70 4.13 -13.63 3.49
C GLN A 70 4.08 -14.99 2.77
N ASN A 71 3.67 -14.98 1.50
CA ASN A 71 3.56 -16.22 0.73
C ASN A 71 4.71 -16.36 -0.27
N SER A 72 5.72 -17.16 0.09
CA SER A 72 6.87 -17.39 -0.78
C SER A 72 7.66 -18.62 -0.32
N GLN A 73 7.35 -19.76 -0.91
CA GLN A 73 8.02 -21.02 -0.57
C GLN A 73 7.87 -22.06 -1.68
N ASN A 74 6.62 -22.39 -2.05
CA ASN A 74 6.36 -23.36 -3.11
C ASN A 74 4.86 -23.46 -3.40
N ASN A 75 4.48 -23.18 -4.66
CA ASN A 75 3.08 -23.25 -5.07
C ASN A 75 2.94 -23.79 -6.50
N SER A 76 2.12 -24.83 -6.65
CA SER A 76 1.89 -25.43 -7.96
C SER A 76 0.45 -25.22 -8.42
N LYS A 77 0.26 -24.30 -9.38
CA LYS A 77 -1.05 -23.97 -9.90
C LYS A 77 -1.97 -23.42 -8.80
N ILE A 78 -1.37 -22.73 -7.82
CA ILE A 78 -2.12 -22.14 -6.72
C ILE A 78 -2.07 -20.62 -6.78
N ILE A 79 -2.04 -20.07 -7.99
CA ILE A 79 -2.00 -18.62 -8.19
C ILE A 79 -3.31 -18.11 -8.81
N PHE A 80 -4.39 -18.86 -8.60
CA PHE A 80 -5.70 -18.48 -9.14
C PHE A 80 -6.44 -17.60 -8.15
N GLU A 81 -6.21 -16.29 -8.25
CA GLU A 81 -6.85 -15.32 -7.37
C GLU A 81 -7.51 -14.18 -8.17
N GLY A 1 -8.49 6.71 18.28
CA GLY A 1 -8.16 5.32 17.85
C GLY A 1 -6.79 5.22 17.20
N GLU A 2 -5.74 5.09 18.01
CA GLU A 2 -4.37 4.99 17.53
C GLU A 2 -3.94 6.24 16.77
N ASN A 3 -3.34 7.20 17.48
CA ASN A 3 -2.88 8.44 16.87
C ASN A 3 -1.92 9.20 17.79
N SER A 4 -0.98 9.93 17.19
CA SER A 4 -0.01 10.71 17.95
C SER A 4 0.47 11.92 17.15
N ALA A 5 0.92 11.68 15.92
CA ALA A 5 1.40 12.76 15.05
C ALA A 5 1.20 12.40 13.58
N PRO A 6 1.27 13.40 12.67
CA PRO A 6 1.10 13.19 11.23
C PRO A 6 2.01 12.10 10.67
N VAL A 7 1.42 11.19 9.90
CA VAL A 7 2.19 10.09 9.30
C VAL A 7 1.72 9.81 7.87
N GLY A 8 0.41 9.72 7.67
CA GLY A 8 -0.14 9.46 6.35
C GLY A 8 -0.15 10.70 5.46
N ALA A 9 -0.14 11.89 6.08
CA ALA A 9 -0.14 13.14 5.32
C ALA A 9 1.08 13.24 4.41
N ALA A 10 2.20 12.68 4.85
CA ALA A 10 3.44 12.70 4.08
C ALA A 10 3.26 11.95 2.76
N ILE A 11 2.55 10.83 2.81
CA ILE A 11 2.30 10.02 1.61
C ILE A 11 1.06 10.48 0.85
N ALA A 12 0.15 11.17 1.53
CA ALA A 12 -1.08 11.67 0.90
C ALA A 12 -0.78 12.51 -0.34
N ASN A 13 0.38 13.18 -0.34
CA ASN A 13 0.78 14.01 -1.48
C ASN A 13 1.36 13.15 -2.60
N PHE A 14 1.96 12.01 -2.23
CA PHE A 14 2.54 11.10 -3.19
C PHE A 14 1.48 10.19 -3.81
N LEU A 15 0.50 9.79 -3.00
CA LEU A 15 -0.58 8.91 -3.48
C LEU A 15 -1.54 9.68 -4.39
N GLU A 16 -2.06 8.99 -5.40
CA GLU A 16 -2.99 9.60 -6.35
C GLU A 16 -4.39 9.71 -5.74
N PRO A 17 -5.14 10.77 -6.10
CA PRO A 17 -6.51 10.99 -5.59
C PRO A 17 -7.45 9.85 -5.97
N GLN A 18 -7.31 9.34 -7.19
CA GLN A 18 -8.15 8.23 -7.67
C GLN A 18 -7.85 6.96 -6.88
N ALA A 19 -6.56 6.68 -6.67
CA ALA A 19 -6.14 5.49 -5.92
C ALA A 19 -6.66 5.54 -4.49
N LEU A 20 -6.65 6.74 -3.89
CA LEU A 20 -7.13 6.93 -2.51
C LEU A 20 -8.61 6.54 -2.39
N GLU A 21 -9.41 6.96 -3.37
CA GLU A 21 -10.85 6.65 -3.36
C GLU A 21 -11.07 5.14 -3.33
N ARG A 22 -10.37 4.41 -4.20
CA ARG A 22 -10.49 2.97 -4.26
C ARG A 22 -9.96 2.32 -2.99
N LEU A 23 -8.83 2.84 -2.49
CA LEU A 23 -8.21 2.32 -1.27
C LEU A 23 -9.16 2.46 -0.07
N SER A 24 -9.96 3.52 -0.06
CA SER A 24 -10.91 3.75 1.04
C SER A 24 -11.97 2.67 1.07
N ARG A 25 -12.45 2.25 -0.11
CA ARG A 25 -13.46 1.20 -0.20
C ARG A 25 -12.92 -0.14 0.28
N VAL A 26 -11.70 -0.49 -0.16
CA VAL A 26 -11.08 -1.74 0.25
C VAL A 26 -10.70 -1.73 1.74
N ALA A 27 -10.20 -0.58 2.22
CA ALA A 27 -9.80 -0.44 3.62
C ALA A 27 -10.99 -0.71 4.56
N LEU A 28 -12.20 -0.41 4.10
CA LEU A 28 -13.41 -0.63 4.89
C LEU A 28 -13.58 -2.12 5.22
N VAL A 29 -13.25 -2.97 4.25
CA VAL A 29 -13.37 -4.42 4.43
C VAL A 29 -12.07 -5.02 4.93
N ARG A 30 -10.96 -4.63 4.30
CA ARG A 30 -9.64 -5.13 4.68
C ARG A 30 -8.66 -3.97 4.84
N ARG A 31 -8.65 -3.36 6.02
CA ARG A 31 -7.76 -2.25 6.31
C ARG A 31 -6.30 -2.65 6.15
N ASP A 32 -5.98 -3.92 6.42
CA ASP A 32 -4.62 -4.43 6.30
C ASP A 32 -4.04 -4.19 4.90
N ARG A 33 -4.84 -4.46 3.87
CA ARG A 33 -4.41 -4.26 2.49
C ARG A 33 -4.04 -2.80 2.24
N ALA A 34 -4.92 -1.90 2.65
CA ALA A 34 -4.69 -0.46 2.50
C ALA A 34 -3.52 -0.01 3.37
N GLN A 35 -3.38 -0.62 4.54
CA GLN A 35 -2.31 -0.30 5.48
C GLN A 35 -0.94 -0.57 4.85
N ALA A 36 -0.81 -1.72 4.21
CA ALA A 36 0.45 -2.09 3.57
C ALA A 36 0.78 -1.15 2.41
N VAL A 37 -0.26 -0.66 1.72
CA VAL A 37 -0.05 0.27 0.60
C VAL A 37 0.47 1.61 1.11
N GLU A 38 -0.17 2.15 2.15
CA GLU A 38 0.23 3.43 2.73
C GLU A 38 1.59 3.32 3.41
N THR A 39 1.81 2.21 4.12
CA THR A 39 3.07 1.97 4.83
C THR A 39 4.20 1.67 3.83
N TYR A 40 3.86 1.03 2.71
CA TYR A 40 4.84 0.70 1.69
C TYR A 40 5.40 1.96 1.05
N LEU A 41 4.52 2.89 0.69
CA LEU A 41 4.92 4.14 0.05
C LEU A 41 5.80 4.97 0.98
N LYS A 42 5.39 5.10 2.25
CA LYS A 42 6.16 5.88 3.22
C LYS A 42 7.50 5.21 3.53
N LYS A 43 7.52 3.87 3.53
CA LYS A 43 8.75 3.12 3.80
C LYS A 43 9.80 3.40 2.74
N LEU A 44 9.38 3.37 1.47
CA LEU A 44 10.29 3.62 0.35
C LEU A 44 10.80 5.06 0.38
N ILE A 45 9.91 6.03 0.65
CA ILE A 45 10.31 7.43 0.70
C ILE A 45 11.24 7.69 1.90
N ALA A 46 10.90 7.10 3.04
CA ALA A 46 11.70 7.27 4.26
C ALA A 46 13.09 6.67 4.10
N THR A 47 13.22 5.64 3.26
CA THR A 47 14.51 5.00 3.03
C THR A 47 15.28 5.73 1.94
N ASN A 48 14.74 5.70 0.71
CA ASN A 48 15.40 6.36 -0.43
C ASN A 48 14.60 6.18 -1.72
N ASN A 49 13.90 5.05 -1.86
CA ASN A 49 13.12 4.76 -3.07
C ASN A 49 12.08 5.84 -3.34
N VAL A 50 12.43 6.75 -4.24
CA VAL A 50 11.54 7.84 -4.60
C VAL A 50 11.72 8.24 -6.08
N THR A 51 11.07 7.49 -6.96
CA THR A 51 11.15 7.75 -8.40
C THR A 51 9.79 7.58 -9.09
N HIS A 52 8.70 7.57 -8.30
CA HIS A 52 7.35 7.41 -8.85
C HIS A 52 6.29 7.47 -7.74
N LYS A 53 5.03 7.30 -8.13
CA LYS A 53 3.92 7.33 -7.18
C LYS A 53 3.05 6.08 -7.33
N ILE A 54 2.02 5.97 -6.49
CA ILE A 54 1.11 4.82 -6.53
C ILE A 54 -0.25 5.21 -7.10
N THR A 55 -0.42 5.05 -8.41
CA THR A 55 -1.67 5.38 -9.08
C THR A 55 -2.71 4.27 -8.85
N GLU A 56 -3.89 4.42 -9.45
CA GLU A 56 -4.94 3.41 -9.30
C GLU A 56 -4.44 2.03 -9.72
N ALA A 57 -3.64 2.00 -10.79
CA ALA A 57 -3.08 0.74 -11.28
C ALA A 57 -2.03 0.18 -10.32
N GLU A 58 -1.19 1.08 -9.78
CA GLU A 58 -0.13 0.69 -8.85
C GLU A 58 -0.70 0.24 -7.51
N ILE A 59 -1.68 0.99 -7.00
CA ILE A 59 -2.30 0.67 -5.71
C ILE A 59 -2.98 -0.70 -5.73
N VAL A 60 -3.69 -0.99 -6.82
CA VAL A 60 -4.37 -2.29 -6.95
C VAL A 60 -3.35 -3.42 -7.07
N SER A 61 -2.29 -3.20 -7.86
CA SER A 61 -1.24 -4.21 -8.04
C SER A 61 -0.54 -4.52 -6.71
N ILE A 62 -0.20 -3.47 -5.96
CA ILE A 62 0.45 -3.65 -4.66
C ILE A 62 -0.53 -4.25 -3.67
N LEU A 63 -1.78 -3.75 -3.71
CA LEU A 63 -2.84 -4.24 -2.83
C LEU A 63 -3.12 -5.72 -3.08
N ASN A 64 -3.17 -6.10 -4.36
CA ASN A 64 -3.43 -7.49 -4.75
C ASN A 64 -2.31 -8.41 -4.26
N GLY A 65 -1.08 -7.91 -4.25
CA GLY A 65 0.05 -8.69 -3.79
C GLY A 65 0.04 -8.81 -2.28
N ILE A 66 -0.39 -7.73 -1.62
CA ILE A 66 -0.47 -7.70 -0.16
C ILE A 66 -1.38 -8.81 0.34
N ALA A 67 -2.56 -8.95 -0.27
CA ALA A 67 -3.52 -9.98 0.11
C ALA A 67 -2.92 -11.39 -0.04
N LYS A 68 -2.05 -11.56 -1.03
CA LYS A 68 -1.40 -12.85 -1.27
C LYS A 68 -0.56 -13.27 -0.06
N GLN A 69 0.15 -12.30 0.53
CA GLN A 69 1.00 -12.57 1.69
C GLN A 69 0.15 -13.02 2.89
N GLN A 70 -1.00 -12.36 3.08
CA GLN A 70 -1.89 -12.69 4.19
C GLN A 70 -3.01 -13.63 3.73
N ASN A 71 -2.73 -14.94 3.78
CA ASN A 71 -3.70 -15.96 3.37
C ASN A 71 -3.18 -17.36 3.67
N SER A 72 -1.94 -17.63 3.25
CA SER A 72 -1.30 -18.93 3.48
C SER A 72 0.22 -18.83 3.32
N GLN A 73 0.67 -18.07 2.32
CA GLN A 73 2.09 -17.88 2.04
C GLN A 73 2.70 -19.14 1.44
N ASN A 74 2.46 -19.33 0.14
CA ASN A 74 2.97 -20.48 -0.58
C ASN A 74 4.08 -20.07 -1.54
N ASN A 75 5.23 -20.74 -1.44
CA ASN A 75 6.37 -20.44 -2.31
C ASN A 75 6.15 -21.03 -3.69
N SER A 76 5.35 -20.34 -4.51
CA SER A 76 5.05 -20.80 -5.86
C SER A 76 5.44 -19.75 -6.90
N LYS A 77 5.16 -18.48 -6.59
CA LYS A 77 5.48 -17.37 -7.50
C LYS A 77 6.84 -16.78 -7.16
N ILE A 78 7.21 -16.80 -5.88
CA ILE A 78 8.50 -16.27 -5.44
C ILE A 78 9.66 -17.16 -5.91
N ILE A 79 9.42 -18.47 -5.93
CA ILE A 79 10.44 -19.44 -6.36
C ILE A 79 10.93 -19.14 -7.78
N PHE A 80 10.09 -18.47 -8.57
CA PHE A 80 10.45 -18.13 -9.95
C PHE A 80 11.72 -17.28 -9.99
N GLU A 81 12.85 -17.93 -10.28
CA GLU A 81 14.14 -17.25 -10.35
C GLU A 81 14.37 -16.62 -11.73
N GLY A 1 7.70 16.15 23.27
CA GLY A 1 8.30 14.84 23.65
C GLY A 1 7.85 13.70 22.74
N GLU A 2 6.59 13.76 22.30
CA GLU A 2 6.02 12.74 21.43
C GLU A 2 4.84 13.28 20.60
N ASN A 3 4.02 14.11 21.24
CA ASN A 3 2.84 14.71 20.60
C ASN A 3 3.24 15.56 19.39
N SER A 4 2.22 16.07 18.68
CA SER A 4 2.42 16.89 17.49
C SER A 4 3.03 16.06 16.36
N ALA A 5 2.34 14.99 15.98
CA ALA A 5 2.81 14.10 14.92
C ALA A 5 1.73 13.89 13.85
N PRO A 6 2.14 13.75 12.58
CA PRO A 6 1.21 13.53 11.46
C PRO A 6 0.62 12.13 11.45
N VAL A 7 -0.61 12.01 10.95
CA VAL A 7 -1.30 10.72 10.87
C VAL A 7 -2.25 10.69 9.67
N GLY A 8 -1.74 10.21 8.53
CA GLY A 8 -2.55 10.14 7.32
C GLY A 8 -2.25 11.29 6.37
N ALA A 9 -2.27 12.51 6.88
CA ALA A 9 -1.98 13.71 6.06
C ALA A 9 -0.57 13.67 5.49
N ALA A 10 0.38 13.12 6.25
CA ALA A 10 1.77 13.02 5.80
C ALA A 10 1.88 12.24 4.49
N ILE A 11 1.05 11.21 4.34
CA ILE A 11 1.04 10.41 3.12
C ILE A 11 -0.09 10.80 2.17
N ALA A 12 -1.06 11.60 2.65
CA ALA A 12 -2.17 12.05 1.83
C ALA A 12 -1.69 12.76 0.56
N ASN A 13 -0.54 13.42 0.66
CA ASN A 13 0.06 14.13 -0.48
C ASN A 13 0.73 13.16 -1.45
N PHE A 14 1.18 12.01 -0.92
CA PHE A 14 1.86 11.00 -1.73
C PHE A 14 0.92 10.42 -2.78
N LEU A 15 -0.21 9.88 -2.33
CA LEU A 15 -1.21 9.30 -3.23
C LEU A 15 -1.96 10.40 -4.00
N GLU A 16 -2.82 9.98 -4.92
CA GLU A 16 -3.61 10.93 -5.71
C GLU A 16 -5.08 10.91 -5.29
N PRO A 17 -5.82 12.00 -5.56
CA PRO A 17 -7.24 12.10 -5.21
C PRO A 17 -8.05 10.91 -5.74
N GLN A 18 -7.83 10.56 -7.01
CA GLN A 18 -8.54 9.44 -7.63
C GLN A 18 -8.10 8.12 -7.01
N ALA A 19 -6.79 7.93 -6.89
CA ALA A 19 -6.24 6.71 -6.30
C ALA A 19 -6.73 6.52 -4.87
N LEU A 20 -6.81 7.61 -4.11
CA LEU A 20 -7.27 7.56 -2.73
C LEU A 20 -8.75 7.18 -2.65
N GLU A 21 -9.56 7.82 -3.50
CA GLU A 21 -11.00 7.55 -3.53
C GLU A 21 -11.26 6.06 -3.81
N ARG A 22 -10.48 5.49 -4.74
CA ARG A 22 -10.62 4.08 -5.10
C ARG A 22 -10.23 3.18 -3.92
N LEU A 23 -9.14 3.55 -3.23
CA LEU A 23 -8.66 2.77 -2.08
C LEU A 23 -9.75 2.63 -1.02
N SER A 24 -10.53 3.70 -0.81
CA SER A 24 -11.61 3.68 0.18
C SER A 24 -12.68 2.66 -0.22
N ARG A 25 -13.02 2.64 -1.50
CA ARG A 25 -14.04 1.71 -2.02
C ARG A 25 -13.58 0.26 -1.90
N VAL A 26 -12.33 -0.01 -2.29
CA VAL A 26 -11.78 -1.36 -2.21
C VAL A 26 -11.65 -1.83 -0.76
N ALA A 27 -11.22 -0.92 0.13
CA ALA A 27 -11.06 -1.25 1.55
C ALA A 27 -12.37 -1.70 2.19
N LEU A 28 -13.50 -1.18 1.67
CA LEU A 28 -14.82 -1.53 2.20
C LEU A 28 -15.09 -3.02 2.06
N VAL A 29 -14.74 -3.57 0.89
CA VAL A 29 -14.95 -4.99 0.61
C VAL A 29 -13.74 -5.83 1.03
N ARG A 30 -12.55 -5.38 0.65
CA ARG A 30 -11.32 -6.08 1.00
C ARG A 30 -10.32 -5.15 1.67
N ARG A 31 -10.48 -4.96 2.98
CA ARG A 31 -9.59 -4.10 3.76
C ARG A 31 -8.14 -4.58 3.67
N ASP A 32 -7.94 -5.89 3.53
CA ASP A 32 -6.60 -6.47 3.42
C ASP A 32 -5.81 -5.85 2.28
N ARG A 33 -6.45 -5.71 1.12
CA ARG A 33 -5.78 -5.13 -0.06
C ARG A 33 -5.34 -3.69 0.22
N ALA A 34 -6.28 -2.88 0.75
CA ALA A 34 -5.97 -1.48 1.07
C ALA A 34 -4.94 -1.37 2.20
N GLN A 35 -5.00 -2.32 3.13
CA GLN A 35 -4.09 -2.34 4.27
C GLN A 35 -2.63 -2.47 3.80
N ALA A 36 -2.41 -3.32 2.79
CA ALA A 36 -1.08 -3.52 2.25
C ALA A 36 -0.60 -2.31 1.47
N VAL A 37 -1.53 -1.62 0.78
CA VAL A 37 -1.18 -0.44 0.00
C VAL A 37 -0.70 0.70 0.91
N GLU A 38 -1.47 0.97 1.97
CA GLU A 38 -1.12 2.03 2.92
C GLU A 38 0.14 1.67 3.71
N THR A 39 0.26 0.39 4.08
CA THR A 39 1.42 -0.08 4.84
C THR A 39 2.67 -0.14 3.95
N TYR A 40 2.49 -0.48 2.67
CA TYR A 40 3.60 -0.55 1.73
C TYR A 40 4.21 0.82 1.49
N LEU A 41 3.35 1.82 1.25
CA LEU A 41 3.79 3.19 0.99
C LEU A 41 4.50 3.79 2.20
N LYS A 42 3.90 3.61 3.39
CA LYS A 42 4.49 4.14 4.63
C LYS A 42 5.86 3.50 4.90
N LYS A 43 6.02 2.23 4.52
CA LYS A 43 7.29 1.53 4.72
C LYS A 43 8.41 2.18 3.91
N LEU A 44 8.14 2.46 2.63
CA LEU A 44 9.14 3.09 1.76
C LEU A 44 9.55 4.46 2.29
N ILE A 45 8.55 5.27 2.68
CA ILE A 45 8.80 6.60 3.22
C ILE A 45 9.59 6.51 4.53
N ALA A 46 9.30 5.48 5.33
CA ALA A 46 9.98 5.29 6.61
C ALA A 46 11.45 4.89 6.43
N THR A 47 11.73 4.09 5.40
CA THR A 47 13.11 3.63 5.15
C THR A 47 13.94 4.75 4.52
N ASN A 48 13.58 5.16 3.30
CA ASN A 48 14.32 6.21 2.60
C ASN A 48 13.65 6.60 1.28
N ASN A 49 13.09 5.62 0.58
CA ASN A 49 12.43 5.86 -0.71
C ASN A 49 11.16 6.69 -0.53
N VAL A 50 11.32 7.99 -0.72
CA VAL A 50 10.20 8.93 -0.60
C VAL A 50 9.89 9.61 -1.94
N THR A 51 10.19 8.92 -3.04
CA THR A 51 9.93 9.45 -4.38
C THR A 51 9.12 8.45 -5.21
N HIS A 52 8.28 7.66 -4.54
CA HIS A 52 7.45 6.66 -5.20
C HIS A 52 6.13 7.27 -5.68
N LYS A 53 5.26 7.62 -4.72
CA LYS A 53 3.96 8.21 -5.01
C LYS A 53 3.05 7.23 -5.76
N ILE A 54 1.97 6.80 -5.11
CA ILE A 54 1.02 5.86 -5.72
C ILE A 54 0.00 6.57 -6.60
N THR A 55 -0.13 6.08 -7.84
CA THR A 55 -1.06 6.65 -8.80
C THR A 55 -2.20 5.65 -9.08
N GLU A 56 -3.19 6.09 -9.87
CA GLU A 56 -4.32 5.22 -10.22
C GLU A 56 -3.82 3.94 -10.88
N ALA A 57 -2.85 4.06 -11.78
CA ALA A 57 -2.28 2.90 -12.46
C ALA A 57 -1.46 2.03 -11.51
N GLU A 58 -0.72 2.68 -10.61
CA GLU A 58 0.11 1.97 -9.65
C GLU A 58 -0.73 1.26 -8.59
N ILE A 59 -1.76 1.92 -8.09
CA ILE A 59 -2.63 1.34 -7.06
C ILE A 59 -3.34 0.08 -7.57
N VAL A 60 -3.72 0.08 -8.86
CA VAL A 60 -4.38 -1.09 -9.45
C VAL A 60 -3.42 -2.29 -9.48
N SER A 61 -2.17 -2.03 -9.89
CA SER A 61 -1.16 -3.09 -9.96
C SER A 61 -0.81 -3.61 -8.56
N ILE A 62 -0.60 -2.68 -7.61
CA ILE A 62 -0.26 -3.07 -6.25
C ILE A 62 -1.41 -3.85 -5.60
N LEU A 63 -2.63 -3.33 -5.72
CA LEU A 63 -3.81 -3.98 -5.16
C LEU A 63 -4.01 -5.37 -5.76
N ASN A 64 -3.80 -5.47 -7.08
CA ASN A 64 -3.96 -6.75 -7.79
C ASN A 64 -2.91 -7.76 -7.33
N GLY A 65 -1.70 -7.27 -7.05
CA GLY A 65 -0.63 -8.14 -6.58
C GLY A 65 -0.85 -8.56 -5.14
N ILE A 66 -1.32 -7.61 -4.34
CA ILE A 66 -1.60 -7.86 -2.93
C ILE A 66 -2.64 -8.98 -2.77
N ALA A 67 -3.64 -9.00 -3.64
CA ALA A 67 -4.68 -10.03 -3.61
C ALA A 67 -4.11 -11.39 -4.03
N LYS A 68 -3.32 -11.38 -5.11
CA LYS A 68 -2.72 -12.62 -5.62
C LYS A 68 -1.79 -13.25 -4.57
N GLN A 69 -1.02 -12.41 -3.88
CA GLN A 69 -0.09 -12.89 -2.85
C GLN A 69 -0.83 -13.35 -1.59
N GLN A 70 -1.98 -12.73 -1.30
CA GLN A 70 -2.78 -13.07 -0.12
C GLN A 70 -3.43 -14.46 -0.29
N ASN A 71 -2.66 -15.49 0.04
CA ASN A 71 -3.13 -16.87 -0.07
C ASN A 71 -2.11 -17.85 0.53
N SER A 72 -2.37 -19.15 0.37
CA SER A 72 -1.47 -20.18 0.89
C SER A 72 -0.99 -21.10 -0.25
N GLN A 73 0.22 -20.82 -0.75
CA GLN A 73 0.79 -21.61 -1.84
C GLN A 73 1.98 -22.44 -1.36
N ASN A 74 2.26 -23.53 -2.07
CA ASN A 74 3.37 -24.43 -1.74
C ASN A 74 4.72 -23.78 -2.07
N ASN A 75 5.80 -24.45 -1.66
CA ASN A 75 7.15 -23.95 -1.92
C ASN A 75 7.99 -24.95 -2.70
N SER A 76 8.76 -24.44 -3.66
CA SER A 76 9.63 -25.29 -4.48
C SER A 76 10.79 -24.48 -5.07
N LYS A 77 10.45 -23.48 -5.88
CA LYS A 77 11.44 -22.62 -6.50
C LYS A 77 11.50 -21.24 -5.82
N ILE A 78 10.37 -20.81 -5.26
CA ILE A 78 10.30 -19.51 -4.57
C ILE A 78 11.35 -19.40 -3.47
N ILE A 79 11.68 -20.53 -2.83
CA ILE A 79 12.68 -20.55 -1.76
C ILE A 79 14.02 -19.99 -2.23
N PHE A 80 14.68 -20.73 -3.14
CA PHE A 80 15.98 -20.32 -3.69
C PHE A 80 17.10 -20.37 -2.64
N GLU A 81 17.02 -19.50 -1.64
CA GLU A 81 18.02 -19.45 -0.56
C GLU A 81 17.42 -19.82 0.79
N GLY A 1 -5.37 12.71 20.49
CA GLY A 1 -4.12 11.90 20.42
C GLY A 1 -4.12 10.91 19.27
N GLU A 2 -5.12 10.03 19.24
CA GLU A 2 -5.26 9.01 18.19
C GLU A 2 -3.92 8.36 17.85
N ASN A 3 -3.54 7.35 18.63
CA ASN A 3 -2.28 6.62 18.43
C ASN A 3 -1.08 7.53 18.69
N SER A 4 0.13 6.97 18.49
CA SER A 4 1.36 7.72 18.70
C SER A 4 2.24 7.70 17.44
N ALA A 5 3.02 8.76 17.24
CA ALA A 5 3.91 8.88 16.10
C ALA A 5 3.11 8.98 14.79
N PRO A 6 2.78 10.22 14.36
CA PRO A 6 2.01 10.47 13.14
C PRO A 6 2.59 9.77 11.90
N VAL A 7 1.74 9.51 10.91
CA VAL A 7 2.16 8.86 9.68
C VAL A 7 1.07 8.93 8.61
N GLY A 8 -0.17 8.69 9.02
CA GLY A 8 -1.29 8.73 8.08
C GLY A 8 -1.62 10.14 7.61
N ALA A 9 -1.55 11.11 8.52
CA ALA A 9 -1.84 12.51 8.20
C ALA A 9 -0.79 13.07 7.23
N ALA A 10 0.46 12.67 7.42
CA ALA A 10 1.56 13.13 6.56
C ALA A 10 1.37 12.64 5.12
N ILE A 11 0.84 11.42 4.96
CA ILE A 11 0.61 10.84 3.64
C ILE A 11 -0.75 11.26 3.07
N ALA A 12 -1.68 11.63 3.94
CA ALA A 12 -3.02 12.05 3.51
C ALA A 12 -2.95 13.20 2.50
N ASN A 13 -2.00 14.10 2.69
CA ASN A 13 -1.82 15.24 1.78
C ASN A 13 -1.02 14.82 0.56
N PHE A 14 -0.15 13.83 0.74
CA PHE A 14 0.69 13.32 -0.35
C PHE A 14 -0.17 12.61 -1.40
N LEU A 15 -1.23 11.95 -0.97
CA LEU A 15 -2.13 11.23 -1.87
C LEU A 15 -3.15 12.18 -2.50
N GLU A 16 -3.83 11.71 -3.53
CA GLU A 16 -4.83 12.51 -4.22
C GLU A 16 -6.25 12.06 -3.86
N PRO A 17 -7.24 12.96 -3.94
CA PRO A 17 -8.65 12.64 -3.62
C PRO A 17 -9.15 11.44 -4.41
N GLN A 18 -8.76 11.36 -5.69
CA GLN A 18 -9.18 10.25 -6.55
C GLN A 18 -8.55 8.94 -6.08
N ALA A 19 -7.25 8.99 -5.78
CA ALA A 19 -6.52 7.80 -5.31
C ALA A 19 -7.09 7.29 -3.98
N LEU A 20 -7.50 8.22 -3.12
CA LEU A 20 -8.07 7.86 -1.82
C LEU A 20 -9.31 6.99 -1.99
N GLU A 21 -10.17 7.34 -2.96
CA GLU A 21 -11.39 6.58 -3.22
C GLU A 21 -11.06 5.15 -3.65
N ARG A 22 -10.12 5.00 -4.58
CA ARG A 22 -9.72 3.68 -5.08
C ARG A 22 -9.09 2.86 -3.95
N LEU A 23 -8.18 3.48 -3.20
CA LEU A 23 -7.50 2.81 -2.08
C LEU A 23 -8.52 2.38 -1.01
N SER A 24 -9.53 3.21 -0.79
CA SER A 24 -10.57 2.90 0.20
C SER A 24 -11.38 1.68 -0.23
N ARG A 25 -11.64 1.57 -1.54
CA ARG A 25 -12.39 0.45 -2.08
C ARG A 25 -11.63 -0.86 -1.91
N VAL A 26 -10.34 -0.85 -2.23
CA VAL A 26 -9.50 -2.05 -2.10
C VAL A 26 -9.30 -2.43 -0.63
N ALA A 27 -9.10 -1.42 0.23
CA ALA A 27 -8.90 -1.64 1.66
C ALA A 27 -10.10 -2.39 2.28
N LEU A 28 -11.29 -2.18 1.72
CA LEU A 28 -12.51 -2.83 2.22
C LEU A 28 -12.43 -4.34 2.05
N VAL A 29 -11.85 -4.78 0.93
CA VAL A 29 -11.72 -6.20 0.64
C VAL A 29 -10.38 -6.74 1.14
N ARG A 30 -9.29 -6.21 0.61
CA ARG A 30 -7.95 -6.64 1.00
C ARG A 30 -7.17 -5.47 1.61
N ARG A 31 -7.28 -5.32 2.93
CA ARG A 31 -6.59 -4.25 3.64
C ARG A 31 -5.07 -4.36 3.45
N ASP A 32 -4.57 -5.59 3.32
CA ASP A 32 -3.15 -5.83 3.13
C ASP A 32 -2.60 -5.06 1.93
N ARG A 33 -3.32 -5.13 0.80
CA ARG A 33 -2.91 -4.43 -0.41
C ARG A 33 -2.86 -2.92 -0.19
N ALA A 34 -3.92 -2.37 0.39
CA ALA A 34 -3.99 -0.94 0.67
C ALA A 34 -2.93 -0.52 1.69
N GLN A 35 -2.68 -1.40 2.67
CA GLN A 35 -1.68 -1.15 3.71
C GLN A 35 -0.30 -0.95 3.09
N ALA A 36 0.03 -1.80 2.11
CA ALA A 36 1.31 -1.72 1.43
C ALA A 36 1.44 -0.39 0.67
N VAL A 37 0.32 0.09 0.11
CA VAL A 37 0.33 1.36 -0.61
C VAL A 37 0.65 2.52 0.33
N GLU A 38 -0.03 2.55 1.47
CA GLU A 38 0.18 3.59 2.48
C GLU A 38 1.57 3.48 3.08
N THR A 39 2.01 2.25 3.32
CA THR A 39 3.33 1.99 3.90
C THR A 39 4.45 2.29 2.90
N TYR A 40 4.17 2.08 1.61
CA TYR A 40 5.14 2.33 0.55
C TYR A 40 5.44 3.82 0.43
N LEU A 41 4.38 4.65 0.44
CA LEU A 41 4.53 6.10 0.34
C LEU A 41 5.28 6.68 1.53
N LYS A 42 4.91 6.24 2.74
CA LYS A 42 5.56 6.71 3.96
C LYS A 42 7.04 6.31 3.99
N LYS A 43 7.35 5.15 3.42
CA LYS A 43 8.73 4.66 3.37
C LYS A 43 9.60 5.60 2.54
N LEU A 44 9.08 6.03 1.40
CA LEU A 44 9.81 6.95 0.51
C LEU A 44 10.07 8.29 1.20
N ILE A 45 9.06 8.80 1.90
CA ILE A 45 9.20 10.09 2.61
C ILE A 45 10.19 9.96 3.77
N ALA A 46 10.10 8.85 4.50
CA ALA A 46 10.98 8.60 5.64
C ALA A 46 12.43 8.38 5.20
N THR A 47 12.62 7.82 4.00
CA THR A 47 13.96 7.57 3.48
C THR A 47 14.58 8.85 2.92
N ASN A 48 14.10 9.27 1.76
CA ASN A 48 14.60 10.48 1.09
C ASN A 48 13.73 10.90 -0.09
N ASN A 49 13.17 9.91 -0.80
CA ASN A 49 12.31 10.19 -1.96
C ASN A 49 11.07 10.97 -1.56
N VAL A 50 11.13 12.28 -1.75
CA VAL A 50 10.02 13.18 -1.42
C VAL A 50 9.62 14.03 -2.63
N THR A 51 9.80 13.47 -3.83
CA THR A 51 9.44 14.18 -5.07
C THR A 51 8.48 13.35 -5.91
N HIS A 52 7.68 12.50 -5.26
CA HIS A 52 6.71 11.64 -5.96
C HIS A 52 5.39 11.58 -5.21
N LYS A 53 4.28 11.49 -5.95
CA LYS A 53 2.94 11.43 -5.37
C LYS A 53 2.17 10.23 -5.93
N ILE A 54 1.16 9.76 -5.18
CA ILE A 54 0.36 8.63 -5.62
C ILE A 54 -1.01 9.08 -6.13
N THR A 55 -1.35 8.67 -7.35
CA THR A 55 -2.62 9.00 -7.98
C THR A 55 -3.40 7.72 -8.29
N GLU A 56 -4.59 7.87 -8.88
CA GLU A 56 -5.41 6.71 -9.25
C GLU A 56 -4.62 5.76 -10.16
N ALA A 57 -3.85 6.33 -11.09
CA ALA A 57 -3.05 5.53 -12.01
C ALA A 57 -1.88 4.86 -11.28
N GLU A 58 -1.22 5.61 -10.40
CA GLU A 58 -0.08 5.09 -9.64
C GLU A 58 -0.51 4.06 -8.61
N ILE A 59 -1.63 4.30 -7.94
CA ILE A 59 -2.12 3.37 -6.92
C ILE A 59 -2.46 2.01 -7.52
N VAL A 60 -3.02 2.00 -8.74
CA VAL A 60 -3.36 0.75 -9.40
C VAL A 60 -2.10 -0.05 -9.73
N SER A 61 -1.06 0.64 -10.22
CA SER A 61 0.20 -0.01 -10.57
C SER A 61 0.89 -0.55 -9.32
N ILE A 62 0.94 0.26 -8.25
CA ILE A 62 1.56 -0.15 -7.00
C ILE A 62 0.73 -1.26 -6.35
N LEU A 63 -0.59 -1.10 -6.36
CA LEU A 63 -1.51 -2.07 -5.79
C LEU A 63 -1.40 -3.41 -6.53
N ASN A 64 -1.32 -3.34 -7.86
CA ASN A 64 -1.19 -4.54 -8.69
C ASN A 64 0.11 -5.28 -8.40
N GLY A 65 1.17 -4.52 -8.12
CA GLY A 65 2.45 -5.11 -7.81
C GLY A 65 2.46 -5.71 -6.42
N ILE A 66 1.79 -5.03 -5.49
CA ILE A 66 1.69 -5.49 -4.10
C ILE A 66 1.13 -6.92 -4.05
N ALA A 67 0.13 -7.19 -4.90
CA ALA A 67 -0.49 -8.51 -4.96
C ALA A 67 0.51 -9.55 -5.44
N LYS A 68 1.31 -9.19 -6.44
CA LYS A 68 2.32 -10.10 -6.99
C LYS A 68 3.38 -10.43 -5.95
N GLN A 69 3.72 -9.46 -5.10
CA GLN A 69 4.72 -9.67 -4.04
C GLN A 69 4.29 -10.78 -3.10
N GLN A 70 3.04 -10.71 -2.63
CA GLN A 70 2.49 -11.73 -1.73
C GLN A 70 2.06 -12.98 -2.50
N ASN A 71 1.68 -14.03 -1.77
CA ASN A 71 1.25 -15.29 -2.36
C ASN A 71 2.40 -16.01 -3.06
N SER A 72 2.84 -17.12 -2.46
CA SER A 72 3.94 -17.91 -3.03
C SER A 72 3.69 -19.41 -2.86
N GLN A 73 3.98 -20.19 -3.91
CA GLN A 73 3.79 -21.63 -3.87
C GLN A 73 5.03 -22.34 -3.30
N ASN A 74 4.92 -22.81 -2.06
CA ASN A 74 6.03 -23.50 -1.40
C ASN A 74 5.72 -24.99 -1.22
N ASN A 75 4.52 -25.30 -0.72
CA ASN A 75 4.09 -26.68 -0.50
C ASN A 75 4.88 -27.35 0.63
N SER A 76 4.16 -27.83 1.65
CA SER A 76 4.78 -28.50 2.79
C SER A 76 4.28 -29.93 2.93
N LYS A 77 2.96 -30.11 2.90
CA LYS A 77 2.35 -31.44 3.03
C LYS A 77 1.82 -31.94 1.68
N ILE A 78 1.41 -31.01 0.82
CA ILE A 78 0.87 -31.36 -0.51
C ILE A 78 1.87 -32.19 -1.32
N ILE A 79 3.17 -31.98 -1.06
CA ILE A 79 4.23 -32.69 -1.78
C ILE A 79 3.98 -34.21 -1.83
N PHE A 80 4.12 -34.89 -0.68
CA PHE A 80 3.91 -36.33 -0.60
C PHE A 80 4.73 -37.07 -1.67
N GLU A 81 6.04 -36.83 -1.71
CA GLU A 81 6.92 -37.47 -2.67
C GLU A 81 8.17 -38.03 -1.98
N GLY A 1 6.49 9.05 13.99
CA GLY A 1 5.66 8.87 12.77
C GLY A 1 4.82 10.10 12.44
N GLU A 2 5.50 11.25 12.27
CA GLU A 2 4.82 12.51 11.94
C GLU A 2 3.80 12.92 13.01
N ASN A 3 4.26 13.72 13.97
CA ASN A 3 3.39 14.19 15.05
C ASN A 3 2.65 15.48 14.64
N SER A 4 1.63 15.83 15.41
CA SER A 4 0.81 17.03 15.15
C SER A 4 -0.09 16.82 13.94
N ALA A 5 -1.26 17.46 13.96
CA ALA A 5 -2.25 17.34 12.87
C ALA A 5 -2.87 15.95 12.86
N PRO A 6 -4.13 15.83 12.35
CA PRO A 6 -4.84 14.55 12.30
C PRO A 6 -4.04 13.47 11.56
N VAL A 7 -3.57 12.48 12.31
CA VAL A 7 -2.79 11.38 11.74
C VAL A 7 -3.65 10.55 10.77
N GLY A 8 -3.11 10.30 9.59
CA GLY A 8 -3.84 9.53 8.58
C GLY A 8 -4.38 10.41 7.47
N ALA A 9 -5.04 11.50 7.85
CA ALA A 9 -5.59 12.45 6.88
C ALA A 9 -4.49 13.13 6.08
N ALA A 10 -3.37 13.42 6.74
CA ALA A 10 -2.23 14.07 6.10
C ALA A 10 -1.70 13.23 4.93
N ILE A 11 -1.65 11.91 5.13
CA ILE A 11 -1.17 11.00 4.09
C ILE A 11 -2.28 10.61 3.11
N ALA A 12 -3.54 10.72 3.55
CA ALA A 12 -4.68 10.37 2.70
C ALA A 12 -4.71 11.21 1.43
N ASN A 13 -4.13 12.42 1.49
CA ASN A 13 -4.09 13.31 0.33
C ASN A 13 -2.96 12.91 -0.62
N PHE A 14 -1.92 12.29 -0.08
CA PHE A 14 -0.78 11.84 -0.87
C PHE A 14 -1.22 10.88 -1.99
N LEU A 15 -2.26 10.09 -1.72
CA LEU A 15 -2.78 9.15 -2.71
C LEU A 15 -3.84 9.80 -3.60
N GLU A 16 -4.21 9.13 -4.68
CA GLU A 16 -5.20 9.65 -5.62
C GLU A 16 -6.58 9.03 -5.34
N PRO A 17 -7.67 9.73 -5.76
CA PRO A 17 -9.03 9.24 -5.55
C PRO A 17 -9.24 7.82 -6.09
N GLN A 18 -8.76 7.58 -7.32
CA GLN A 18 -8.87 6.26 -7.94
C GLN A 18 -7.98 5.26 -7.21
N ALA A 19 -6.77 5.68 -6.86
CA ALA A 19 -5.83 4.83 -6.15
C ALA A 19 -6.39 4.39 -4.79
N LEU A 20 -7.03 5.32 -4.09
CA LEU A 20 -7.62 5.05 -2.78
C LEU A 20 -8.68 3.94 -2.87
N GLU A 21 -9.53 4.01 -3.89
CA GLU A 21 -10.57 3.01 -4.10
C GLU A 21 -9.97 1.62 -4.30
N ARG A 22 -8.87 1.56 -5.07
CA ARG A 22 -8.19 0.29 -5.32
C ARG A 22 -7.59 -0.29 -4.05
N LEU A 23 -6.90 0.56 -3.27
CA LEU A 23 -6.29 0.12 -2.02
C LEU A 23 -7.33 -0.43 -1.06
N SER A 24 -8.52 0.19 -1.06
CA SER A 24 -9.62 -0.26 -0.20
C SER A 24 -10.09 -1.66 -0.60
N ARG A 25 -10.14 -1.90 -1.92
CA ARG A 25 -10.58 -3.20 -2.44
C ARG A 25 -9.59 -4.30 -2.06
N VAL A 26 -8.29 -4.03 -2.22
CA VAL A 26 -7.27 -5.02 -1.88
C VAL A 26 -7.22 -5.28 -0.37
N ALA A 27 -7.38 -4.23 0.43
CA ALA A 27 -7.36 -4.35 1.89
C ALA A 27 -8.42 -5.34 2.40
N LEU A 28 -9.50 -5.53 1.62
CA LEU A 28 -10.57 -6.44 2.00
C LEU A 28 -10.16 -7.90 1.77
N VAL A 29 -9.26 -8.11 0.80
CA VAL A 29 -8.79 -9.45 0.47
C VAL A 29 -7.45 -9.75 1.15
N ARG A 30 -6.49 -8.85 0.96
CA ARG A 30 -5.17 -9.00 1.56
C ARG A 30 -4.75 -7.70 2.24
N ARG A 31 -5.17 -7.52 3.49
CA ARG A 31 -4.83 -6.32 4.26
C ARG A 31 -3.31 -6.15 4.36
N ASP A 32 -2.59 -7.27 4.40
CA ASP A 32 -1.13 -7.26 4.50
C ASP A 32 -0.51 -6.42 3.38
N ARG A 33 -1.02 -6.61 2.16
CA ARG A 33 -0.52 -5.87 1.00
C ARG A 33 -0.81 -4.38 1.13
N ALA A 34 -2.05 -4.04 1.46
CA ALA A 34 -2.46 -2.64 1.62
C ALA A 34 -1.74 -1.99 2.80
N GLN A 35 -1.52 -2.78 3.86
CA GLN A 35 -0.84 -2.28 5.06
C GLN A 35 0.58 -1.82 4.73
N ALA A 36 1.26 -2.56 3.87
CA ALA A 36 2.62 -2.22 3.47
C ALA A 36 2.62 -1.00 2.54
N VAL A 37 1.55 -0.83 1.76
CA VAL A 37 1.45 0.31 0.84
C VAL A 37 1.33 1.62 1.61
N GLU A 38 0.44 1.67 2.61
CA GLU A 38 0.23 2.87 3.42
C GLU A 38 1.46 3.15 4.29
N THR A 39 2.05 2.09 4.83
CA THR A 39 3.23 2.22 5.68
C THR A 39 4.46 2.63 4.86
N TYR A 40 4.52 2.17 3.61
CA TYR A 40 5.62 2.49 2.71
C TYR A 40 5.64 3.99 2.39
N LEU A 41 4.47 4.54 2.06
CA LEU A 41 4.34 5.96 1.73
C LEU A 41 4.68 6.84 2.93
N LYS A 42 4.13 6.51 4.10
CA LYS A 42 4.39 7.28 5.31
C LYS A 42 5.88 7.27 5.67
N LYS A 43 6.56 6.15 5.39
CA LYS A 43 7.99 6.02 5.67
C LYS A 43 8.79 7.03 4.84
N LEU A 44 8.48 7.11 3.55
CA LEU A 44 9.18 8.04 2.65
C LEU A 44 8.97 9.49 3.09
N ILE A 45 7.71 9.83 3.42
CA ILE A 45 7.37 11.18 3.86
C ILE A 45 8.09 11.52 5.17
N ALA A 46 8.21 10.52 6.05
CA ALA A 46 8.87 10.72 7.35
C ALA A 46 10.37 10.95 7.19
N THR A 47 10.99 10.26 6.23
CA THR A 47 12.43 10.39 6.01
C THR A 47 12.76 11.72 5.32
N ASN A 48 12.26 11.90 4.09
CA ASN A 48 12.51 13.13 3.33
C ASN A 48 11.70 13.18 2.03
N ASN A 49 11.52 12.02 1.39
CA ASN A 49 10.76 11.95 0.14
C ASN A 49 9.29 12.28 0.35
N VAL A 50 8.97 13.56 0.28
CA VAL A 50 7.61 14.04 0.47
C VAL A 50 7.06 14.69 -0.81
N THR A 51 7.61 14.28 -1.95
CA THR A 51 7.17 14.81 -3.24
C THR A 51 6.84 13.66 -4.20
N HIS A 52 6.34 12.56 -3.64
CA HIS A 52 5.97 11.39 -4.44
C HIS A 52 4.54 10.95 -4.13
N LYS A 53 3.83 10.48 -5.16
CA LYS A 53 2.44 10.03 -5.01
C LYS A 53 2.27 8.60 -5.52
N ILE A 54 1.34 7.87 -4.93
CA ILE A 54 1.06 6.48 -5.33
C ILE A 54 -0.22 6.39 -6.16
N THR A 55 -0.06 6.24 -7.48
CA THR A 55 -1.19 6.12 -8.38
C THR A 55 -1.63 4.66 -8.51
N GLU A 56 -2.72 4.42 -9.25
CA GLU A 56 -3.22 3.06 -9.45
C GLU A 56 -2.13 2.14 -10.02
N ALA A 57 -1.28 2.69 -10.88
CA ALA A 57 -0.20 1.93 -11.48
C ALA A 57 0.87 1.60 -10.44
N GLU A 58 1.19 2.59 -9.60
CA GLU A 58 2.19 2.41 -8.54
C GLU A 58 1.73 1.37 -7.52
N ILE A 59 0.43 1.38 -7.20
CA ILE A 59 -0.12 0.44 -6.22
C ILE A 59 0.05 -1.00 -6.70
N VAL A 60 -0.24 -1.23 -7.99
CA VAL A 60 -0.12 -2.57 -8.55
C VAL A 60 1.29 -3.12 -8.33
N SER A 61 2.30 -2.29 -8.63
CA SER A 61 3.69 -2.70 -8.45
C SER A 61 3.99 -2.96 -6.98
N ILE A 62 3.55 -2.05 -6.10
CA ILE A 62 3.76 -2.21 -4.67
C ILE A 62 3.15 -3.51 -4.16
N LEU A 63 1.92 -3.79 -4.59
CA LEU A 63 1.22 -5.01 -4.19
C LEU A 63 1.98 -6.24 -4.66
N ASN A 64 2.48 -6.19 -5.91
CA ASN A 64 3.24 -7.28 -6.50
C ASN A 64 4.57 -7.50 -5.77
N GLY A 65 5.21 -6.40 -5.38
CA GLY A 65 6.48 -6.49 -4.68
C GLY A 65 6.28 -6.94 -3.24
N ILE A 66 5.27 -6.38 -2.60
CA ILE A 66 4.94 -6.72 -1.22
C ILE A 66 4.61 -8.22 -1.10
N ALA A 67 3.85 -8.73 -2.06
CA ALA A 67 3.48 -10.14 -2.06
C ALA A 67 4.68 -11.03 -2.35
N LYS A 68 5.46 -10.67 -3.38
CA LYS A 68 6.64 -11.44 -3.75
C LYS A 68 7.68 -11.43 -2.63
N GLN A 69 7.79 -10.31 -1.92
CA GLN A 69 8.73 -10.17 -0.81
C GLN A 69 8.38 -11.11 0.34
N GLN A 70 7.07 -11.25 0.60
CA GLN A 70 6.60 -12.13 1.67
C GLN A 70 6.65 -13.60 1.26
N ASN A 71 6.53 -14.49 2.25
CA ASN A 71 6.55 -15.93 1.99
C ASN A 71 5.24 -16.59 2.42
N SER A 72 4.13 -15.91 2.20
CA SER A 72 2.81 -16.43 2.57
C SER A 72 2.07 -16.94 1.34
N GLN A 73 1.97 -18.27 1.22
CA GLN A 73 1.29 -18.89 0.08
C GLN A 73 0.39 -20.04 0.53
N ASN A 74 1.00 -21.07 1.12
CA ASN A 74 0.26 -22.25 1.60
C ASN A 74 -0.53 -22.90 0.46
N ASN A 75 0.03 -22.87 -0.76
CA ASN A 75 -0.62 -23.45 -1.93
C ASN A 75 -0.06 -24.83 -2.24
N SER A 76 -0.96 -25.82 -2.36
CA SER A 76 -0.55 -27.19 -2.67
C SER A 76 -1.57 -27.84 -3.61
N LYS A 77 -1.18 -27.98 -4.88
CA LYS A 77 -2.03 -28.58 -5.90
C LYS A 77 -3.27 -27.71 -6.15
N ILE A 78 -3.14 -26.40 -5.95
CA ILE A 78 -4.23 -25.45 -6.17
C ILE A 78 -3.81 -24.33 -7.12
N ILE A 79 -2.89 -24.64 -8.03
CA ILE A 79 -2.41 -23.65 -9.01
C ILE A 79 -2.97 -23.94 -10.40
N PHE A 80 -4.13 -24.59 -10.44
CA PHE A 80 -4.79 -24.93 -11.71
C PHE A 80 -5.90 -23.93 -12.04
N GLU A 81 -5.73 -22.68 -11.61
CA GLU A 81 -6.71 -21.64 -11.85
C GLU A 81 -6.03 -20.29 -12.06
N GLY A 1 -1.53 14.62 24.48
CA GLY A 1 -1.04 14.73 23.07
C GLY A 1 0.13 13.82 22.80
N GLU A 2 1.35 14.31 23.07
CA GLU A 2 2.57 13.54 22.85
C GLU A 2 2.72 13.11 21.38
N ASN A 3 2.23 13.94 20.47
CA ASN A 3 2.31 13.65 19.04
C ASN A 3 2.44 14.94 18.23
N SER A 4 3.68 15.38 18.01
CA SER A 4 3.93 16.60 17.25
C SER A 4 3.72 16.37 15.75
N ALA A 5 2.96 17.28 15.13
CA ALA A 5 2.65 17.22 13.70
C ALA A 5 1.71 16.04 13.39
N PRO A 6 0.97 16.14 12.26
CA PRO A 6 0.01 15.08 11.85
C PRO A 6 0.67 13.72 11.69
N VAL A 7 -0.15 12.67 11.69
CA VAL A 7 0.34 11.30 11.55
C VAL A 7 -0.53 10.50 10.59
N GLY A 8 -0.86 11.10 9.45
CA GLY A 8 -1.68 10.44 8.45
C GLY A 8 -2.42 11.41 7.56
N ALA A 9 -2.95 12.49 8.16
CA ALA A 9 -3.69 13.51 7.40
C ALA A 9 -2.76 14.25 6.44
N ALA A 10 -1.51 14.44 6.84
CA ALA A 10 -0.53 15.15 6.00
C ALA A 10 -0.15 14.31 4.77
N ILE A 11 0.02 13.00 4.98
CA ILE A 11 0.38 12.10 3.88
C ILE A 11 -0.84 11.69 3.05
N ALA A 12 -2.04 11.85 3.61
CA ALA A 12 -3.28 11.52 2.90
C ALA A 12 -3.43 12.31 1.61
N ASN A 13 -2.78 13.48 1.56
CA ASN A 13 -2.83 14.35 0.37
C ASN A 13 -1.86 13.86 -0.70
N PHE A 14 -0.80 13.17 -0.27
CA PHE A 14 0.20 12.64 -1.20
C PHE A 14 -0.43 11.66 -2.18
N LEU A 15 -1.50 10.98 -1.77
CA LEU A 15 -2.18 10.02 -2.62
C LEU A 15 -2.96 10.73 -3.73
N GLU A 16 -3.19 10.03 -4.84
CA GLU A 16 -3.92 10.59 -5.97
C GLU A 16 -5.43 10.43 -5.79
N PRO A 17 -6.22 11.42 -6.25
CA PRO A 17 -7.69 11.37 -6.14
C PRO A 17 -8.29 10.09 -6.71
N GLN A 18 -7.84 9.70 -7.90
CA GLN A 18 -8.33 8.48 -8.55
C GLN A 18 -7.88 7.24 -7.79
N ALA A 19 -6.60 7.21 -7.41
CA ALA A 19 -6.05 6.08 -6.66
C ALA A 19 -6.75 5.91 -5.33
N LEU A 20 -7.12 7.05 -4.70
CA LEU A 20 -7.80 7.02 -3.41
C LEU A 20 -9.13 6.26 -3.50
N GLU A 21 -9.88 6.51 -4.59
CA GLU A 21 -11.16 5.83 -4.80
C GLU A 21 -10.96 4.33 -4.95
N ARG A 22 -9.95 3.94 -5.73
CA ARG A 22 -9.64 2.52 -5.96
C ARG A 22 -9.24 1.83 -4.66
N LEU A 23 -8.44 2.53 -3.83
CA LEU A 23 -7.99 1.98 -2.55
C LEU A 23 -9.17 1.68 -1.64
N SER A 24 -10.19 2.54 -1.67
CA SER A 24 -11.38 2.36 -0.83
C SER A 24 -12.14 1.09 -1.25
N ARG A 25 -12.17 0.82 -2.56
CA ARG A 25 -12.85 -0.35 -3.09
C ARG A 25 -12.16 -1.64 -2.66
N VAL A 26 -10.82 -1.67 -2.76
CA VAL A 26 -10.05 -2.84 -2.38
C VAL A 26 -10.09 -3.06 -0.87
N ALA A 27 -10.01 -1.97 -0.10
CA ALA A 27 -10.04 -2.04 1.36
C ALA A 27 -11.32 -2.70 1.87
N LEU A 28 -12.40 -2.58 1.09
CA LEU A 28 -13.70 -3.16 1.47
C LEU A 28 -13.60 -4.70 1.54
N VAL A 29 -12.75 -5.27 0.70
CA VAL A 29 -12.57 -6.72 0.66
C VAL A 29 -11.30 -7.14 1.38
N ARG A 30 -10.15 -6.64 0.92
CA ARG A 30 -8.86 -6.97 1.52
C ARG A 30 -8.20 -5.72 2.10
N ARG A 31 -8.50 -5.43 3.36
CA ARG A 31 -7.94 -4.26 4.03
C ARG A 31 -6.41 -4.34 4.10
N ASP A 32 -5.89 -5.57 4.18
CA ASP A 32 -4.44 -5.79 4.24
C ASP A 32 -3.73 -5.14 3.05
N ARG A 33 -4.33 -5.26 1.87
CA ARG A 33 -3.76 -4.68 0.66
C ARG A 33 -3.76 -3.15 0.73
N ALA A 34 -4.90 -2.58 1.11
CA ALA A 34 -5.06 -1.13 1.20
C ALA A 34 -4.19 -0.53 2.32
N GLN A 35 -4.13 -1.20 3.47
CA GLN A 35 -3.34 -0.72 4.61
C GLN A 35 -1.84 -0.78 4.30
N ALA A 36 -1.43 -1.79 3.53
CA ALA A 36 -0.03 -1.94 3.17
C ALA A 36 0.41 -0.84 2.19
N VAL A 37 -0.54 -0.38 1.36
CA VAL A 37 -0.24 0.68 0.39
C VAL A 37 -0.01 2.01 1.09
N GLU A 38 -0.92 2.38 1.99
CA GLU A 38 -0.81 3.63 2.74
C GLU A 38 0.37 3.61 3.70
N THR A 39 0.59 2.46 4.34
CA THR A 39 1.71 2.30 5.27
C THR A 39 3.04 2.30 4.51
N TYR A 40 3.03 1.77 3.29
CA TYR A 40 4.22 1.71 2.46
C TYR A 40 4.66 3.14 2.06
N LEU A 41 3.70 3.95 1.60
CA LEU A 41 3.99 5.32 1.20
C LEU A 41 4.44 6.18 2.39
N LYS A 42 3.73 6.06 3.52
CA LYS A 42 4.07 6.86 4.70
C LYS A 42 5.46 6.52 5.25
N LYS A 43 5.87 5.25 5.18
CA LYS A 43 7.18 4.85 5.66
C LYS A 43 8.29 5.43 4.79
N LEU A 44 8.05 5.51 3.47
CA LEU A 44 9.02 6.06 2.54
C LEU A 44 9.19 7.57 2.75
N ILE A 45 8.08 8.27 2.95
CA ILE A 45 8.12 9.72 3.17
C ILE A 45 8.75 10.04 4.53
N ALA A 46 8.39 9.25 5.55
CA ALA A 46 8.92 9.44 6.90
C ALA A 46 10.42 9.19 6.96
N THR A 47 10.93 8.32 6.09
CA THR A 47 12.35 8.01 6.05
C THR A 47 13.12 9.08 5.28
N ASN A 48 12.81 9.21 3.98
CA ASN A 48 13.47 10.20 3.12
C ASN A 48 12.94 10.18 1.68
N ASN A 49 12.47 9.02 1.22
CA ASN A 49 11.96 8.88 -0.15
C ASN A 49 10.75 9.76 -0.38
N VAL A 50 10.99 10.92 -0.98
CA VAL A 50 9.92 11.87 -1.29
C VAL A 50 10.19 12.59 -2.61
N THR A 51 9.63 12.07 -3.70
CA THR A 51 9.80 12.67 -5.02
C THR A 51 8.77 12.12 -6.01
N HIS A 52 7.57 11.79 -5.51
CA HIS A 52 6.50 11.26 -6.36
C HIS A 52 5.23 10.99 -5.55
N LYS A 53 4.19 10.51 -6.23
CA LYS A 53 2.91 10.20 -5.59
C LYS A 53 2.35 8.88 -6.10
N ILE A 54 1.33 8.34 -5.42
CA ILE A 54 0.73 7.08 -5.83
C ILE A 54 -0.49 7.29 -6.72
N THR A 55 -0.27 7.24 -8.03
CA THR A 55 -1.35 7.41 -9.01
C THR A 55 -2.13 6.11 -9.16
N GLU A 56 -3.18 6.12 -9.99
CA GLU A 56 -3.98 4.92 -10.21
C GLU A 56 -3.12 3.75 -10.68
N ALA A 57 -2.14 4.05 -11.55
CA ALA A 57 -1.23 3.03 -12.07
C ALA A 57 -0.28 2.54 -10.97
N GLU A 58 0.26 3.48 -10.19
CA GLU A 58 1.20 3.16 -9.12
C GLU A 58 0.52 2.36 -8.01
N ILE A 59 -0.70 2.76 -7.63
CA ILE A 59 -1.42 2.08 -6.57
C ILE A 59 -1.73 0.63 -6.93
N VAL A 60 -2.05 0.38 -8.21
CA VAL A 60 -2.35 -0.98 -8.66
C VAL A 60 -1.10 -1.86 -8.57
N SER A 61 0.03 -1.33 -9.04
CA SER A 61 1.29 -2.07 -9.00
C SER A 61 1.70 -2.39 -7.56
N ILE A 62 1.59 -1.40 -6.67
CA ILE A 62 1.93 -1.60 -5.26
C ILE A 62 1.02 -2.66 -4.64
N LEU A 63 -0.27 -2.58 -4.95
CA LEU A 63 -1.24 -3.53 -4.43
C LEU A 63 -0.93 -4.95 -4.92
N ASN A 64 -0.53 -5.06 -6.19
CA ASN A 64 -0.20 -6.35 -6.79
C ASN A 64 1.03 -6.96 -6.11
N GLY A 65 1.96 -6.10 -5.69
CA GLY A 65 3.15 -6.58 -5.01
C GLY A 65 2.85 -7.03 -3.59
N ILE A 66 1.94 -6.32 -2.93
CA ILE A 66 1.54 -6.64 -1.57
C ILE A 66 1.02 -8.08 -1.48
N ALA A 67 0.26 -8.49 -2.49
CA ALA A 67 -0.29 -9.84 -2.53
C ALA A 67 0.79 -10.87 -2.89
N LYS A 68 1.76 -10.45 -3.72
CA LYS A 68 2.84 -11.33 -4.14
C LYS A 68 3.84 -11.59 -3.02
N GLN A 69 4.15 -10.55 -2.23
CA GLN A 69 5.11 -10.69 -1.12
C GLN A 69 4.66 -11.77 -0.12
N GLN A 70 3.35 -11.99 -0.03
CA GLN A 70 2.81 -13.01 0.88
C GLN A 70 2.99 -14.42 0.31
N ASN A 71 4.18 -14.99 0.53
CA ASN A 71 4.50 -16.33 0.04
C ASN A 71 4.39 -17.36 1.16
N SER A 72 4.17 -18.62 0.80
CA SER A 72 4.05 -19.70 1.78
C SER A 72 4.65 -21.00 1.23
N GLN A 73 5.73 -21.47 1.88
CA GLN A 73 6.40 -22.70 1.48
C GLN A 73 7.01 -22.58 0.08
N ASN A 74 7.75 -23.61 -0.34
CA ASN A 74 8.39 -23.61 -1.66
C ASN A 74 7.74 -24.65 -2.58
N ASN A 75 7.48 -25.84 -2.03
CA ASN A 75 6.87 -26.93 -2.79
C ASN A 75 7.83 -27.46 -3.85
N SER A 76 7.48 -28.61 -4.43
CA SER A 76 8.30 -29.23 -5.47
C SER A 76 7.54 -30.34 -6.19
N LYS A 77 7.23 -31.41 -5.47
CA LYS A 77 6.50 -32.55 -6.03
C LYS A 77 5.18 -32.77 -5.31
N ILE A 78 4.62 -31.70 -4.74
CA ILE A 78 3.36 -31.78 -4.02
C ILE A 78 2.19 -31.28 -4.88
N ILE A 79 2.48 -30.33 -5.79
CA ILE A 79 1.45 -29.77 -6.67
C ILE A 79 0.78 -30.87 -7.51
N PHE A 80 1.54 -31.45 -8.44
CA PHE A 80 1.04 -32.52 -9.31
C PHE A 80 -0.03 -32.00 -10.27
N GLU A 81 -1.20 -31.67 -9.74
CA GLU A 81 -2.30 -31.16 -10.57
C GLU A 81 -3.26 -30.29 -9.75
N GLY A 1 -5.45 14.06 24.70
CA GLY A 1 -5.82 13.11 25.78
C GLY A 1 -5.29 11.72 25.51
N GLU A 2 -6.06 10.92 24.77
CA GLU A 2 -5.65 9.56 24.42
C GLU A 2 -4.79 9.52 23.16
N ASN A 3 -5.12 10.39 22.20
CA ASN A 3 -4.38 10.47 20.94
C ASN A 3 -4.12 11.92 20.54
N SER A 4 -2.91 12.20 20.08
CA SER A 4 -2.52 13.54 19.65
C SER A 4 -1.57 13.50 18.46
N ALA A 5 -1.52 14.59 17.70
CA ALA A 5 -0.64 14.70 16.53
C ALA A 5 -1.15 13.83 15.38
N PRO A 6 -0.95 14.29 14.12
CA PRO A 6 -1.40 13.56 12.93
C PRO A 6 -0.54 12.33 12.64
N VAL A 7 -1.19 11.19 12.40
CA VAL A 7 -0.49 9.95 12.11
C VAL A 7 -1.07 9.31 10.85
N GLY A 8 -0.25 9.24 9.80
CA GLY A 8 -0.70 8.66 8.54
C GLY A 8 -1.20 9.71 7.56
N ALA A 9 -1.85 10.75 8.09
CA ALA A 9 -2.38 11.83 7.25
C ALA A 9 -1.26 12.60 6.55
N ALA A 10 -0.12 12.75 7.22
CA ALA A 10 1.02 13.46 6.64
C ALA A 10 1.46 12.84 5.31
N ILE A 11 1.23 11.54 5.16
CA ILE A 11 1.59 10.84 3.93
C ILE A 11 0.36 10.47 3.10
N ALA A 12 -0.79 10.33 3.77
CA ALA A 12 -2.05 9.99 3.09
C ALA A 12 -2.48 11.11 2.12
N ASN A 13 -2.03 12.34 2.41
CA ASN A 13 -2.35 13.49 1.55
C ASN A 13 -1.46 13.52 0.30
N PHE A 14 -0.48 12.63 0.24
CA PHE A 14 0.43 12.57 -0.91
C PHE A 14 -0.03 11.51 -1.92
N LEU A 15 -1.34 11.28 -1.99
CA LEU A 15 -1.91 10.31 -2.91
C LEU A 15 -3.09 10.92 -3.65
N GLU A 16 -3.26 10.55 -4.93
CA GLU A 16 -4.35 11.07 -5.74
C GLU A 16 -5.71 10.71 -5.14
N PRO A 17 -6.72 11.60 -5.30
CA PRO A 17 -8.07 11.37 -4.78
C PRO A 17 -8.72 10.11 -5.36
N GLN A 18 -8.60 9.95 -6.68
CA GLN A 18 -9.18 8.78 -7.36
C GLN A 18 -8.52 7.49 -6.86
N ALA A 19 -7.19 7.53 -6.72
CA ALA A 19 -6.44 6.37 -6.25
C ALA A 19 -6.78 6.05 -4.79
N LEU A 20 -6.85 7.09 -3.96
CA LEU A 20 -7.19 6.93 -2.55
C LEU A 20 -8.60 6.37 -2.38
N GLU A 21 -9.51 6.77 -3.25
CA GLU A 21 -10.90 6.32 -3.18
C GLU A 21 -10.98 4.79 -3.30
N ARG A 22 -10.28 4.23 -4.28
CA ARG A 22 -10.27 2.77 -4.48
C ARG A 22 -9.41 2.09 -3.41
N LEU A 23 -8.34 2.76 -2.99
CA LEU A 23 -7.44 2.22 -1.97
C LEU A 23 -8.20 1.89 -0.69
N SER A 24 -9.20 2.73 -0.37
CA SER A 24 -10.01 2.51 0.83
C SER A 24 -10.83 1.23 0.69
N ARG A 25 -11.35 0.99 -0.52
CA ARG A 25 -12.16 -0.20 -0.79
C ARG A 25 -11.33 -1.48 -0.61
N VAL A 26 -10.11 -1.50 -1.15
CA VAL A 26 -9.24 -2.67 -1.03
C VAL A 26 -8.87 -2.92 0.44
N ALA A 27 -8.61 -1.85 1.18
CA ALA A 27 -8.25 -1.97 2.60
C ALA A 27 -9.28 -2.79 3.39
N LEU A 28 -10.55 -2.73 2.98
CA LEU A 28 -11.61 -3.47 3.65
C LEU A 28 -11.48 -4.97 3.39
N VAL A 29 -10.93 -5.32 2.22
CA VAL A 29 -10.74 -6.72 1.84
C VAL A 29 -9.34 -7.21 2.22
N ARG A 30 -8.32 -6.51 1.72
CA ARG A 30 -6.94 -6.88 2.01
C ARG A 30 -6.15 -5.67 2.51
N ARG A 31 -6.20 -5.44 3.82
CA ARG A 31 -5.49 -4.32 4.43
C ARG A 31 -3.98 -4.42 4.19
N ASP A 32 -3.46 -5.65 4.11
CA ASP A 32 -2.03 -5.88 3.90
C ASP A 32 -1.52 -5.15 2.66
N ARG A 33 -2.29 -5.21 1.57
CA ARG A 33 -1.89 -4.56 0.33
C ARG A 33 -1.86 -3.04 0.51
N ALA A 34 -2.93 -2.49 1.08
CA ALA A 34 -3.01 -1.04 1.33
C ALA A 34 -1.97 -0.59 2.35
N GLN A 35 -1.72 -1.44 3.35
CA GLN A 35 -0.76 -1.14 4.41
C GLN A 35 0.64 -0.94 3.82
N ALA A 36 1.02 -1.80 2.89
CA ALA A 36 2.34 -1.69 2.27
C ALA A 36 2.44 -0.46 1.37
N VAL A 37 1.31 -0.05 0.78
CA VAL A 37 1.29 1.12 -0.10
C VAL A 37 1.60 2.39 0.70
N GLU A 38 0.93 2.54 1.85
CA GLU A 38 1.14 3.71 2.70
C GLU A 38 2.58 3.75 3.24
N THR A 39 3.13 2.58 3.53
CA THR A 39 4.50 2.49 4.05
C THR A 39 5.52 2.77 2.94
N TYR A 40 5.16 2.39 1.71
CA TYR A 40 6.02 2.61 0.56
C TYR A 40 6.16 4.11 0.27
N LEU A 41 5.04 4.83 0.32
CA LEU A 41 5.03 6.27 0.07
C LEU A 41 5.86 7.03 1.10
N LYS A 42 5.67 6.71 2.37
CA LYS A 42 6.42 7.36 3.45
C LYS A 42 7.93 7.16 3.28
N LYS A 43 8.31 5.99 2.76
CA LYS A 43 9.72 5.68 2.56
C LYS A 43 10.34 6.64 1.52
N LEU A 44 9.63 6.84 0.40
CA LEU A 44 10.09 7.74 -0.66
C LEU A 44 10.16 9.18 -0.16
N ILE A 45 9.10 9.63 0.50
CA ILE A 45 9.05 11.00 1.01
C ILE A 45 10.09 11.21 2.13
N ALA A 46 10.24 10.20 3.00
CA ALA A 46 11.19 10.28 4.09
C ALA A 46 12.64 10.24 3.60
N THR A 47 12.88 9.45 2.55
CA THR A 47 14.24 9.34 2.00
C THR A 47 14.63 10.62 1.26
N ASN A 48 13.84 10.98 0.25
CA ASN A 48 14.10 12.19 -0.54
C ASN A 48 13.07 12.39 -1.66
N ASN A 49 12.54 11.28 -2.19
CA ASN A 49 11.55 11.34 -3.27
C ASN A 49 10.31 12.11 -2.85
N VAL A 50 10.26 13.37 -3.22
CA VAL A 50 9.14 14.25 -2.90
C VAL A 50 8.82 15.17 -4.08
N THR A 51 8.87 14.61 -5.29
CA THR A 51 8.59 15.38 -6.50
C THR A 51 7.47 14.71 -7.33
N HIS A 52 6.60 13.96 -6.65
CA HIS A 52 5.49 13.27 -7.31
C HIS A 52 4.57 12.61 -6.28
N LYS A 53 3.44 12.07 -6.75
CA LYS A 53 2.49 11.40 -5.88
C LYS A 53 2.05 10.08 -6.48
N ILE A 54 1.66 9.13 -5.63
CA ILE A 54 1.22 7.82 -6.10
C ILE A 54 -0.13 7.92 -6.81
N THR A 55 -0.08 8.08 -8.13
CA THR A 55 -1.29 8.19 -8.94
C THR A 55 -1.97 6.83 -9.08
N GLU A 56 -3.09 6.80 -9.79
CA GLU A 56 -3.83 5.55 -10.00
C GLU A 56 -2.92 4.48 -10.61
N ALA A 57 -2.07 4.90 -11.55
CA ALA A 57 -1.14 3.97 -12.20
C ALA A 57 -0.04 3.49 -11.24
N GLU A 58 0.44 4.41 -10.40
CA GLU A 58 1.50 4.10 -9.44
C GLU A 58 0.99 3.22 -8.30
N ILE A 59 -0.20 3.54 -7.79
CA ILE A 59 -0.80 2.77 -6.68
C ILE A 59 -1.06 1.32 -7.08
N VAL A 60 -1.50 1.10 -8.32
CA VAL A 60 -1.78 -0.26 -8.80
C VAL A 60 -0.48 -1.06 -8.88
N SER A 61 0.58 -0.44 -9.40
CA SER A 61 1.88 -1.09 -9.53
C SER A 61 2.38 -1.55 -8.16
N ILE A 62 2.24 -0.67 -7.15
CA ILE A 62 2.68 -1.00 -5.80
C ILE A 62 1.80 -2.10 -5.20
N LEU A 63 0.48 -1.95 -5.34
CA LEU A 63 -0.46 -2.93 -4.83
C LEU A 63 -0.23 -4.30 -5.47
N ASN A 64 -0.03 -4.31 -6.80
CA ASN A 64 0.19 -5.54 -7.54
C ASN A 64 1.52 -6.19 -7.16
N GLY A 65 2.54 -5.35 -6.92
CA GLY A 65 3.85 -5.86 -6.53
C GLY A 65 3.85 -6.34 -5.10
N ILE A 66 3.12 -5.63 -4.25
CA ILE A 66 3.01 -5.98 -2.84
C ILE A 66 2.46 -7.41 -2.67
N ALA A 67 1.49 -7.76 -3.52
CA ALA A 67 0.90 -9.10 -3.47
C ALA A 67 1.88 -10.15 -3.97
N LYS A 68 2.71 -9.78 -4.95
CA LYS A 68 3.70 -10.71 -5.51
C LYS A 68 4.63 -11.24 -4.42
N GLN A 69 4.96 -10.38 -3.45
CA GLN A 69 5.85 -10.77 -2.34
C GLN A 69 5.24 -11.91 -1.52
N GLN A 70 3.90 -11.93 -1.42
CA GLN A 70 3.20 -12.97 -0.66
C GLN A 70 3.31 -14.33 -1.35
N ASN A 71 4.03 -15.25 -0.70
CA ASN A 71 4.21 -16.60 -1.24
C ASN A 71 4.71 -17.56 -0.18
N SER A 72 3.93 -18.60 0.10
CA SER A 72 4.29 -19.59 1.11
C SER A 72 3.93 -21.00 0.64
N GLN A 73 4.91 -21.91 0.69
CA GLN A 73 4.72 -23.30 0.28
C GLN A 73 4.54 -23.39 -1.25
N ASN A 74 3.38 -22.96 -1.75
CA ASN A 74 3.10 -23.00 -3.19
C ASN A 74 3.24 -24.41 -3.77
N ASN A 75 3.14 -25.44 -2.90
CA ASN A 75 3.26 -26.83 -3.33
C ASN A 75 2.14 -27.68 -2.71
N SER A 76 1.00 -27.04 -2.44
CA SER A 76 -0.14 -27.74 -1.84
C SER A 76 -1.11 -28.21 -2.92
N LYS A 77 -1.65 -29.41 -2.74
CA LYS A 77 -2.59 -30.01 -3.69
C LYS A 77 -1.89 -30.35 -5.02
N ILE A 78 -0.56 -30.32 -5.02
CA ILE A 78 0.22 -30.62 -6.21
C ILE A 78 1.08 -31.87 -6.00
N ILE A 79 1.60 -32.04 -4.78
CA ILE A 79 2.45 -33.19 -4.44
C ILE A 79 1.72 -34.50 -4.75
N PHE A 80 0.58 -34.72 -4.09
CA PHE A 80 -0.22 -35.93 -4.28
C PHE A 80 0.48 -37.16 -3.71
N GLU A 81 1.61 -37.54 -4.31
CA GLU A 81 2.37 -38.70 -3.86
C GLU A 81 3.81 -38.30 -3.52
N GLY A 1 -6.83 23.99 16.13
CA GLY A 1 -6.47 23.36 17.44
C GLY A 1 -4.99 23.47 17.75
N GLU A 2 -4.43 22.39 18.31
CA GLU A 2 -3.01 22.35 18.66
C GLU A 2 -2.36 21.04 18.20
N ASN A 3 -1.61 21.10 17.11
CA ASN A 3 -0.93 19.91 16.57
C ASN A 3 0.30 19.57 17.39
N SER A 4 0.71 18.30 17.35
CA SER A 4 1.88 17.85 18.09
C SER A 4 2.48 16.57 17.48
N ALA A 5 3.49 16.76 16.63
CA ALA A 5 4.18 15.64 15.96
C ALA A 5 3.25 14.90 14.99
N PRO A 6 3.47 15.06 13.67
CA PRO A 6 2.65 14.41 12.65
C PRO A 6 2.91 12.90 12.56
N VAL A 7 1.93 12.18 12.02
CA VAL A 7 2.03 10.73 11.88
C VAL A 7 0.94 10.21 10.93
N GLY A 8 0.99 10.65 9.67
CA GLY A 8 0.00 10.22 8.69
C GLY A 8 -0.43 11.35 7.77
N ALA A 9 -0.58 12.55 8.33
CA ALA A 9 -1.00 13.72 7.56
C ALA A 9 -0.02 14.03 6.43
N ALA A 10 1.28 13.85 6.70
CA ALA A 10 2.33 14.11 5.71
C ALA A 10 2.19 13.17 4.51
N ILE A 11 1.87 11.91 4.77
CA ILE A 11 1.72 10.91 3.71
C ILE A 11 0.29 10.90 3.16
N ALA A 12 -0.68 11.36 3.96
CA ALA A 12 -2.08 11.41 3.54
C ALA A 12 -2.23 12.18 2.22
N ASN A 13 -1.39 13.19 2.03
CA ASN A 13 -1.42 14.00 0.80
C ASN A 13 -0.66 13.29 -0.32
N PHE A 14 0.31 12.46 0.05
CA PHE A 14 1.10 11.71 -0.92
C PHE A 14 0.22 10.69 -1.65
N LEU A 15 -0.76 10.14 -0.95
CA LEU A 15 -1.67 9.15 -1.54
C LEU A 15 -2.61 9.82 -2.55
N GLU A 16 -2.90 9.13 -3.64
CA GLU A 16 -3.78 9.67 -4.67
C GLU A 16 -5.25 9.41 -4.31
N PRO A 17 -6.12 10.40 -4.55
CA PRO A 17 -7.57 10.28 -4.26
C PRO A 17 -8.18 9.04 -4.89
N GLN A 18 -7.80 8.75 -6.13
CA GLN A 18 -8.32 7.58 -6.84
C GLN A 18 -7.84 6.29 -6.19
N ALA A 19 -6.54 6.23 -5.87
CA ALA A 19 -5.95 5.06 -5.22
C ALA A 19 -6.57 4.81 -3.85
N LEU A 20 -6.92 5.89 -3.15
CA LEU A 20 -7.52 5.78 -1.82
C LEU A 20 -8.92 5.17 -1.91
N GLU A 21 -9.65 5.50 -2.99
CA GLU A 21 -11.00 4.99 -3.20
C GLU A 21 -11.01 3.47 -3.34
N ARG A 22 -10.10 2.95 -4.18
CA ARG A 22 -10.02 1.50 -4.39
C ARG A 22 -9.44 0.79 -3.17
N LEU A 23 -8.52 1.46 -2.47
CA LEU A 23 -7.90 0.91 -1.26
C LEU A 23 -8.95 0.66 -0.18
N SER A 24 -9.98 1.50 -0.13
CA SER A 24 -11.05 1.36 0.85
C SER A 24 -11.83 0.07 0.62
N ARG A 25 -12.02 -0.28 -0.65
CA ARG A 25 -12.75 -1.50 -1.02
C ARG A 25 -11.99 -2.75 -0.56
N VAL A 26 -10.68 -2.77 -0.81
CA VAL A 26 -9.86 -3.91 -0.42
C VAL A 26 -9.71 -4.00 1.10
N ALA A 27 -9.55 -2.84 1.76
CA ALA A 27 -9.42 -2.79 3.21
C ALA A 27 -10.65 -3.38 3.92
N LEU A 28 -11.82 -3.24 3.28
CA LEU A 28 -13.06 -3.76 3.85
C LEU A 28 -13.04 -5.29 3.94
N VAL A 29 -12.40 -5.92 2.95
CA VAL A 29 -12.31 -7.38 2.92
C VAL A 29 -11.03 -7.86 3.59
N ARG A 30 -9.89 -7.37 3.09
CA ARG A 30 -8.58 -7.74 3.63
C ARG A 30 -7.78 -6.49 3.99
N ARG A 31 -7.87 -6.08 5.26
CA ARG A 31 -7.14 -4.90 5.73
C ARG A 31 -5.63 -5.08 5.55
N ASP A 32 -5.15 -6.32 5.67
CA ASP A 32 -3.73 -6.63 5.53
C ASP A 32 -3.19 -6.14 4.18
N ARG A 33 -3.95 -6.38 3.12
CA ARG A 33 -3.54 -5.96 1.78
C ARG A 33 -3.51 -4.43 1.68
N ALA A 34 -4.60 -3.79 2.11
CA ALA A 34 -4.71 -2.34 2.06
C ALA A 34 -3.71 -1.64 2.99
N GLN A 35 -3.52 -2.19 4.19
CA GLN A 35 -2.59 -1.62 5.16
C GLN A 35 -1.14 -1.75 4.66
N ALA A 36 -0.84 -2.87 4.02
CA ALA A 36 0.50 -3.10 3.49
C ALA A 36 0.86 -2.06 2.43
N VAL A 37 -0.13 -1.64 1.64
CA VAL A 37 0.08 -0.63 0.62
C VAL A 37 0.42 0.72 1.24
N GLU A 38 -0.38 1.13 2.24
CA GLU A 38 -0.17 2.40 2.93
C GLU A 38 1.13 2.37 3.74
N THR A 39 1.33 1.28 4.48
CA THR A 39 2.53 1.12 5.29
C THR A 39 3.78 1.05 4.39
N TYR A 40 3.62 0.49 3.19
CA TYR A 40 4.71 0.36 2.23
C TYR A 40 5.18 1.73 1.74
N LEU A 41 4.21 2.59 1.38
CA LEU A 41 4.52 3.93 0.89
C LEU A 41 5.23 4.76 1.97
N LYS A 42 4.71 4.73 3.20
CA LYS A 42 5.30 5.48 4.31
C LYS A 42 6.72 5.02 4.58
N LYS A 43 6.99 3.72 4.39
CA LYS A 43 8.32 3.16 4.61
C LYS A 43 9.33 3.78 3.65
N LEU A 44 8.95 3.89 2.37
CA LEU A 44 9.82 4.48 1.36
C LEU A 44 10.09 5.95 1.64
N ILE A 45 9.04 6.70 1.97
CA ILE A 45 9.18 8.13 2.28
C ILE A 45 9.97 8.34 3.56
N ALA A 46 9.69 7.52 4.58
CA ALA A 46 10.38 7.61 5.87
C ALA A 46 11.86 7.28 5.73
N THR A 47 12.19 6.38 4.81
CA THR A 47 13.59 5.99 4.60
C THR A 47 14.30 7.00 3.70
N ASN A 48 13.84 7.12 2.46
CA ASN A 48 14.44 8.05 1.50
C ASN A 48 13.77 7.98 0.12
N ASN A 49 13.26 6.79 -0.25
CA ASN A 49 12.61 6.59 -1.55
C ASN A 49 11.42 7.53 -1.73
N VAL A 50 11.66 8.63 -2.42
CA VAL A 50 10.62 9.62 -2.68
C VAL A 50 10.74 10.17 -4.11
N THR A 51 10.01 9.54 -5.03
CA THR A 51 10.03 9.97 -6.44
C THR A 51 8.75 9.52 -7.16
N HIS A 52 7.65 9.42 -6.41
CA HIS A 52 6.36 9.01 -6.98
C HIS A 52 5.27 9.00 -5.90
N LYS A 53 4.06 8.59 -6.29
CA LYS A 53 2.93 8.53 -5.37
C LYS A 53 2.23 7.16 -5.46
N ILE A 54 1.12 7.01 -4.74
CA ILE A 54 0.37 5.75 -4.76
C ILE A 54 -0.25 5.52 -6.14
N THR A 55 -1.24 6.35 -6.49
CA THR A 55 -1.94 6.25 -7.78
C THR A 55 -2.66 4.91 -7.91
N GLU A 56 -3.75 4.91 -8.68
CA GLU A 56 -4.53 3.69 -8.89
C GLU A 56 -3.73 2.62 -9.63
N ALA A 57 -2.82 3.04 -10.52
CA ALA A 57 -2.01 2.11 -11.29
C ALA A 57 -0.98 1.40 -10.42
N GLU A 58 -0.28 2.16 -9.59
CA GLU A 58 0.76 1.59 -8.71
C GLU A 58 0.14 0.82 -7.54
N ILE A 59 -0.98 1.33 -7.00
CA ILE A 59 -1.64 0.67 -5.88
C ILE A 59 -2.13 -0.73 -6.26
N VAL A 60 -2.72 -0.86 -7.45
CA VAL A 60 -3.20 -2.16 -7.92
C VAL A 60 -2.05 -3.16 -7.97
N SER A 61 -0.89 -2.70 -8.46
CA SER A 61 0.29 -3.55 -8.54
C SER A 61 0.75 -3.97 -7.14
N ILE A 62 0.76 -3.02 -6.20
CA ILE A 62 1.17 -3.31 -4.83
C ILE A 62 0.26 -4.36 -4.21
N LEU A 63 -1.06 -4.17 -4.35
CA LEU A 63 -2.04 -5.11 -3.81
C LEU A 63 -1.80 -6.51 -4.38
N ASN A 64 -1.50 -6.57 -5.68
CA ASN A 64 -1.23 -7.84 -6.35
C ASN A 64 0.05 -8.49 -5.83
N GLY A 65 1.05 -7.67 -5.50
CA GLY A 65 2.30 -8.19 -4.98
C GLY A 65 2.15 -8.64 -3.55
N ILE A 66 1.43 -7.83 -2.77
CA ILE A 66 1.17 -8.13 -1.36
C ILE A 66 0.50 -9.50 -1.22
N ALA A 67 -0.47 -9.78 -2.10
CA ALA A 67 -1.19 -11.04 -2.08
C ALA A 67 -0.26 -12.21 -2.45
N LYS A 68 0.53 -12.03 -3.50
CA LYS A 68 1.47 -13.07 -3.93
C LYS A 68 2.54 -13.32 -2.88
N GLN A 69 2.90 -12.27 -2.12
CA GLN A 69 3.91 -12.38 -1.08
C GLN A 69 3.52 -13.42 -0.02
N GLN A 70 2.33 -13.27 0.54
CA GLN A 70 1.85 -14.19 1.57
C GLN A 70 0.33 -14.41 1.46
N ASN A 71 -0.05 -15.62 1.05
CA ASN A 71 -1.46 -15.98 0.89
C ASN A 71 -1.61 -17.49 0.61
N SER A 72 -0.78 -18.30 1.28
CA SER A 72 -0.81 -19.75 1.11
C SER A 72 -0.50 -20.15 -0.33
N GLN A 73 -1.53 -20.16 -1.18
CA GLN A 73 -1.38 -20.51 -2.60
C GLN A 73 -0.94 -21.97 -2.79
N ASN A 74 -1.22 -22.51 -3.97
CA ASN A 74 -0.86 -23.89 -4.29
C ASN A 74 0.43 -23.93 -5.11
N ASN A 75 1.42 -24.67 -4.62
CA ASN A 75 2.70 -24.80 -5.30
C ASN A 75 2.60 -25.73 -6.51
N SER A 76 1.99 -25.22 -7.57
CA SER A 76 1.82 -25.99 -8.81
C SER A 76 2.71 -25.44 -9.91
N LYS A 77 2.62 -24.12 -10.15
CA LYS A 77 3.41 -23.46 -11.17
C LYS A 77 4.17 -22.26 -10.60
N ILE A 78 4.49 -22.31 -9.30
CA ILE A 78 5.21 -21.23 -8.63
C ILE A 78 6.51 -21.75 -8.00
N ILE A 79 7.09 -22.78 -8.61
CA ILE A 79 8.33 -23.36 -8.12
C ILE A 79 9.55 -22.74 -8.83
N PHE A 80 9.34 -22.25 -10.05
CA PHE A 80 10.41 -21.64 -10.83
C PHE A 80 10.87 -20.33 -10.17
N GLU A 81 11.86 -20.43 -9.31
CA GLU A 81 12.40 -19.27 -8.60
C GLU A 81 13.93 -19.22 -8.70
N GLY A 1 -5.12 -2.48 13.42
CA GLY A 1 -4.61 -3.06 14.70
C GLY A 1 -3.43 -2.28 15.26
N GLU A 2 -3.25 -2.37 16.58
CA GLU A 2 -2.16 -1.68 17.27
C GLU A 2 -2.39 -0.17 17.32
N ASN A 3 -2.26 0.40 18.51
CA ASN A 3 -2.45 1.83 18.71
C ASN A 3 -1.35 2.64 18.01
N SER A 4 -1.76 3.46 17.03
CA SER A 4 -0.85 4.29 16.24
C SER A 4 0.15 3.42 15.45
N ALA A 5 -0.06 3.36 14.14
CA ALA A 5 0.81 2.57 13.27
C ALA A 5 1.59 3.46 12.31
N PRO A 6 2.89 3.68 12.58
CA PRO A 6 3.76 4.51 11.74
C PRO A 6 3.89 3.95 10.32
N VAL A 7 4.84 4.50 9.54
CA VAL A 7 5.07 4.07 8.16
C VAL A 7 3.75 3.97 7.39
N GLY A 8 2.82 4.86 7.70
CA GLY A 8 1.53 4.87 7.04
C GLY A 8 0.75 6.13 7.33
N ALA A 9 0.53 6.42 8.61
CA ALA A 9 -0.20 7.63 9.02
C ALA A 9 0.60 8.89 8.69
N ALA A 10 1.91 8.85 8.97
CA ALA A 10 2.78 9.99 8.69
C ALA A 10 2.98 10.17 7.19
N ILE A 11 3.05 9.06 6.46
CA ILE A 11 3.23 9.09 5.00
C ILE A 11 1.89 9.16 4.25
N ALA A 12 0.78 9.30 4.99
CA ALA A 12 -0.55 9.39 4.37
C ALA A 12 -0.66 10.63 3.48
N ASN A 13 0.20 11.62 3.71
CA ASN A 13 0.19 12.84 2.90
C ASN A 13 0.98 12.66 1.60
N PHE A 14 1.61 11.50 1.45
CA PHE A 14 2.40 11.20 0.25
C PHE A 14 1.55 10.45 -0.78
N LEU A 15 0.27 10.77 -0.84
CA LEU A 15 -0.66 10.13 -1.78
C LEU A 15 -1.59 11.17 -2.41
N GLU A 16 -2.53 10.71 -3.23
CA GLU A 16 -3.48 11.59 -3.89
C GLU A 16 -4.81 11.64 -3.13
N PRO A 17 -5.40 12.85 -2.99
CA PRO A 17 -6.68 13.02 -2.27
C PRO A 17 -7.78 12.13 -2.83
N GLN A 18 -7.92 12.12 -4.17
CA GLN A 18 -8.93 11.30 -4.83
C GLN A 18 -8.61 9.81 -4.66
N ALA A 19 -7.32 9.48 -4.73
CA ALA A 19 -6.87 8.10 -4.59
C ALA A 19 -7.26 7.54 -3.21
N LEU A 20 -7.08 8.35 -2.17
CA LEU A 20 -7.42 7.92 -0.80
C LEU A 20 -8.90 7.56 -0.68
N GLU A 21 -9.76 8.41 -1.26
CA GLU A 21 -11.20 8.18 -1.21
C GLU A 21 -11.57 6.84 -1.86
N ARG A 22 -10.98 6.58 -3.03
CA ARG A 22 -11.25 5.33 -3.76
C ARG A 22 -10.59 4.15 -3.06
N LEU A 23 -9.41 4.39 -2.47
CA LEU A 23 -8.67 3.33 -1.76
C LEU A 23 -9.53 2.70 -0.67
N SER A 24 -10.35 3.52 0.00
CA SER A 24 -11.23 3.02 1.06
C SER A 24 -12.28 2.07 0.48
N ARG A 25 -12.80 2.41 -0.69
CA ARG A 25 -13.81 1.58 -1.35
C ARG A 25 -13.23 0.22 -1.76
N VAL A 26 -12.03 0.23 -2.35
CA VAL A 26 -11.38 -1.00 -2.78
C VAL A 26 -10.94 -1.84 -1.57
N ALA A 27 -10.42 -1.17 -0.53
CA ALA A 27 -9.98 -1.87 0.68
C ALA A 27 -11.13 -2.63 1.35
N LEU A 28 -12.35 -2.10 1.21
CA LEU A 28 -13.53 -2.73 1.80
C LEU A 28 -13.81 -4.08 1.13
N VAL A 29 -13.53 -4.18 -0.16
CA VAL A 29 -13.74 -5.41 -0.91
C VAL A 29 -12.50 -6.30 -0.87
N ARG A 30 -11.34 -5.69 -1.10
CA ARG A 30 -10.06 -6.40 -1.09
C ARG A 30 -8.99 -5.57 -0.39
N ARG A 31 -8.91 -5.72 0.94
CA ARG A 31 -7.92 -4.99 1.73
C ARG A 31 -6.50 -5.26 1.26
N ASP A 32 -6.26 -6.47 0.75
CA ASP A 32 -4.93 -6.85 0.26
C ASP A 32 -4.40 -5.87 -0.78
N ARG A 33 -5.30 -5.35 -1.62
CA ARG A 33 -4.91 -4.40 -2.66
C ARG A 33 -4.42 -3.09 -2.03
N ALA A 34 -5.21 -2.56 -1.09
CA ALA A 34 -4.85 -1.33 -0.40
C ALA A 34 -3.61 -1.51 0.48
N GLN A 35 -3.48 -2.71 1.06
CA GLN A 35 -2.36 -3.03 1.92
C GLN A 35 -1.03 -2.91 1.18
N ALA A 36 -0.97 -3.50 -0.01
CA ALA A 36 0.24 -3.44 -0.82
C ALA A 36 0.50 -2.02 -1.33
N VAL A 37 -0.56 -1.25 -1.56
CA VAL A 37 -0.43 0.13 -2.02
C VAL A 37 0.15 1.02 -0.93
N GLU A 38 -0.40 0.92 0.28
CA GLU A 38 0.06 1.71 1.41
C GLU A 38 1.46 1.29 1.84
N THR A 39 1.71 -0.03 1.84
CA THR A 39 3.00 -0.58 2.21
C THR A 39 4.05 -0.27 1.13
N TYR A 40 3.60 -0.20 -0.12
CA TYR A 40 4.49 0.11 -1.24
C TYR A 40 5.02 1.53 -1.12
N LEU A 41 4.13 2.45 -0.73
CA LEU A 41 4.49 3.87 -0.57
C LEU A 41 5.60 4.04 0.47
N LYS A 42 5.44 3.38 1.63
CA LYS A 42 6.44 3.46 2.69
C LYS A 42 7.76 2.83 2.26
N LYS A 43 7.67 1.76 1.46
CA LYS A 43 8.86 1.06 0.97
C LYS A 43 9.68 1.97 0.05
N LEU A 44 9.00 2.65 -0.87
CA LEU A 44 9.67 3.55 -1.81
C LEU A 44 10.27 4.76 -1.09
N ILE A 45 9.48 5.38 -0.22
CA ILE A 45 9.95 6.54 0.53
C ILE A 45 11.10 6.16 1.48
N ALA A 46 11.00 4.97 2.09
CA ALA A 46 12.03 4.49 3.01
C ALA A 46 13.30 4.08 2.27
N THR A 47 13.16 3.57 1.05
CA THR A 47 14.32 3.16 0.26
C THR A 47 15.05 4.36 -0.34
N ASN A 48 14.34 5.12 -1.18
CA ASN A 48 14.94 6.28 -1.83
C ASN A 48 13.91 7.08 -2.64
N ASN A 49 12.94 6.37 -3.23
CA ASN A 49 11.90 7.00 -4.05
C ASN A 49 11.10 8.02 -3.24
N VAL A 50 11.55 9.26 -3.29
CA VAL A 50 10.89 10.36 -2.59
C VAL A 50 10.82 11.62 -3.46
N THR A 51 10.81 11.41 -4.79
CA THR A 51 10.73 12.53 -5.73
C THR A 51 9.28 12.85 -6.11
N HIS A 52 8.37 11.91 -5.82
CA HIS A 52 6.95 12.10 -6.13
C HIS A 52 6.06 11.26 -5.22
N LYS A 53 4.75 11.31 -5.47
CA LYS A 53 3.78 10.55 -4.68
C LYS A 53 3.04 9.56 -5.57
N ILE A 54 2.10 8.82 -4.97
CA ILE A 54 1.32 7.84 -5.73
C ILE A 54 -0.04 8.41 -6.11
N THR A 55 -0.13 8.92 -7.34
CA THR A 55 -1.38 9.50 -7.84
C THR A 55 -2.44 8.42 -8.04
N GLU A 56 -3.67 8.83 -8.33
CA GLU A 56 -4.76 7.88 -8.54
C GLU A 56 -4.40 6.87 -9.63
N ALA A 57 -3.73 7.34 -10.68
CA ALA A 57 -3.32 6.47 -11.78
C ALA A 57 -2.29 5.44 -11.30
N GLU A 58 -1.38 5.89 -10.41
CA GLU A 58 -0.35 5.01 -9.87
C GLU A 58 -0.96 3.92 -8.97
N ILE A 59 -2.02 4.29 -8.23
CA ILE A 59 -2.68 3.34 -7.35
C ILE A 59 -3.29 2.18 -8.14
N VAL A 60 -3.95 2.51 -9.25
CA VAL A 60 -4.56 1.48 -10.10
C VAL A 60 -3.52 0.53 -10.68
N SER A 61 -2.41 1.06 -11.18
CA SER A 61 -1.35 0.23 -11.74
C SER A 61 -0.82 -0.74 -10.68
N ILE A 62 -0.59 -0.23 -9.47
CA ILE A 62 -0.11 -1.07 -8.37
C ILE A 62 -1.20 -2.07 -7.98
N LEU A 63 -2.43 -1.61 -7.88
CA LEU A 63 -3.56 -2.47 -7.53
C LEU A 63 -3.72 -3.60 -8.55
N ASN A 64 -3.58 -3.27 -9.83
CA ASN A 64 -3.69 -4.24 -10.91
C ASN A 64 -2.58 -5.29 -10.83
N GLY A 65 -1.37 -4.84 -10.53
CA GLY A 65 -0.25 -5.76 -10.40
C GLY A 65 -0.31 -6.55 -9.12
N ILE A 66 -0.75 -5.88 -8.04
CA ILE A 66 -0.88 -6.50 -6.73
C ILE A 66 -1.78 -7.74 -6.81
N ALA A 67 -2.86 -7.65 -7.60
CA ALA A 67 -3.78 -8.77 -7.76
C ALA A 67 -3.17 -9.87 -8.63
N LYS A 68 -2.56 -9.49 -9.75
CA LYS A 68 -1.93 -10.46 -10.64
C LYS A 68 -0.83 -11.24 -9.91
N GLN A 69 -0.06 -10.53 -9.10
CA GLN A 69 1.03 -11.16 -8.34
C GLN A 69 0.47 -11.96 -7.17
N GLN A 70 -0.53 -11.41 -6.48
CA GLN A 70 -1.16 -12.08 -5.34
C GLN A 70 -0.20 -12.18 -4.15
N ASN A 71 -0.76 -12.34 -2.95
CA ASN A 71 0.05 -12.43 -1.74
C ASN A 71 0.26 -13.89 -1.33
N SER A 72 -0.82 -14.55 -0.88
CA SER A 72 -0.76 -15.96 -0.47
C SER A 72 0.31 -16.20 0.60
N GLN A 73 -0.08 -16.05 1.87
CA GLN A 73 0.83 -16.24 3.01
C GLN A 73 1.86 -15.11 3.08
N ASN A 74 1.71 -14.24 4.09
CA ASN A 74 2.63 -13.12 4.27
C ASN A 74 3.79 -13.49 5.21
N ASN A 75 4.31 -14.72 5.06
CA ASN A 75 5.43 -15.18 5.88
C ASN A 75 6.73 -15.18 5.08
N SER A 76 6.64 -15.53 3.79
CA SER A 76 7.80 -15.58 2.90
C SER A 76 8.77 -16.69 3.33
N LYS A 77 9.57 -16.40 4.36
CA LYS A 77 10.54 -17.38 4.87
C LYS A 77 10.57 -17.36 6.40
N ILE A 78 9.43 -17.01 7.02
CA ILE A 78 9.32 -16.95 8.47
C ILE A 78 8.32 -17.99 8.98
N ILE A 79 8.23 -19.12 8.28
CA ILE A 79 7.33 -20.21 8.66
C ILE A 79 8.03 -21.17 9.63
N PHE A 80 9.34 -21.32 9.48
CA PHE A 80 10.13 -22.20 10.35
C PHE A 80 10.27 -21.60 11.75
N GLU A 81 10.41 -20.27 11.81
CA GLU A 81 10.56 -19.57 13.09
C GLU A 81 11.86 -19.96 13.81
N GLY A 1 -4.66 20.44 12.11
CA GLY A 1 -4.99 18.98 12.09
C GLY A 1 -4.05 18.16 12.95
N GLU A 2 -3.55 17.06 12.40
CA GLU A 2 -2.64 16.17 13.12
C GLU A 2 -1.18 16.61 12.96
N ASN A 3 -0.40 16.45 14.02
CA ASN A 3 1.01 16.81 14.00
C ASN A 3 1.73 16.30 15.25
N SER A 4 1.53 15.02 15.57
CA SER A 4 2.17 14.41 16.73
C SER A 4 3.06 13.25 16.32
N ALA A 5 2.48 12.28 15.63
CA ALA A 5 3.22 11.11 15.17
C ALA A 5 3.19 11.00 13.65
N PRO A 6 4.22 11.54 12.96
CA PRO A 6 4.32 11.50 11.49
C PRO A 6 4.11 10.10 10.92
N VAL A 7 4.46 9.08 11.72
CA VAL A 7 4.31 7.69 11.32
C VAL A 7 2.85 7.38 10.95
N GLY A 8 2.60 7.21 9.67
CA GLY A 8 1.24 6.91 9.21
C GLY A 8 0.68 8.04 8.37
N ALA A 9 0.60 9.24 8.95
CA ALA A 9 0.08 10.41 8.24
C ALA A 9 1.03 10.84 7.12
N ALA A 10 2.33 10.74 7.37
CA ALA A 10 3.33 11.13 6.38
C ALA A 10 3.35 10.15 5.20
N ILE A 11 3.21 8.86 5.49
CA ILE A 11 3.21 7.84 4.43
C ILE A 11 1.85 7.73 3.75
N ALA A 12 0.78 8.12 4.47
CA ALA A 12 -0.57 8.07 3.91
C ALA A 12 -0.73 9.05 2.73
N ASN A 13 0.09 10.11 2.74
CA ASN A 13 0.05 11.12 1.68
C ASN A 13 0.86 10.67 0.45
N PHE A 14 1.55 9.53 0.56
CA PHE A 14 2.35 9.01 -0.54
C PHE A 14 1.56 8.00 -1.38
N LEU A 15 0.23 8.05 -1.28
CA LEU A 15 -0.64 7.15 -2.04
C LEU A 15 -1.47 7.89 -3.10
N GLU A 16 -1.06 9.13 -3.42
CA GLU A 16 -1.75 9.95 -4.41
C GLU A 16 -3.18 10.27 -3.99
N PRO A 17 -3.61 11.54 -4.12
CA PRO A 17 -4.97 11.95 -3.75
C PRO A 17 -6.05 11.12 -4.44
N GLN A 18 -5.80 10.75 -5.70
CA GLN A 18 -6.76 9.93 -6.46
C GLN A 18 -6.83 8.51 -5.92
N ALA A 19 -5.66 7.90 -5.70
CA ALA A 19 -5.59 6.53 -5.19
C ALA A 19 -6.08 6.45 -3.74
N LEU A 20 -5.88 7.53 -2.99
CA LEU A 20 -6.31 7.59 -1.58
C LEU A 20 -7.82 7.38 -1.48
N GLU A 21 -8.57 8.06 -2.35
CA GLU A 21 -10.03 7.94 -2.37
C GLU A 21 -10.45 6.51 -2.67
N ARG A 22 -9.78 5.89 -3.65
CA ARG A 22 -10.07 4.50 -4.04
C ARG A 22 -9.89 3.56 -2.85
N LEU A 23 -8.78 3.73 -2.12
CA LEU A 23 -8.48 2.90 -0.96
C LEU A 23 -9.57 3.05 0.11
N SER A 24 -10.10 4.27 0.26
CA SER A 24 -11.15 4.53 1.24
C SER A 24 -12.42 3.76 0.89
N ARG A 25 -12.76 3.74 -0.39
CA ARG A 25 -13.96 3.03 -0.86
C ARG A 25 -13.84 1.53 -0.65
N VAL A 26 -12.67 0.97 -1.02
CA VAL A 26 -12.44 -0.47 -0.86
C VAL A 26 -12.35 -0.86 0.61
N ALA A 27 -11.69 -0.03 1.42
CA ALA A 27 -11.54 -0.29 2.86
C ALA A 27 -12.89 -0.47 3.54
N LEU A 28 -13.93 0.19 3.01
CA LEU A 28 -15.27 0.10 3.58
C LEU A 28 -15.81 -1.33 3.47
N VAL A 29 -15.46 -2.02 2.38
CA VAL A 29 -15.92 -3.38 2.15
C VAL A 29 -14.87 -4.40 2.59
N ARG A 30 -13.68 -4.31 1.98
CA ARG A 30 -12.59 -5.22 2.32
C ARG A 30 -11.39 -4.46 2.88
N ARG A 31 -11.39 -4.25 4.20
CA ARG A 31 -10.31 -3.53 4.87
C ARG A 31 -8.98 -4.24 4.67
N ASP A 32 -9.01 -5.56 4.56
CA ASP A 32 -7.80 -6.37 4.36
C ASP A 32 -7.02 -5.90 3.13
N ARG A 33 -7.74 -5.60 2.05
CA ARG A 33 -7.12 -5.15 0.82
C ARG A 33 -6.47 -3.78 1.02
N ALA A 34 -7.21 -2.84 1.61
CA ALA A 34 -6.73 -1.48 1.85
C ALA A 34 -5.58 -1.45 2.87
N GLN A 35 -5.69 -2.24 3.94
CA GLN A 35 -4.66 -2.28 4.97
C GLN A 35 -3.34 -2.81 4.40
N ALA A 36 -3.44 -3.75 3.47
CA ALA A 36 -2.25 -4.33 2.85
C ALA A 36 -1.54 -3.30 1.97
N VAL A 37 -2.32 -2.42 1.32
CA VAL A 37 -1.75 -1.39 0.46
C VAL A 37 -0.87 -0.42 1.26
N GLU A 38 -1.38 0.05 2.40
CA GLU A 38 -0.64 0.97 3.25
C GLU A 38 0.63 0.31 3.79
N THR A 39 0.54 -0.99 4.09
CA THR A 39 1.67 -1.75 4.61
C THR A 39 2.73 -1.95 3.52
N TYR A 40 2.27 -2.13 2.28
CA TYR A 40 3.18 -2.31 1.14
C TYR A 40 3.99 -1.03 0.88
N LEU A 41 3.29 0.11 0.84
CA LEU A 41 3.93 1.40 0.60
C LEU A 41 4.89 1.77 1.73
N LYS A 42 4.43 1.61 2.97
CA LYS A 42 5.25 1.93 4.13
C LYS A 42 6.53 1.10 4.15
N LYS A 43 6.45 -0.14 3.65
CA LYS A 43 7.62 -1.02 3.60
C LYS A 43 8.68 -0.46 2.66
N LEU A 44 8.26 -0.03 1.47
CA LEU A 44 9.18 0.53 0.49
C LEU A 44 9.80 1.83 1.00
N ILE A 45 8.97 2.71 1.54
CA ILE A 45 9.43 3.99 2.06
C ILE A 45 10.34 3.78 3.28
N ALA A 46 9.94 2.87 4.17
CA ALA A 46 10.73 2.57 5.38
C ALA A 46 12.09 1.96 5.01
N THR A 47 12.13 1.17 3.94
CA THR A 47 13.37 0.54 3.50
C THR A 47 14.29 1.57 2.86
N ASN A 48 13.85 2.17 1.75
CA ASN A 48 14.65 3.18 1.04
C ASN A 48 13.91 3.75 -0.17
N ASN A 49 13.08 2.92 -0.82
CA ASN A 49 12.33 3.36 -2.00
C ASN A 49 11.34 4.47 -1.64
N VAL A 50 11.76 5.70 -1.88
CA VAL A 50 10.94 6.87 -1.59
C VAL A 50 10.99 7.87 -2.75
N THR A 51 10.92 7.34 -3.98
CA THR A 51 10.97 8.18 -5.17
C THR A 51 9.77 7.90 -6.10
N HIS A 52 8.60 7.67 -5.49
CA HIS A 52 7.38 7.39 -6.25
C HIS A 52 6.16 7.35 -5.32
N LYS A 53 4.97 7.24 -5.92
CA LYS A 53 3.72 7.19 -5.16
C LYS A 53 2.72 6.22 -5.82
N ILE A 54 1.81 5.67 -5.02
CA ILE A 54 0.81 4.74 -5.54
C ILE A 54 -0.31 5.49 -6.24
N THR A 55 -0.27 5.51 -7.58
CA THR A 55 -1.30 6.18 -8.37
C THR A 55 -2.57 5.34 -8.44
N GLU A 56 -3.63 5.91 -9.02
CA GLU A 56 -4.91 5.21 -9.14
C GLU A 56 -4.72 3.87 -9.85
N ALA A 57 -3.89 3.86 -10.89
CA ALA A 57 -3.62 2.64 -11.65
C ALA A 57 -2.79 1.66 -10.82
N GLU A 58 -1.80 2.19 -10.09
CA GLU A 58 -0.94 1.37 -9.26
C GLU A 58 -1.69 0.76 -8.07
N ILE A 59 -2.55 1.56 -7.44
CA ILE A 59 -3.32 1.07 -6.29
C ILE A 59 -4.24 -0.07 -6.69
N VAL A 60 -4.80 0.00 -7.89
CA VAL A 60 -5.70 -1.06 -8.37
C VAL A 60 -4.93 -2.37 -8.59
N SER A 61 -3.75 -2.28 -9.22
CA SER A 61 -2.92 -3.46 -9.45
C SER A 61 -2.43 -4.06 -8.14
N ILE A 62 -1.95 -3.21 -7.24
CA ILE A 62 -1.46 -3.67 -5.94
C ILE A 62 -2.62 -4.20 -5.11
N LEU A 63 -3.76 -3.51 -5.16
CA LEU A 63 -4.96 -3.91 -4.42
C LEU A 63 -5.46 -5.27 -4.92
N ASN A 64 -5.51 -5.42 -6.25
CA ASN A 64 -5.96 -6.67 -6.87
C ASN A 64 -4.99 -7.80 -6.55
N GLY A 65 -3.70 -7.48 -6.50
CA GLY A 65 -2.69 -8.48 -6.19
C GLY A 65 -2.70 -8.86 -4.72
N ILE A 66 -3.03 -7.88 -3.86
CA ILE A 66 -3.10 -8.09 -2.43
C ILE A 66 -4.05 -9.25 -2.09
N ALA A 67 -5.20 -9.29 -2.76
CA ALA A 67 -6.18 -10.35 -2.54
C ALA A 67 -5.66 -11.68 -3.06
N LYS A 68 -4.83 -11.64 -4.10
CA LYS A 68 -4.26 -12.86 -4.68
C LYS A 68 -3.18 -13.44 -3.78
N GLN A 69 -2.31 -12.57 -3.27
CA GLN A 69 -1.22 -12.99 -2.38
C GLN A 69 -1.75 -13.55 -1.06
N GLN A 70 -2.99 -13.21 -0.72
CA GLN A 70 -3.60 -13.69 0.52
C GLN A 70 -3.67 -15.22 0.55
N ASN A 71 -2.62 -15.82 1.10
CA ASN A 71 -2.51 -17.28 1.20
C ASN A 71 -1.21 -17.67 1.91
N SER A 72 -0.10 -17.09 1.45
CA SER A 72 1.21 -17.36 2.03
C SER A 72 2.24 -16.33 1.57
N GLN A 73 3.48 -16.46 2.06
CA GLN A 73 4.55 -15.54 1.69
C GLN A 73 5.52 -16.21 0.71
N ASN A 74 6.37 -17.10 1.23
CA ASN A 74 7.35 -17.82 0.40
C ASN A 74 8.21 -16.87 -0.43
N ASN A 75 8.95 -17.41 -1.39
CA ASN A 75 9.82 -16.61 -2.25
C ASN A 75 9.19 -16.37 -3.62
N SER A 76 8.59 -15.20 -3.80
CA SER A 76 7.96 -14.85 -5.07
C SER A 76 9.01 -14.58 -6.15
N LYS A 77 10.10 -13.92 -5.77
CA LYS A 77 11.18 -13.60 -6.70
C LYS A 77 12.55 -13.94 -6.11
N ILE A 78 12.59 -14.93 -5.23
CA ILE A 78 13.83 -15.35 -4.61
C ILE A 78 14.02 -16.87 -4.70
N ILE A 79 13.48 -17.47 -5.77
CA ILE A 79 13.60 -18.91 -5.98
C ILE A 79 14.89 -19.24 -6.72
N PHE A 80 15.31 -18.34 -7.61
CA PHE A 80 16.53 -18.54 -8.38
C PHE A 80 17.77 -18.32 -7.51
N GLU A 81 17.70 -17.33 -6.63
CA GLU A 81 18.81 -16.99 -5.73
C GLU A 81 19.99 -16.39 -6.49
N GLY A 1 -8.26 5.62 12.66
CA GLY A 1 -9.51 6.15 12.04
C GLY A 1 -9.70 7.64 12.27
N GLU A 2 -9.49 8.08 13.51
CA GLU A 2 -9.64 9.49 13.86
C GLU A 2 -8.53 9.94 14.81
N ASN A 3 -7.59 10.72 14.29
CA ASN A 3 -6.47 11.22 15.10
C ASN A 3 -6.12 12.66 14.73
N SER A 4 -5.31 13.30 15.57
CA SER A 4 -4.88 14.68 15.34
C SER A 4 -3.60 14.74 14.52
N ALA A 5 -2.67 13.82 14.80
CA ALA A 5 -1.39 13.78 14.09
C ALA A 5 -1.53 13.12 12.73
N PRO A 6 -0.83 13.64 11.70
CA PRO A 6 -0.89 13.10 10.34
C PRO A 6 -0.12 11.78 10.20
N VAL A 7 -0.78 10.68 10.52
CA VAL A 7 -0.17 9.36 10.42
C VAL A 7 -0.63 8.64 9.15
N GLY A 8 -0.75 9.39 8.07
CA GLY A 8 -1.18 8.84 6.81
C GLY A 8 -1.76 9.88 5.86
N ALA A 9 -2.51 10.84 6.43
CA ALA A 9 -3.12 11.92 5.63
C ALA A 9 -2.07 12.72 4.86
N ALA A 10 -0.94 13.00 5.52
CA ALA A 10 0.16 13.75 4.89
C ALA A 10 0.65 13.05 3.61
N ILE A 11 0.64 11.72 3.63
CA ILE A 11 1.09 10.93 2.47
C ILE A 11 -0.09 10.52 1.58
N ALA A 12 -1.33 10.67 2.08
CA ALA A 12 -2.53 10.31 1.33
C ALA A 12 -2.63 11.09 0.02
N ASN A 13 -1.99 12.26 -0.02
CA ASN A 13 -1.99 13.11 -1.22
C ASN A 13 -0.97 12.60 -2.25
N PHE A 14 -0.05 11.73 -1.79
CA PHE A 14 0.98 11.17 -2.66
C PHE A 14 0.56 9.81 -3.22
N LEU A 15 -0.75 9.60 -3.37
CA LEU A 15 -1.28 8.35 -3.90
C LEU A 15 -2.34 8.62 -4.97
N GLU A 16 -2.81 7.54 -5.62
CA GLU A 16 -3.82 7.66 -6.66
C GLU A 16 -5.21 7.41 -6.10
N PRO A 17 -6.24 8.12 -6.61
CA PRO A 17 -7.63 7.96 -6.14
C PRO A 17 -8.09 6.50 -6.21
N GLN A 18 -7.81 5.85 -7.34
CA GLN A 18 -8.19 4.44 -7.54
C GLN A 18 -7.38 3.54 -6.62
N ALA A 19 -6.08 3.82 -6.50
CA ALA A 19 -5.20 3.03 -5.64
C ALA A 19 -5.64 3.10 -4.19
N LEU A 20 -6.00 4.30 -3.74
CA LEU A 20 -6.46 4.51 -2.37
C LEU A 20 -7.71 3.69 -2.08
N GLU A 21 -8.65 3.68 -3.03
CA GLU A 21 -9.90 2.93 -2.88
C GLU A 21 -9.61 1.44 -2.69
N ARG A 22 -8.74 0.89 -3.54
CA ARG A 22 -8.39 -0.53 -3.47
C ARG A 22 -7.73 -0.85 -2.13
N LEU A 23 -6.84 0.02 -1.68
CA LEU A 23 -6.13 -0.17 -0.41
C LEU A 23 -7.11 -0.23 0.76
N SER A 24 -8.22 0.51 0.66
CA SER A 24 -9.25 0.51 1.71
C SER A 24 -9.90 -0.87 1.83
N ARG A 25 -10.20 -1.49 0.69
CA ARG A 25 -10.84 -2.80 0.68
C ARG A 25 -9.93 -3.87 1.28
N VAL A 26 -8.65 -3.86 0.89
CA VAL A 26 -7.68 -4.83 1.41
C VAL A 26 -7.44 -4.63 2.91
N ALA A 27 -7.38 -3.37 3.35
CA ALA A 27 -7.16 -3.05 4.77
C ALA A 27 -8.19 -3.73 5.68
N LEU A 28 -9.39 -3.98 5.15
CA LEU A 28 -10.45 -4.62 5.93
C LEU A 28 -10.18 -6.12 6.12
N VAL A 29 -9.45 -6.70 5.17
CA VAL A 29 -9.12 -8.12 5.22
C VAL A 29 -7.74 -8.34 5.84
N ARG A 30 -6.75 -7.58 5.35
CA ARG A 30 -5.39 -7.67 5.85
C ARG A 30 -4.77 -6.27 5.99
N ARG A 31 -5.00 -5.66 7.15
CA ARG A 31 -4.48 -4.33 7.44
C ARG A 31 -2.96 -4.29 7.34
N ASP A 32 -2.30 -5.41 7.68
CA ASP A 32 -0.84 -5.49 7.63
C ASP A 32 -0.29 -5.12 6.26
N ARG A 33 -0.96 -5.59 5.20
CA ARG A 33 -0.53 -5.29 3.83
C ARG A 33 -0.67 -3.80 3.54
N ALA A 34 -1.84 -3.23 3.85
CA ALA A 34 -2.09 -1.81 3.62
C ALA A 34 -1.19 -0.94 4.50
N GLN A 35 -0.93 -1.40 5.73
CA GLN A 35 -0.08 -0.67 6.67
C GLN A 35 1.34 -0.54 6.14
N ALA A 36 1.84 -1.60 5.51
CA ALA A 36 3.20 -1.59 4.95
C ALA A 36 3.29 -0.68 3.73
N VAL A 37 2.19 -0.56 2.98
CA VAL A 37 2.17 0.29 1.79
C VAL A 37 2.34 1.76 2.18
N GLU A 38 1.59 2.20 3.19
CA GLU A 38 1.66 3.59 3.65
C GLU A 38 3.04 3.90 4.24
N THR A 39 3.63 2.91 4.93
CA THR A 39 4.95 3.08 5.53
C THR A 39 6.04 3.08 4.46
N TYR A 40 5.82 2.31 3.39
CA TYR A 40 6.77 2.22 2.30
C TYR A 40 6.87 3.56 1.56
N LEU A 41 5.71 4.14 1.23
CA LEU A 41 5.66 5.42 0.52
C LEU A 41 6.21 6.56 1.38
N LYS A 42 5.79 6.62 2.64
CA LYS A 42 6.26 7.67 3.55
C LYS A 42 7.77 7.58 3.78
N LYS A 43 8.31 6.36 3.78
CA LYS A 43 9.75 6.16 3.96
C LYS A 43 10.54 6.80 2.81
N LEU A 44 10.06 6.60 1.58
CA LEU A 44 10.71 7.16 0.41
C LEU A 44 10.63 8.68 0.41
N ILE A 45 9.44 9.22 0.70
CA ILE A 45 9.24 10.66 0.74
C ILE A 45 10.02 11.31 1.89
N ALA A 46 9.99 10.67 3.06
CA ALA A 46 10.69 11.18 4.24
C ALA A 46 12.21 11.17 4.02
N THR A 47 12.68 10.27 3.17
CA THR A 47 14.11 10.16 2.88
C THR A 47 14.51 11.09 1.74
N ASN A 48 13.94 10.84 0.54
CA ASN A 48 14.23 11.67 -0.64
C ASN A 48 13.52 11.15 -1.90
N ASN A 49 13.32 9.82 -1.98
CA ASN A 49 12.68 9.20 -3.14
C ASN A 49 11.28 9.78 -3.37
N VAL A 50 11.20 10.74 -4.28
CA VAL A 50 9.95 11.40 -4.62
C VAL A 50 9.90 11.79 -6.10
N THR A 51 9.52 10.84 -6.95
CA THR A 51 9.43 11.10 -8.39
C THR A 51 8.22 10.40 -9.02
N HIS A 52 7.24 10.01 -8.19
CA HIS A 52 6.03 9.34 -8.66
C HIS A 52 5.08 9.04 -7.50
N LYS A 53 3.91 8.46 -7.83
CA LYS A 53 2.91 8.11 -6.84
C LYS A 53 2.53 6.63 -6.95
N ILE A 54 1.87 6.10 -5.93
CA ILE A 54 1.44 4.71 -5.94
C ILE A 54 0.12 4.54 -6.69
N THR A 55 0.21 4.19 -7.97
CA THR A 55 -0.98 3.99 -8.80
C THR A 55 -1.65 2.66 -8.46
N GLU A 56 -2.80 2.39 -9.07
CA GLU A 56 -3.52 1.14 -8.82
C GLU A 56 -2.61 -0.07 -9.08
N ALA A 57 -1.81 0.01 -10.14
CA ALA A 57 -0.89 -1.07 -10.50
C ALA A 57 0.25 -1.16 -9.49
N GLU A 58 0.81 0.00 -9.13
CA GLU A 58 1.94 0.06 -8.18
C GLU A 58 1.52 -0.38 -6.78
N ILE A 59 0.34 0.04 -6.33
CA ILE A 59 -0.14 -0.33 -5.00
C ILE A 59 -0.35 -1.84 -4.88
N VAL A 60 -0.88 -2.47 -5.93
CA VAL A 60 -1.10 -3.91 -5.93
C VAL A 60 0.21 -4.68 -5.85
N SER A 61 1.22 -4.23 -6.60
CA SER A 61 2.53 -4.88 -6.60
C SER A 61 3.17 -4.81 -5.21
N ILE A 62 3.07 -3.64 -4.56
CA ILE A 62 3.63 -3.46 -3.23
C ILE A 62 2.92 -4.36 -2.22
N LEU A 63 1.58 -4.36 -2.27
CA LEU A 63 0.78 -5.19 -1.37
C LEU A 63 1.10 -6.68 -1.56
N ASN A 64 1.28 -7.10 -2.81
CA ASN A 64 1.60 -8.49 -3.14
C ASN A 64 2.96 -8.88 -2.57
N GLY A 65 3.91 -7.95 -2.59
CA GLY A 65 5.23 -8.22 -2.06
C GLY A 65 5.22 -8.27 -0.55
N ILE A 66 4.41 -7.40 0.04
CA ILE A 66 4.26 -7.34 1.49
C ILE A 66 3.72 -8.67 2.04
N ALA A 67 2.83 -9.31 1.29
CA ALA A 67 2.25 -10.59 1.70
C ALA A 67 3.26 -11.73 1.52
N LYS A 68 4.19 -11.58 0.57
CA LYS A 68 5.20 -12.60 0.30
C LYS A 68 6.16 -12.74 1.49
N GLN A 69 6.63 -11.61 2.02
CA GLN A 69 7.56 -11.60 3.14
C GLN A 69 6.87 -12.05 4.44
N GLN A 70 5.57 -11.75 4.56
CA GLN A 70 4.80 -12.13 5.74
C GLN A 70 4.51 -13.63 5.73
N ASN A 71 5.36 -14.41 6.42
CA ASN A 71 5.22 -15.86 6.50
C ASN A 71 5.49 -16.52 5.14
N SER A 72 4.54 -16.39 4.22
CA SER A 72 4.66 -16.97 2.89
C SER A 72 3.53 -16.51 1.97
N GLN A 73 3.79 -16.46 0.68
CA GLN A 73 2.79 -16.04 -0.30
C GLN A 73 1.97 -17.24 -0.80
N ASN A 74 0.72 -16.98 -1.19
CA ASN A 74 -0.16 -18.04 -1.69
C ASN A 74 -0.32 -17.95 -3.21
N ASN A 75 -0.70 -19.07 -3.83
CA ASN A 75 -0.89 -19.14 -5.27
C ASN A 75 -2.37 -19.18 -5.63
N SER A 76 -2.91 -18.03 -6.02
CA SER A 76 -4.32 -17.94 -6.40
C SER A 76 -4.52 -16.85 -7.45
N LYS A 77 -5.42 -17.10 -8.40
CA LYS A 77 -5.72 -16.14 -9.47
C LYS A 77 -4.49 -15.93 -10.37
N ILE A 78 -3.63 -16.94 -10.44
CA ILE A 78 -2.41 -16.87 -11.26
C ILE A 78 -2.30 -18.09 -12.17
N ILE A 79 -2.58 -19.27 -11.62
CA ILE A 79 -2.53 -20.53 -12.37
C ILE A 79 -3.34 -20.46 -13.67
N PHE A 80 -4.37 -19.62 -13.68
CA PHE A 80 -5.22 -19.46 -14.86
C PHE A 80 -4.41 -19.06 -16.09
N GLU A 81 -3.61 -18.00 -15.94
CA GLU A 81 -2.77 -17.51 -17.05
C GLU A 81 -1.33 -18.02 -16.92
N GLY A 1 -7.77 16.93 19.15
CA GLY A 1 -8.65 18.11 18.91
C GLY A 1 -7.90 19.43 19.05
N GLU A 2 -8.06 20.31 18.06
CA GLU A 2 -7.41 21.61 18.07
C GLU A 2 -5.88 21.47 18.19
N ASN A 3 -5.34 20.45 17.52
CA ASN A 3 -3.90 20.19 17.54
C ASN A 3 -3.40 19.77 16.16
N SER A 4 -4.07 18.77 15.58
CA SER A 4 -3.72 18.25 14.26
C SER A 4 -2.42 17.44 14.32
N ALA A 5 -1.30 18.13 14.54
CA ALA A 5 0.01 17.48 14.62
C ALA A 5 0.31 16.67 13.37
N PRO A 6 0.98 17.28 12.37
CA PRO A 6 1.32 16.62 11.09
C PRO A 6 2.12 15.33 11.29
N VAL A 7 1.41 14.24 11.57
CA VAL A 7 2.04 12.94 11.76
C VAL A 7 1.12 11.81 11.31
N GLY A 8 0.34 12.05 10.26
CA GLY A 8 -0.57 11.05 9.76
C GLY A 8 -1.38 11.55 8.58
N ALA A 9 -2.07 12.67 8.77
CA ALA A 9 -2.89 13.27 7.71
C ALA A 9 -2.04 13.71 6.53
N ALA A 10 -0.77 14.06 6.80
CA ALA A 10 0.14 14.49 5.74
C ALA A 10 0.30 13.42 4.67
N ILE A 11 0.35 12.16 5.09
CA ILE A 11 0.49 11.05 4.16
C ILE A 11 -0.87 10.68 3.53
N ALA A 12 -1.96 10.99 4.24
CA ALA A 12 -3.30 10.70 3.74
C ALA A 12 -3.56 11.43 2.43
N ASN A 13 -2.97 12.63 2.29
CA ASN A 13 -3.12 13.42 1.07
C ASN A 13 -2.14 12.96 -0.01
N PHE A 14 -1.18 12.12 0.38
CA PHE A 14 -0.18 11.60 -0.54
C PHE A 14 -0.60 10.25 -1.11
N LEU A 15 -1.90 10.09 -1.36
CA LEU A 15 -2.43 8.84 -1.91
C LEU A 15 -3.66 9.13 -2.79
N GLU A 16 -3.67 8.54 -3.98
CA GLU A 16 -4.78 8.74 -4.91
C GLU A 16 -6.09 8.22 -4.32
N PRO A 17 -7.23 8.84 -4.68
CA PRO A 17 -8.55 8.42 -4.19
C PRO A 17 -8.88 6.98 -4.58
N GLN A 18 -8.60 6.62 -5.83
CA GLN A 18 -8.86 5.27 -6.32
C GLN A 18 -7.90 4.28 -5.67
N ALA A 19 -6.66 4.71 -5.46
CA ALA A 19 -5.64 3.86 -4.84
C ALA A 19 -6.05 3.46 -3.43
N LEU A 20 -6.52 4.44 -2.64
CA LEU A 20 -6.95 4.17 -1.26
C LEU A 20 -8.10 3.17 -1.24
N GLU A 21 -9.06 3.35 -2.14
CA GLU A 21 -10.22 2.45 -2.23
C GLU A 21 -9.76 1.03 -2.54
N ARG A 22 -8.84 0.90 -3.49
CA ARG A 22 -8.31 -0.41 -3.88
C ARG A 22 -7.60 -1.08 -2.70
N LEU A 23 -6.86 -0.27 -1.93
CA LEU A 23 -6.14 -0.78 -0.77
C LEU A 23 -7.09 -1.33 0.29
N SER A 24 -8.27 -0.73 0.40
CA SER A 24 -9.28 -1.17 1.37
C SER A 24 -9.76 -2.59 1.05
N ARG A 25 -9.98 -2.86 -0.23
CA ARG A 25 -10.45 -4.18 -0.67
C ARG A 25 -9.39 -5.25 -0.40
N VAL A 26 -8.13 -4.95 -0.72
CA VAL A 26 -7.04 -5.89 -0.51
C VAL A 26 -6.76 -6.07 0.99
N ALA A 27 -6.82 -4.97 1.75
CA ALA A 27 -6.58 -5.01 3.19
C ALA A 27 -7.55 -5.96 3.90
N LEU A 28 -8.75 -6.10 3.35
CA LEU A 28 -9.77 -6.98 3.92
C LEU A 28 -9.30 -8.43 3.92
N VAL A 29 -8.54 -8.79 2.88
CA VAL A 29 -8.03 -10.16 2.74
C VAL A 29 -6.61 -10.26 3.30
N ARG A 30 -5.70 -9.45 2.75
CA ARG A 30 -4.31 -9.45 3.21
C ARG A 30 -3.92 -8.08 3.75
N ARG A 31 -4.15 -7.88 5.04
CA ARG A 31 -3.83 -6.62 5.70
C ARG A 31 -2.33 -6.31 5.62
N ASP A 32 -1.51 -7.37 5.60
CA ASP A 32 -0.05 -7.21 5.53
C ASP A 32 0.35 -6.38 4.32
N ARG A 33 -0.35 -6.55 3.20
CA ARG A 33 -0.06 -5.78 2.00
C ARG A 33 -0.22 -4.29 2.25
N ALA A 34 -1.32 -3.93 2.92
CA ALA A 34 -1.61 -2.53 3.24
C ALA A 34 -0.54 -1.92 4.15
N GLN A 35 0.05 -2.74 5.03
CA GLN A 35 1.07 -2.26 5.96
C GLN A 35 2.32 -1.82 5.20
N ALA A 36 2.79 -2.67 4.28
CA ALA A 36 3.99 -2.36 3.51
C ALA A 36 3.79 -1.14 2.62
N VAL A 37 2.66 -1.07 1.92
CA VAL A 37 2.38 0.06 1.03
C VAL A 37 2.23 1.36 1.83
N GLU A 38 1.51 1.28 2.95
CA GLU A 38 1.30 2.46 3.80
C GLU A 38 2.63 2.92 4.42
N THR A 39 3.44 1.95 4.84
CA THR A 39 4.76 2.25 5.43
C THR A 39 5.72 2.75 4.36
N TYR A 40 5.57 2.24 3.14
CA TYR A 40 6.42 2.63 2.02
C TYR A 40 6.22 4.11 1.69
N LEU A 41 4.95 4.53 1.63
CA LEU A 41 4.62 5.93 1.33
C LEU A 41 5.16 6.88 2.38
N LYS A 42 4.96 6.53 3.65
CA LYS A 42 5.45 7.38 4.76
C LYS A 42 6.97 7.34 4.84
N LYS A 43 7.56 6.19 4.53
CA LYS A 43 9.02 6.03 4.58
C LYS A 43 9.70 6.92 3.54
N LEU A 44 9.19 6.92 2.31
CA LEU A 44 9.76 7.73 1.24
C LEU A 44 9.63 9.23 1.56
N ILE A 45 8.44 9.64 1.99
CA ILE A 45 8.19 11.03 2.34
C ILE A 45 9.00 11.46 3.55
N ALA A 46 9.19 10.52 4.49
CA ALA A 46 9.94 10.79 5.71
C ALA A 46 11.44 10.94 5.44
N THR A 47 11.94 10.26 4.40
CA THR A 47 13.36 10.33 4.06
C THR A 47 13.65 11.52 3.15
N ASN A 48 13.14 11.50 1.92
CA ASN A 48 13.37 12.57 0.96
C ASN A 48 12.62 12.37 -0.35
N ASN A 49 12.50 11.10 -0.79
CA ASN A 49 11.82 10.76 -2.04
C ASN A 49 10.35 11.19 -2.00
N VAL A 50 10.09 12.41 -2.45
CA VAL A 50 8.73 12.94 -2.47
C VAL A 50 8.43 13.66 -3.78
N THR A 51 8.21 12.87 -4.84
CA THR A 51 7.91 13.43 -6.16
C THR A 51 6.43 13.26 -6.52
N HIS A 52 5.76 12.29 -5.89
CA HIS A 52 4.34 12.03 -6.16
C HIS A 52 3.75 11.04 -5.16
N LYS A 53 2.50 10.64 -5.40
CA LYS A 53 1.80 9.68 -4.54
C LYS A 53 1.71 8.32 -5.22
N ILE A 54 1.15 7.34 -4.52
CA ILE A 54 1.02 6.00 -5.07
C ILE A 54 -0.36 5.83 -5.74
N THR A 55 -0.37 5.91 -7.07
CA THR A 55 -1.60 5.76 -7.84
C THR A 55 -2.04 4.31 -7.88
N GLU A 56 -3.23 4.05 -8.46
CA GLU A 56 -3.74 2.69 -8.56
C GLU A 56 -2.74 1.78 -9.27
N ALA A 57 -2.13 2.30 -10.33
CA ALA A 57 -1.12 1.55 -11.08
C ALA A 57 0.17 1.36 -10.27
N GLU A 58 0.55 2.42 -9.55
CA GLU A 58 1.77 2.40 -8.73
C GLU A 58 1.60 1.49 -7.52
N ILE A 59 0.44 1.54 -6.87
CA ILE A 59 0.18 0.72 -5.69
C ILE A 59 0.21 -0.78 -6.02
N VAL A 60 -0.28 -1.14 -7.21
CA VAL A 60 -0.29 -2.55 -7.63
C VAL A 60 1.14 -3.07 -7.81
N SER A 61 2.00 -2.27 -8.43
CA SER A 61 3.40 -2.65 -8.65
C SER A 61 4.11 -2.89 -7.32
N ILE A 62 3.91 -1.96 -6.37
CA ILE A 62 4.52 -2.08 -5.05
C ILE A 62 3.85 -3.19 -4.25
N LEU A 63 2.52 -3.26 -4.33
CA LEU A 63 1.75 -4.28 -3.64
C LEU A 63 2.13 -5.67 -4.13
N ASN A 64 2.33 -5.80 -5.44
CA ASN A 64 2.71 -7.08 -6.05
C ASN A 64 4.00 -7.60 -5.44
N GLY A 65 4.94 -6.70 -5.17
CA GLY A 65 6.20 -7.08 -4.56
C GLY A 65 6.03 -7.40 -3.09
N ILE A 66 5.16 -6.64 -2.44
CA ILE A 66 4.87 -6.83 -1.02
C ILE A 66 4.37 -8.25 -0.74
N ALA A 67 3.48 -8.74 -1.59
CA ALA A 67 2.94 -10.09 -1.46
C ALA A 67 3.97 -11.13 -1.92
N LYS A 68 4.76 -10.78 -2.93
CA LYS A 68 5.77 -11.68 -3.47
C LYS A 68 6.81 -12.04 -2.41
N GLN A 69 7.28 -11.04 -1.65
CA GLN A 69 8.26 -11.27 -0.60
C GLN A 69 7.69 -12.16 0.50
N GLN A 70 6.38 -12.05 0.73
CA GLN A 70 5.71 -12.85 1.75
C GLN A 70 5.26 -14.19 1.19
N ASN A 71 4.74 -15.06 2.06
CA ASN A 71 4.26 -16.37 1.65
C ASN A 71 2.81 -16.30 1.15
N SER A 72 2.64 -15.77 -0.06
CA SER A 72 1.31 -15.65 -0.64
C SER A 72 1.17 -16.54 -1.88
N GLN A 73 0.57 -17.72 -1.69
CA GLN A 73 0.38 -18.67 -2.77
C GLN A 73 -0.87 -19.52 -2.56
N ASN A 74 -1.25 -20.30 -3.57
CA ASN A 74 -2.43 -21.16 -3.49
C ASN A 74 -2.35 -22.30 -4.51
N ASN A 75 -2.03 -23.50 -4.02
CA ASN A 75 -1.92 -24.67 -4.89
C ASN A 75 -3.29 -25.27 -5.17
N SER A 76 -3.95 -24.77 -6.21
CA SER A 76 -5.26 -25.26 -6.61
C SER A 76 -5.46 -25.13 -8.11
N LYS A 77 -5.22 -23.94 -8.64
CA LYS A 77 -5.36 -23.68 -10.07
C LYS A 77 -4.27 -24.37 -10.87
N ILE A 78 -3.07 -24.51 -10.27
CA ILE A 78 -1.95 -25.16 -10.94
C ILE A 78 -1.82 -26.62 -10.51
N ILE A 79 -2.96 -27.29 -10.32
CA ILE A 79 -2.98 -28.69 -9.91
C ILE A 79 -3.56 -29.58 -11.03
N PHE A 80 -3.47 -29.10 -12.27
CA PHE A 80 -3.98 -29.84 -13.42
C PHE A 80 -2.92 -30.81 -13.97
N GLU A 81 -1.69 -30.32 -14.09
CA GLU A 81 -0.58 -31.14 -14.59
C GLU A 81 0.67 -31.00 -13.70
N GLY A 1 -4.56 4.63 17.73
CA GLY A 1 -4.41 3.19 17.37
C GLY A 1 -4.93 2.27 18.46
N GLU A 2 -5.85 1.38 18.09
CA GLU A 2 -6.42 0.43 19.03
C GLU A 2 -5.81 -0.96 18.85
N ASN A 3 -5.71 -1.41 17.60
CA ASN A 3 -5.15 -2.71 17.28
C ASN A 3 -4.22 -2.64 16.06
N SER A 4 -3.51 -1.52 15.92
CA SER A 4 -2.58 -1.32 14.81
C SER A 4 -1.40 -0.43 15.21
N ALA A 5 -0.33 -0.46 14.40
CA ALA A 5 0.86 0.35 14.66
C ALA A 5 1.11 1.35 13.54
N PRO A 6 1.60 2.56 13.88
CA PRO A 6 1.88 3.61 12.90
C PRO A 6 2.82 3.16 11.79
N VAL A 7 2.48 3.51 10.55
CA VAL A 7 3.28 3.14 9.39
C VAL A 7 2.79 3.85 8.12
N GLY A 8 1.47 3.91 7.96
CA GLY A 8 0.88 4.57 6.80
C GLY A 8 0.35 5.96 7.10
N ALA A 9 -0.05 6.20 8.36
CA ALA A 9 -0.59 7.51 8.78
C ALA A 9 0.39 8.65 8.48
N ALA A 10 1.69 8.41 8.72
CA ALA A 10 2.72 9.42 8.49
C ALA A 10 2.83 9.77 7.01
N ILE A 11 2.63 8.78 6.13
CA ILE A 11 2.72 8.98 4.70
C ILE A 11 1.33 9.19 4.06
N ALA A 12 0.27 9.12 4.87
CA ALA A 12 -1.10 9.31 4.39
C ALA A 12 -1.27 10.68 3.74
N ASN A 13 -0.44 11.65 4.16
CA ASN A 13 -0.50 13.01 3.62
C ASN A 13 0.15 13.07 2.24
N PHE A 14 0.90 12.04 1.86
CA PHE A 14 1.56 11.98 0.56
C PHE A 14 0.72 11.23 -0.48
N LEU A 15 -0.61 11.26 -0.31
CA LEU A 15 -1.52 10.60 -1.24
C LEU A 15 -2.55 11.58 -1.78
N GLU A 16 -3.41 11.10 -2.69
CA GLU A 16 -4.44 11.93 -3.28
C GLU A 16 -5.83 11.50 -2.81
N PRO A 17 -6.77 12.46 -2.66
CA PRO A 17 -8.14 12.15 -2.22
C PRO A 17 -8.81 11.08 -3.08
N GLN A 18 -8.66 11.20 -4.40
CA GLN A 18 -9.25 10.23 -5.33
C GLN A 18 -8.59 8.86 -5.15
N ALA A 19 -7.26 8.85 -5.05
CA ALA A 19 -6.52 7.60 -4.86
C ALA A 19 -6.88 6.93 -3.54
N LEU A 20 -7.07 7.75 -2.49
CA LEU A 20 -7.42 7.23 -1.17
C LEU A 20 -8.71 6.42 -1.23
N GLU A 21 -9.71 6.95 -1.94
CA GLU A 21 -10.99 6.26 -2.09
C GLU A 21 -10.81 4.89 -2.73
N ARG A 22 -9.96 4.82 -3.76
CA ARG A 22 -9.69 3.56 -4.46
C ARG A 22 -8.96 2.57 -3.56
N LEU A 23 -7.94 3.06 -2.85
CA LEU A 23 -7.15 2.23 -1.94
C LEU A 23 -8.03 1.56 -0.90
N SER A 24 -9.06 2.28 -0.44
CA SER A 24 -9.98 1.73 0.56
C SER A 24 -10.77 0.55 -0.01
N ARG A 25 -11.27 0.72 -1.24
CA ARG A 25 -12.05 -0.33 -1.91
C ARG A 25 -11.19 -1.57 -2.14
N VAL A 26 -9.96 -1.37 -2.64
CA VAL A 26 -9.05 -2.50 -2.90
C VAL A 26 -8.64 -3.20 -1.59
N ALA A 27 -8.37 -2.40 -0.55
CA ALA A 27 -7.97 -2.95 0.75
C ALA A 27 -9.05 -3.87 1.35
N LEU A 28 -10.32 -3.61 1.00
CA LEU A 28 -11.43 -4.43 1.50
C LEU A 28 -11.31 -5.87 1.01
N VAL A 29 -10.98 -6.03 -0.27
CA VAL A 29 -10.84 -7.35 -0.87
C VAL A 29 -9.42 -7.88 -0.72
N ARG A 30 -8.44 -7.07 -1.11
CA ARG A 30 -7.03 -7.45 -1.01
C ARG A 30 -6.26 -6.46 -0.14
N ARG A 31 -6.27 -6.68 1.17
CA ARG A 31 -5.56 -5.82 2.11
C ARG A 31 -4.07 -5.75 1.77
N ASP A 32 -3.53 -6.86 1.25
CA ASP A 32 -2.12 -6.92 0.88
C ASP A 32 -1.78 -5.91 -0.21
N ARG A 33 -2.70 -5.74 -1.16
CA ARG A 33 -2.50 -4.80 -2.26
C ARG A 33 -2.39 -3.37 -1.73
N ALA A 34 -3.33 -2.98 -0.88
CA ALA A 34 -3.34 -1.64 -0.28
C ALA A 34 -2.15 -1.44 0.65
N GLN A 35 -1.74 -2.51 1.33
CA GLN A 35 -0.61 -2.45 2.24
C GLN A 35 0.69 -2.16 1.50
N ALA A 36 0.90 -2.85 0.37
CA ALA A 36 2.10 -2.66 -0.43
C ALA A 36 2.17 -1.24 -1.00
N VAL A 37 1.01 -0.64 -1.28
CA VAL A 37 0.97 0.72 -1.83
C VAL A 37 1.51 1.72 -0.80
N GLU A 38 1.05 1.60 0.45
CA GLU A 38 1.48 2.50 1.52
C GLU A 38 2.95 2.29 1.85
N THR A 39 3.42 1.04 1.80
CA THR A 39 4.82 0.73 2.10
C THR A 39 5.74 1.23 1.00
N TYR A 40 5.27 1.17 -0.24
CA TYR A 40 6.04 1.62 -1.39
C TYR A 40 6.27 3.14 -1.33
N LEU A 41 5.19 3.89 -1.06
CA LEU A 41 5.26 5.34 -0.97
C LEU A 41 6.19 5.80 0.14
N LYS A 42 6.06 5.18 1.32
CA LYS A 42 6.90 5.51 2.46
C LYS A 42 8.37 5.22 2.18
N LYS A 43 8.63 4.17 1.39
CA LYS A 43 9.99 3.79 1.03
C LYS A 43 10.67 4.89 0.20
N LEU A 44 9.95 5.46 -0.75
CA LEU A 44 10.49 6.52 -1.60
C LEU A 44 10.82 7.78 -0.78
N ILE A 45 9.88 8.18 0.09
CA ILE A 45 10.07 9.36 0.93
C ILE A 45 11.14 9.13 1.98
N ALA A 46 11.13 7.94 2.59
CA ALA A 46 12.10 7.59 3.62
C ALA A 46 13.50 7.37 3.03
N THR A 47 13.55 6.77 1.85
CA THR A 47 14.83 6.50 1.18
C THR A 47 15.33 7.73 0.43
N ASN A 48 14.72 8.04 -0.72
CA ASN A 48 15.11 9.21 -1.51
C ASN A 48 14.30 9.32 -2.80
N ASN A 49 13.41 10.31 -2.84
CA ASN A 49 12.57 10.54 -4.03
C ASN A 49 11.80 11.87 -3.91
N VAL A 50 10.66 11.82 -3.22
CA VAL A 50 9.81 13.01 -3.02
C VAL A 50 9.74 13.87 -4.28
N THR A 51 9.52 13.22 -5.43
CA THR A 51 9.42 13.91 -6.71
C THR A 51 7.99 13.84 -7.28
N HIS A 52 7.09 13.13 -6.58
CA HIS A 52 5.71 13.01 -7.02
C HIS A 52 4.84 12.33 -5.95
N LYS A 53 3.52 12.37 -6.16
CA LYS A 53 2.56 11.76 -5.23
C LYS A 53 1.75 10.67 -5.93
N ILE A 54 1.17 9.76 -5.15
CA ILE A 54 0.38 8.66 -5.73
C ILE A 54 -1.05 9.11 -6.04
N THR A 55 -1.37 9.21 -7.32
CA THR A 55 -2.70 9.61 -7.77
C THR A 55 -3.54 8.39 -8.10
N GLU A 56 -4.81 8.61 -8.47
CA GLU A 56 -5.71 7.50 -8.83
C GLU A 56 -5.09 6.64 -9.93
N ALA A 57 -4.46 7.28 -10.90
CA ALA A 57 -3.83 6.58 -12.01
C ALA A 57 -2.59 5.83 -11.55
N GLU A 58 -1.80 6.45 -10.66
CA GLU A 58 -0.58 5.83 -10.14
C GLU A 58 -0.89 4.68 -9.19
N ILE A 59 -1.86 4.87 -8.30
CA ILE A 59 -2.24 3.84 -7.33
C ILE A 59 -2.76 2.58 -8.02
N VAL A 60 -3.52 2.75 -9.11
CA VAL A 60 -4.06 1.62 -9.84
C VAL A 60 -2.94 0.82 -10.52
N SER A 61 -1.97 1.56 -11.08
CA SER A 61 -0.83 0.94 -11.75
C SER A 61 0.03 0.15 -10.75
N ILE A 62 0.31 0.76 -9.59
CA ILE A 62 1.12 0.11 -8.57
C ILE A 62 0.40 -1.13 -8.03
N LEU A 63 -0.91 -1.01 -7.82
CA LEU A 63 -1.71 -2.12 -7.31
C LEU A 63 -1.64 -3.34 -8.24
N ASN A 64 -1.67 -3.08 -9.56
CA ASN A 64 -1.60 -4.15 -10.55
C ASN A 64 -0.26 -4.88 -10.48
N GLY A 65 0.81 -4.12 -10.22
CA GLY A 65 2.13 -4.71 -10.11
C GLY A 65 2.29 -5.46 -8.81
N ILE A 66 1.72 -4.90 -7.75
CA ILE A 66 1.77 -5.51 -6.42
C ILE A 66 1.19 -6.93 -6.46
N ALA A 67 0.09 -7.10 -7.20
CA ALA A 67 -0.56 -8.40 -7.32
C ALA A 67 0.34 -9.39 -8.05
N LYS A 68 0.97 -8.94 -9.14
CA LYS A 68 1.87 -9.79 -9.92
C LYS A 68 3.00 -10.35 -9.04
N GLN A 69 3.44 -9.56 -8.06
CA GLN A 69 4.52 -9.98 -7.16
C GLN A 69 4.14 -11.27 -6.41
N GLN A 70 2.86 -11.43 -6.08
CA GLN A 70 2.40 -12.62 -5.36
C GLN A 70 1.07 -13.13 -5.94
N ASN A 71 1.14 -14.19 -6.74
CA ASN A 71 -0.06 -14.78 -7.35
C ASN A 71 -0.84 -15.60 -6.32
N SER A 72 -0.20 -16.63 -5.77
CA SER A 72 -0.84 -17.49 -4.78
C SER A 72 0.15 -17.93 -3.70
N GLN A 73 0.09 -17.27 -2.54
CA GLN A 73 0.98 -17.58 -1.44
C GLN A 73 0.45 -17.02 -0.12
N ASN A 74 0.24 -17.91 0.85
CA ASN A 74 -0.28 -17.50 2.17
C ASN A 74 0.78 -17.74 3.24
N ASN A 75 1.71 -16.78 3.39
CA ASN A 75 2.77 -16.89 4.37
C ASN A 75 2.66 -15.79 5.44
N SER A 76 1.69 -15.95 6.33
CA SER A 76 1.47 -14.99 7.41
C SER A 76 0.82 -15.66 8.63
N LYS A 77 1.18 -16.92 8.86
CA LYS A 77 0.65 -17.69 9.99
C LYS A 77 1.22 -19.11 9.99
N ILE A 78 1.21 -19.75 8.82
CA ILE A 78 1.72 -21.12 8.68
C ILE A 78 3.26 -21.17 8.77
N ILE A 79 3.91 -20.01 8.76
CA ILE A 79 5.38 -19.94 8.85
C ILE A 79 5.91 -20.74 10.04
N PHE A 80 5.12 -20.81 11.12
CA PHE A 80 5.52 -21.55 12.31
C PHE A 80 5.26 -23.05 12.13
N GLU A 81 6.29 -23.77 11.69
CA GLU A 81 6.17 -25.21 11.46
C GLU A 81 7.05 -25.99 12.44
N GLY A 1 -3.61 23.20 21.01
CA GLY A 1 -3.04 22.55 19.79
C GLY A 1 -2.14 23.47 19.00
N GLU A 2 -1.07 23.97 19.63
CA GLU A 2 -0.14 24.87 18.97
C GLU A 2 0.97 24.10 18.28
N ASN A 3 1.42 23.02 18.93
CA ASN A 3 2.49 22.19 18.39
C ASN A 3 1.99 20.78 18.09
N SER A 4 1.20 20.63 17.02
CA SER A 4 0.65 19.33 16.64
C SER A 4 0.82 19.09 15.14
N ALA A 5 1.65 18.11 14.79
CA ALA A 5 1.90 17.77 13.39
C ALA A 5 1.00 16.62 12.92
N PRO A 6 0.57 16.64 11.64
CA PRO A 6 -0.30 15.61 11.07
C PRO A 6 0.28 14.20 11.21
N VAL A 7 -0.60 13.21 11.36
CA VAL A 7 -0.18 11.83 11.51
C VAL A 7 -0.96 10.92 10.54
N GLY A 8 -0.25 10.38 9.55
CA GLY A 8 -0.89 9.51 8.57
C GLY A 8 -1.30 10.27 7.31
N ALA A 9 -1.85 11.47 7.50
CA ALA A 9 -2.30 12.31 6.38
C ALA A 9 -1.13 12.70 5.46
N ALA A 10 0.08 12.83 6.04
CA ALA A 10 1.26 13.18 5.26
C ALA A 10 1.51 12.17 4.14
N ILE A 11 1.22 10.90 4.42
CA ILE A 11 1.41 9.84 3.43
C ILE A 11 0.19 9.68 2.53
N ALA A 12 -0.98 10.11 3.01
CA ALA A 12 -2.22 10.01 2.23
C ALA A 12 -2.07 10.63 0.85
N ASN A 13 -1.21 11.65 0.74
CA ASN A 13 -0.96 12.32 -0.54
C ASN A 13 -0.02 11.49 -1.42
N PHE A 14 0.85 10.70 -0.77
CA PHE A 14 1.79 9.85 -1.48
C PHE A 14 1.09 8.62 -2.07
N LEU A 15 -0.05 8.25 -1.50
CA LEU A 15 -0.82 7.09 -1.97
C LEU A 15 -1.68 7.42 -3.20
N GLU A 16 -1.66 8.69 -3.63
CA GLU A 16 -2.44 9.16 -4.77
C GLU A 16 -3.93 9.19 -4.45
N PRO A 17 -4.58 10.35 -4.63
CA PRO A 17 -6.02 10.51 -4.36
C PRO A 17 -6.87 9.47 -5.08
N GLN A 18 -6.46 9.11 -6.29
CA GLN A 18 -7.18 8.11 -7.08
C GLN A 18 -7.03 6.73 -6.49
N ALA A 19 -5.81 6.37 -6.10
CA ALA A 19 -5.54 5.06 -5.49
C ALA A 19 -6.28 4.92 -4.15
N LEU A 20 -6.34 6.02 -3.39
CA LEU A 20 -7.02 6.02 -2.10
C LEU A 20 -8.51 5.70 -2.27
N GLU A 21 -9.11 6.23 -3.34
CA GLU A 21 -10.52 5.99 -3.61
C GLU A 21 -10.81 4.49 -3.77
N ARG A 22 -9.98 3.81 -4.56
CA ARG A 22 -10.14 2.37 -4.79
C ARG A 22 -9.77 1.58 -3.53
N LEU A 23 -8.76 2.05 -2.80
CA LEU A 23 -8.32 1.38 -1.58
C LEU A 23 -9.46 1.23 -0.59
N SER A 24 -10.36 2.22 -0.54
CA SER A 24 -11.51 2.18 0.36
C SER A 24 -12.45 1.05 -0.03
N ARG A 25 -12.62 0.84 -1.35
CA ARG A 25 -13.49 -0.22 -1.85
C ARG A 25 -12.94 -1.60 -1.48
N VAL A 26 -11.65 -1.80 -1.66
CA VAL A 26 -11.01 -3.09 -1.33
C VAL A 26 -10.99 -3.33 0.18
N ALA A 27 -10.71 -2.28 0.95
CA ALA A 27 -10.68 -2.38 2.41
C ALA A 27 -12.02 -2.85 2.98
N LEU A 28 -13.10 -2.51 2.29
CA LEU A 28 -14.45 -2.92 2.72
C LEU A 28 -14.61 -4.43 2.69
N VAL A 29 -13.96 -5.07 1.72
CA VAL A 29 -14.02 -6.51 1.57
C VAL A 29 -12.90 -7.20 2.34
N ARG A 30 -11.66 -6.78 2.07
CA ARG A 30 -10.50 -7.34 2.75
C ARG A 30 -9.57 -6.23 3.23
N ARG A 31 -9.77 -5.79 4.47
CA ARG A 31 -8.95 -4.74 5.06
C ARG A 31 -7.48 -5.14 5.10
N ASP A 32 -7.22 -6.45 5.24
CA ASP A 32 -5.84 -6.96 5.29
C ASP A 32 -5.05 -6.53 4.05
N ARG A 33 -5.69 -6.58 2.89
CA ARG A 33 -5.06 -6.20 1.64
C ARG A 33 -4.67 -4.72 1.66
N ALA A 34 -5.61 -3.87 2.03
CA ALA A 34 -5.37 -2.42 2.09
C ALA A 34 -4.36 -2.07 3.18
N GLN A 35 -4.39 -2.83 4.29
CA GLN A 35 -3.47 -2.61 5.40
C GLN A 35 -2.02 -2.84 4.96
N ALA A 36 -1.82 -3.88 4.16
CA ALA A 36 -0.48 -4.21 3.67
C ALA A 36 0.02 -3.15 2.69
N VAL A 37 -0.89 -2.55 1.92
CA VAL A 37 -0.53 -1.51 0.95
C VAL A 37 -0.02 -0.26 1.67
N GLU A 38 -0.78 0.20 2.67
CA GLU A 38 -0.40 1.40 3.43
C GLU A 38 0.86 1.13 4.26
N THR A 39 0.93 -0.06 4.85
CA THR A 39 2.09 -0.45 5.66
C THR A 39 3.34 -0.58 4.80
N TYR A 40 3.18 -1.05 3.57
CA TYR A 40 4.29 -1.22 2.65
C TYR A 40 4.89 0.14 2.25
N LEU A 41 4.01 1.07 1.88
CA LEU A 41 4.46 2.41 1.47
C LEU A 41 5.14 3.15 2.62
N LYS A 42 4.54 3.11 3.81
CA LYS A 42 5.11 3.79 4.98
C LYS A 42 6.50 3.25 5.31
N LYS A 43 6.71 1.95 5.08
CA LYS A 43 7.99 1.32 5.34
C LYS A 43 9.08 1.93 4.44
N LEU A 44 8.77 2.07 3.16
CA LEU A 44 9.71 2.65 2.20
C LEU A 44 10.02 4.11 2.56
N ILE A 45 8.97 4.86 2.91
CA ILE A 45 9.13 6.27 3.29
C ILE A 45 9.97 6.40 4.56
N ALA A 46 9.70 5.53 5.54
CA ALA A 46 10.43 5.56 6.80
C ALA A 46 11.90 5.22 6.60
N THR A 47 12.19 4.31 5.67
CA THR A 47 13.57 3.91 5.39
C THR A 47 14.31 5.02 4.63
N ASN A 48 13.81 5.36 3.45
CA ASN A 48 14.41 6.42 2.63
C ASN A 48 13.66 6.64 1.32
N ASN A 49 13.03 5.59 0.78
CA ASN A 49 12.29 5.68 -0.47
C ASN A 49 11.10 6.63 -0.34
N VAL A 50 11.32 7.87 -0.77
CA VAL A 50 10.30 8.90 -0.72
C VAL A 50 10.31 9.75 -2.00
N THR A 51 10.63 9.12 -3.12
CA THR A 51 10.69 9.80 -4.41
C THR A 51 9.82 9.09 -5.45
N HIS A 52 8.70 8.52 -4.99
CA HIS A 52 7.79 7.79 -5.87
C HIS A 52 6.37 7.73 -5.28
N LYS A 53 5.42 7.26 -6.08
CA LYS A 53 4.03 7.13 -5.62
C LYS A 53 3.51 5.73 -5.91
N ILE A 54 2.49 5.32 -5.16
CA ILE A 54 1.90 3.99 -5.34
C ILE A 54 1.12 3.91 -6.66
N THR A 55 0.37 4.97 -6.97
CA THR A 55 -0.44 5.03 -8.20
C THR A 55 -1.48 3.91 -8.24
N GLU A 56 -2.54 4.12 -9.02
CA GLU A 56 -3.60 3.13 -9.15
C GLU A 56 -3.10 1.84 -9.80
N ALA A 57 -2.12 1.96 -10.70
CA ALA A 57 -1.57 0.79 -11.39
C ALA A 57 -0.75 -0.10 -10.46
N GLU A 58 0.13 0.51 -9.66
CA GLU A 58 0.98 -0.25 -8.73
C GLU A 58 0.19 -0.75 -7.52
N ILE A 59 -0.77 0.04 -7.05
CA ILE A 59 -1.57 -0.35 -5.89
C ILE A 59 -2.39 -1.61 -6.19
N VAL A 60 -2.90 -1.72 -7.42
CA VAL A 60 -3.67 -2.89 -7.83
C VAL A 60 -2.81 -4.16 -7.81
N SER A 61 -1.59 -4.04 -8.35
CA SER A 61 -0.67 -5.18 -8.39
C SER A 61 -0.23 -5.57 -6.98
N ILE A 62 0.08 -4.58 -6.14
CA ILE A 62 0.49 -4.85 -4.76
C ILE A 62 -0.64 -5.53 -3.99
N LEU A 63 -1.85 -4.99 -4.13
CA LEU A 63 -3.02 -5.56 -3.46
C LEU A 63 -3.24 -7.00 -3.89
N ASN A 64 -3.07 -7.28 -5.18
CA ASN A 64 -3.24 -8.63 -5.73
C ASN A 64 -2.16 -9.57 -5.18
N GLY A 65 -0.95 -9.05 -4.99
CA GLY A 65 0.13 -9.86 -4.47
C GLY A 65 -0.03 -10.10 -2.98
N ILE A 66 -0.53 -9.09 -2.28
CA ILE A 66 -0.76 -9.18 -0.84
C ILE A 66 -1.68 -10.36 -0.51
N ALA A 67 -2.70 -10.57 -1.34
CA ALA A 67 -3.64 -11.67 -1.14
C ALA A 67 -3.00 -13.01 -1.52
N LYS A 68 -2.13 -12.98 -2.53
CA LYS A 68 -1.44 -14.18 -2.98
C LYS A 68 -0.43 -14.68 -1.94
N GLN A 69 0.35 -13.76 -1.38
CA GLN A 69 1.35 -14.10 -0.37
C GLN A 69 0.71 -14.79 0.84
N GLN A 70 -0.57 -14.48 1.10
CA GLN A 70 -1.30 -15.08 2.22
C GLN A 70 -1.25 -16.61 2.14
N ASN A 71 -1.26 -17.15 0.92
CA ASN A 71 -1.20 -18.59 0.71
C ASN A 71 0.00 -18.98 -0.16
N SER A 72 1.09 -18.22 -0.05
CA SER A 72 2.31 -18.49 -0.82
C SER A 72 3.55 -17.92 -0.13
N GLN A 73 4.67 -18.63 -0.25
CA GLN A 73 5.93 -18.19 0.35
C GLN A 73 6.54 -17.03 -0.44
N ASN A 74 7.02 -17.33 -1.65
CA ASN A 74 7.62 -16.31 -2.52
C ASN A 74 8.09 -16.94 -3.83
N ASN A 75 8.90 -18.01 -3.72
CA ASN A 75 9.43 -18.72 -4.89
C ASN A 75 10.45 -17.87 -5.66
N SER A 76 11.41 -18.54 -6.28
CA SER A 76 12.45 -17.86 -7.07
C SER A 76 12.15 -17.93 -8.56
N LYS A 77 11.75 -19.11 -9.04
CA LYS A 77 11.43 -19.29 -10.46
C LYS A 77 10.04 -19.93 -10.63
N ILE A 78 9.21 -19.82 -9.58
CA ILE A 78 7.85 -20.38 -9.62
C ILE A 78 6.81 -19.28 -9.34
N ILE A 79 7.11 -18.06 -9.81
CA ILE A 79 6.19 -16.93 -9.63
C ILE A 79 5.40 -16.64 -10.91
N PHE A 80 5.72 -17.35 -11.99
CA PHE A 80 5.04 -17.18 -13.28
C PHE A 80 3.54 -17.44 -13.15
N GLU A 81 3.19 -18.55 -12.51
CA GLU A 81 1.78 -18.92 -12.31
C GLU A 81 1.17 -18.16 -11.13
N GLY A 1 1.47 15.27 25.58
CA GLY A 1 1.89 15.01 24.17
C GLY A 1 2.44 16.25 23.49
N GLU A 2 3.74 16.45 23.59
CA GLU A 2 4.40 17.61 22.98
C GLU A 2 5.16 17.22 21.71
N ASN A 3 5.82 16.05 21.76
CA ASN A 3 6.59 15.57 20.62
C ASN A 3 5.86 14.42 19.91
N SER A 4 5.22 14.73 18.78
CA SER A 4 4.49 13.74 18.00
C SER A 4 4.43 14.12 16.53
N ALA A 5 3.99 13.18 15.69
CA ALA A 5 3.88 13.40 14.26
C ALA A 5 2.63 12.74 13.70
N PRO A 6 1.56 13.54 13.46
CA PRO A 6 0.28 13.03 12.93
C PRO A 6 0.46 12.19 11.67
N VAL A 7 0.55 10.86 11.85
CA VAL A 7 0.73 9.93 10.75
C VAL A 7 -0.53 9.88 9.87
N GLY A 8 -0.39 9.27 8.69
CA GLY A 8 -1.52 9.17 7.77
C GLY A 8 -1.63 10.39 6.88
N ALA A 9 -1.75 11.56 7.51
CA ALA A 9 -1.85 12.82 6.76
C ALA A 9 -0.60 13.06 5.91
N ALA A 10 0.56 12.67 6.44
CA ALA A 10 1.83 12.83 5.73
C ALA A 10 1.82 12.05 4.43
N ILE A 11 1.24 10.84 4.45
CA ILE A 11 1.17 9.99 3.26
C ILE A 11 -0.08 10.30 2.43
N ALA A 12 -1.12 10.86 3.06
CA ALA A 12 -2.36 11.20 2.37
C ALA A 12 -2.10 12.15 1.19
N ASN A 13 -1.05 12.98 1.31
CA ASN A 13 -0.71 13.93 0.26
C ASN A 13 0.05 13.23 -0.88
N PHE A 14 0.77 12.16 -0.52
CA PHE A 14 1.55 11.39 -1.50
C PHE A 14 0.61 10.68 -2.50
N LEU A 15 -0.57 10.29 -2.03
CA LEU A 15 -1.54 9.60 -2.87
C LEU A 15 -2.41 10.61 -3.63
N GLU A 16 -2.79 10.26 -4.86
CA GLU A 16 -3.63 11.13 -5.68
C GLU A 16 -5.09 11.04 -5.25
N PRO A 17 -5.88 12.11 -5.50
CA PRO A 17 -7.31 12.15 -5.14
C PRO A 17 -8.10 11.03 -5.82
N GLN A 18 -7.80 10.78 -7.10
CA GLN A 18 -8.48 9.73 -7.85
C GLN A 18 -8.11 8.35 -7.31
N ALA A 19 -6.81 8.16 -7.05
CA ALA A 19 -6.33 6.88 -6.52
C ALA A 19 -6.89 6.61 -5.13
N LEU A 20 -7.00 7.65 -4.31
CA LEU A 20 -7.53 7.53 -2.96
C LEU A 20 -8.96 7.01 -2.98
N GLU A 21 -9.77 7.51 -3.93
CA GLU A 21 -11.16 7.08 -4.07
C GLU A 21 -11.25 5.59 -4.35
N ARG A 22 -10.34 5.09 -5.20
CA ARG A 22 -10.31 3.67 -5.55
C ARG A 22 -9.98 2.80 -4.34
N LEU A 23 -8.95 3.21 -3.59
CA LEU A 23 -8.53 2.48 -2.39
C LEU A 23 -9.68 2.34 -1.39
N SER A 24 -10.51 3.40 -1.29
CA SER A 24 -11.65 3.39 -0.37
C SER A 24 -12.67 2.34 -0.80
N ARG A 25 -12.89 2.22 -2.11
CA ARG A 25 -13.85 1.25 -2.65
C ARG A 25 -13.39 -0.18 -2.39
N VAL A 26 -12.10 -0.46 -2.64
CA VAL A 26 -11.55 -1.78 -2.42
C VAL A 26 -11.49 -2.13 -0.93
N ALA A 27 -11.13 -1.15 -0.10
CA ALA A 27 -11.06 -1.35 1.35
C ALA A 27 -12.40 -1.78 1.94
N LEU A 28 -13.50 -1.33 1.32
CA LEU A 28 -14.85 -1.66 1.77
C LEU A 28 -15.11 -3.17 1.63
N VAL A 29 -14.55 -3.77 0.58
CA VAL A 29 -14.73 -5.19 0.33
C VAL A 29 -13.58 -5.99 0.96
N ARG A 30 -12.35 -5.57 0.71
CA ARG A 30 -11.17 -6.24 1.25
C ARG A 30 -10.18 -5.22 1.83
N ARG A 31 -10.36 -4.91 3.12
CA ARG A 31 -9.49 -3.95 3.79
C ARG A 31 -8.03 -4.41 3.79
N ASP A 32 -7.82 -5.72 3.82
CA ASP A 32 -6.47 -6.30 3.82
C ASP A 32 -5.64 -5.81 2.63
N ARG A 33 -6.27 -5.76 1.45
CA ARG A 33 -5.59 -5.30 0.25
C ARG A 33 -5.23 -3.82 0.36
N ALA A 34 -6.21 -3.00 0.76
CA ALA A 34 -6.00 -1.56 0.90
C ALA A 34 -4.95 -1.22 1.95
N GLN A 35 -4.95 -1.96 3.07
CA GLN A 35 -3.99 -1.71 4.14
C GLN A 35 -2.56 -2.01 3.68
N ALA A 36 -2.40 -3.08 2.90
CA ALA A 36 -1.09 -3.46 2.38
C ALA A 36 -0.53 -2.36 1.48
N VAL A 37 -1.40 -1.69 0.72
CA VAL A 37 -0.98 -0.62 -0.17
C VAL A 37 -0.49 0.58 0.63
N GLU A 38 -1.28 1.00 1.63
CA GLU A 38 -0.92 2.14 2.47
C GLU A 38 0.29 1.83 3.34
N THR A 39 0.30 0.63 3.94
CA THR A 39 1.40 0.20 4.79
C THR A 39 2.69 0.05 3.96
N TYR A 40 2.53 -0.36 2.70
CA TYR A 40 3.67 -0.52 1.80
C TYR A 40 4.33 0.82 1.50
N LEU A 41 3.51 1.81 1.17
CA LEU A 41 4.01 3.16 0.85
C LEU A 41 4.68 3.80 2.07
N LYS A 42 4.03 3.72 3.23
CA LYS A 42 4.58 4.30 4.45
C LYS A 42 5.92 3.65 4.82
N LYS A 43 6.06 2.35 4.54
CA LYS A 43 7.29 1.62 4.83
C LYS A 43 8.45 2.18 3.99
N LEU A 44 8.19 2.42 2.71
CA LEU A 44 9.21 2.95 1.80
C LEU A 44 9.60 4.38 2.19
N ILE A 45 8.59 5.22 2.44
CA ILE A 45 8.85 6.61 2.82
C ILE A 45 9.61 6.67 4.15
N ALA A 46 9.23 5.82 5.10
CA ALA A 46 9.88 5.78 6.41
C ALA A 46 11.29 5.19 6.30
N THR A 47 11.49 4.26 5.36
CA THR A 47 12.80 3.63 5.17
C THR A 47 13.72 4.54 4.35
N ASN A 48 13.55 4.55 3.03
CA ASN A 48 14.37 5.37 2.14
C ASN A 48 13.94 5.21 0.67
N ASN A 49 12.62 5.10 0.45
CA ASN A 49 12.09 4.94 -0.91
C ASN A 49 11.04 6.00 -1.20
N VAL A 50 11.33 7.23 -0.81
CA VAL A 50 10.42 8.35 -1.04
C VAL A 50 10.40 8.71 -2.52
N THR A 51 9.48 9.61 -2.90
CA THR A 51 9.34 10.05 -4.29
C THR A 51 8.70 8.95 -5.17
N HIS A 52 7.90 8.09 -4.55
CA HIS A 52 7.22 7.01 -5.29
C HIS A 52 5.90 7.49 -5.86
N LYS A 53 4.98 7.87 -4.98
CA LYS A 53 3.66 8.36 -5.37
C LYS A 53 2.82 7.25 -6.01
N ILE A 54 1.72 6.87 -5.35
CA ILE A 54 0.85 5.81 -5.85
C ILE A 54 -0.33 6.41 -6.61
N THR A 55 -0.35 6.19 -7.93
CA THR A 55 -1.43 6.68 -8.79
C THR A 55 -2.52 5.62 -8.93
N GLU A 56 -3.61 5.99 -9.62
CA GLU A 56 -4.73 5.05 -9.84
C GLU A 56 -4.22 3.76 -10.50
N ALA A 57 -3.32 3.89 -11.47
CA ALA A 57 -2.77 2.74 -12.17
C ALA A 57 -1.84 1.94 -11.25
N GLU A 58 -1.06 2.65 -10.44
CA GLU A 58 -0.11 2.01 -9.52
C GLU A 58 -0.84 1.28 -8.39
N ILE A 59 -1.87 1.90 -7.83
CA ILE A 59 -2.63 1.30 -6.73
C ILE A 59 -3.32 0.00 -7.16
N VAL A 60 -3.81 -0.03 -8.40
CA VAL A 60 -4.47 -1.24 -8.91
C VAL A 60 -3.47 -2.40 -8.99
N SER A 61 -2.26 -2.10 -9.47
CA SER A 61 -1.20 -3.10 -9.57
C SER A 61 -0.82 -3.64 -8.20
N ILE A 62 -0.67 -2.75 -7.22
CA ILE A 62 -0.31 -3.16 -5.86
C ILE A 62 -1.39 -4.06 -5.26
N LEU A 63 -2.66 -3.64 -5.39
CA LEU A 63 -3.79 -4.40 -4.89
C LEU A 63 -3.83 -5.79 -5.53
N ASN A 64 -3.58 -5.85 -6.84
CA ASN A 64 -3.59 -7.11 -7.58
C ASN A 64 -2.48 -8.04 -7.08
N GLY A 65 -1.32 -7.47 -6.75
CA GLY A 65 -0.21 -8.27 -6.26
C GLY A 65 -0.46 -8.72 -4.83
N ILE A 66 -0.98 -7.81 -4.01
CA ILE A 66 -1.30 -8.10 -2.63
C ILE A 66 -2.23 -9.31 -2.51
N ALA A 67 -3.20 -9.39 -3.44
CA ALA A 67 -4.15 -10.49 -3.45
C ALA A 67 -3.45 -11.82 -3.77
N LYS A 68 -2.57 -11.79 -4.79
CA LYS A 68 -1.83 -12.99 -5.20
C LYS A 68 -1.01 -13.55 -4.03
N GLN A 69 -0.48 -12.65 -3.20
CA GLN A 69 0.33 -13.05 -2.04
C GLN A 69 -0.47 -13.94 -1.09
N GLN A 70 -1.76 -13.61 -0.90
CA GLN A 70 -2.64 -14.38 -0.02
C GLN A 70 -3.48 -15.36 -0.82
N ASN A 71 -2.82 -16.36 -1.42
CA ASN A 71 -3.50 -17.37 -2.22
C ASN A 71 -2.83 -18.74 -2.04
N SER A 72 -2.38 -19.03 -0.82
CA SER A 72 -1.72 -20.29 -0.49
C SER A 72 -0.62 -20.66 -1.50
N GLN A 73 0.23 -19.68 -1.82
CA GLN A 73 1.33 -19.90 -2.76
C GLN A 73 2.43 -20.78 -2.15
N ASN A 74 3.14 -21.51 -3.01
CA ASN A 74 4.22 -22.40 -2.57
C ASN A 74 5.56 -21.66 -2.50
N ASN A 75 5.66 -20.70 -1.57
CA ASN A 75 6.88 -19.90 -1.38
C ASN A 75 7.15 -18.98 -2.59
N SER A 76 7.85 -17.88 -2.34
CA SER A 76 8.19 -16.92 -3.38
C SER A 76 9.70 -16.76 -3.51
N LYS A 77 10.26 -17.24 -4.63
CA LYS A 77 11.70 -17.17 -4.88
C LYS A 77 12.49 -17.98 -3.83
N ILE A 78 11.84 -19.01 -3.26
CA ILE A 78 12.46 -19.87 -2.27
C ILE A 78 12.08 -21.34 -2.50
N ILE A 79 11.96 -21.72 -3.78
CA ILE A 79 11.60 -23.10 -4.14
C ILE A 79 12.77 -23.79 -4.83
N PHE A 80 13.99 -23.31 -4.57
CA PHE A 80 15.20 -23.88 -5.16
C PHE A 80 15.79 -24.95 -4.25
N GLU A 81 15.89 -24.63 -2.95
CA GLU A 81 16.43 -25.56 -1.96
C GLU A 81 17.92 -25.89 -2.23
#